data_6VZ6
# 
_entry.id   6VZ6 
# 
_audit_conform.dict_name       mmcif_pdbx.dic 
_audit_conform.dict_version    5.380 
_audit_conform.dict_location   http://mmcif.pdb.org/dictionaries/ascii/mmcif_pdbx.dic 
# 
loop_
_database_2.database_id 
_database_2.database_code 
_database_2.pdbx_database_accession 
_database_2.pdbx_DOI 
PDB   6VZ6         pdb_00006vz6 10.2210/pdb6vz6/pdb 
WWPDB D_1000246439 ?            ?                   
# 
_pdbx_database_status.status_code                     REL 
_pdbx_database_status.status_code_sf                  REL 
_pdbx_database_status.status_code_mr                  ? 
_pdbx_database_status.entry_id                        6VZ6 
_pdbx_database_status.recvd_initial_deposition_date   2020-02-27 
_pdbx_database_status.SG_entry                        N 
_pdbx_database_status.deposit_site                    RCSB 
_pdbx_database_status.process_site                    RCSB 
_pdbx_database_status.status_code_cs                  ? 
_pdbx_database_status.status_code_nmr_data            ? 
_pdbx_database_status.methods_development_category    ? 
_pdbx_database_status.pdb_format_compatible           Y 
# 
loop_
_audit_author.name 
_audit_author.pdbx_ordinal 
_audit_author.identifier_ORCID 
'Teakel, S.L.'  1 0000-0002-7322-8677 
'Forwood, J.K.' 2 0000-0003-3267-9997 
'Aragao, D.'    3 0000-0002-6551-4657 
'Cahill, M.A.'  4 0000-0002-8593-8844 
'Marama, M.'    5 0000-0002-7414-6470 
# 
_citation.abstract                  ? 
_citation.abstract_id_CAS           ? 
_citation.book_id_ISBN              ? 
_citation.book_publisher            ? 
_citation.book_publisher_city       ? 
_citation.book_title                ? 
_citation.coordinate_linkage        ? 
_citation.country                   ? 
_citation.database_id_Medline       ? 
_citation.details                   ? 
_citation.id                        primary 
_citation.journal_abbrev            'To Be Published' 
_citation.journal_id_ASTM           ? 
_citation.journal_id_CSD            0353 
_citation.journal_id_ISSN           ? 
_citation.journal_full              ? 
_citation.journal_issue             ? 
_citation.journal_volume            ? 
_citation.language                  ? 
_citation.page_first                ? 
_citation.page_last                 ? 
_citation.title                     'Methanococcoides burtonii cytochrome b5 domain protein (WP 011499504.1)' 
_citation.year                      ? 
_citation.database_id_CSD           ? 
_citation.pdbx_database_id_DOI      ? 
_citation.pdbx_database_id_PubMed   ? 
_citation.unpublished_flag          ? 
# 
loop_
_citation_author.citation_id 
_citation_author.name 
_citation_author.ordinal 
_citation_author.identifier_ORCID 
primary 'Teakel, S.L.'  1 0000-0002-7322-8677 
primary 'Forwood, J.K.' 2 0000-0003-3267-9997 
primary 'Aragao, D.'    3 0000-0002-6551-4657 
primary 'Cahill, M.A.'  4 0000-0002-8593-8844 
primary 'Marama, M.'    5 0000-0002-7414-6470 
# 
_cell.angle_alpha                  90.000 
_cell.angle_alpha_esd              ? 
_cell.angle_beta                   90.000 
_cell.angle_beta_esd               ? 
_cell.angle_gamma                  90.000 
_cell.angle_gamma_esd              ? 
_cell.entry_id                     6VZ6 
_cell.details                      ? 
_cell.formula_units_Z              ? 
_cell.length_a                     67.495 
_cell.length_a_esd                 ? 
_cell.length_b                     67.495 
_cell.length_b_esd                 ? 
_cell.length_c                     48.132 
_cell.length_c_esd                 ? 
_cell.volume                       219270.431 
_cell.volume_esd                   ? 
_cell.Z_PDB                        8 
_cell.reciprocal_angle_alpha       ? 
_cell.reciprocal_angle_beta        ? 
_cell.reciprocal_angle_gamma       ? 
_cell.reciprocal_angle_alpha_esd   ? 
_cell.reciprocal_angle_beta_esd    ? 
_cell.reciprocal_angle_gamma_esd   ? 
_cell.reciprocal_length_a          ? 
_cell.reciprocal_length_b          ? 
_cell.reciprocal_length_c          ? 
_cell.reciprocal_length_a_esd      ? 
_cell.reciprocal_length_b_esd      ? 
_cell.reciprocal_length_c_esd      ? 
_cell.pdbx_unique_axis             ? 
# 
_symmetry.entry_id                         6VZ6 
_symmetry.cell_setting                     ? 
_symmetry.Int_Tables_number                91 
_symmetry.space_group_name_Hall            'P 4w 2c' 
_symmetry.space_group_name_H-M             'P 41 2 2' 
_symmetry.pdbx_full_space_group_name_H-M   ? 
# 
loop_
_entity.id 
_entity.type 
_entity.src_method 
_entity.pdbx_description 
_entity.formula_weight 
_entity.pdbx_number_of_molecules 
_entity.pdbx_ec 
_entity.pdbx_mutation 
_entity.pdbx_fragment 
_entity.details 
1 polymer     man 'Cytochrome b5-domain protein'    8766.481 1  ? ? ? ? 
2 non-polymer syn 'PROTOPORPHYRIN IX CONTAINING FE' 616.487  1  ? ? ? ? 
3 water       nat water                             18.015   66 ? ? ? ? 
# 
_entity_poly.entity_id                      1 
_entity_poly.type                           'polypeptide(L)' 
_entity_poly.nstd_linkage                   no 
_entity_poly.nstd_monomer                   no 
_entity_poly.pdbx_seq_one_letter_code       AMEEFTTEELAKYNGKDGEKCYFAYKGKVYDVTESMLWEDGDHQGMHEGGIDLTADHEDAPHDDDVLEDFPVVGTLKA 
_entity_poly.pdbx_seq_one_letter_code_can   AMEEFTTEELAKYNGKDGEKCYFAYKGKVYDVTESMLWEDGDHQGMHEGGIDLTADHEDAPHDDDVLEDFPVVGTLKA 
_entity_poly.pdbx_strand_id                 A 
_entity_poly.pdbx_target_identifier         ? 
# 
loop_
_entity_poly_seq.entity_id 
_entity_poly_seq.num 
_entity_poly_seq.mon_id 
_entity_poly_seq.hetero 
1 1  ALA n 
1 2  MET n 
1 3  GLU n 
1 4  GLU n 
1 5  PHE n 
1 6  THR n 
1 7  THR n 
1 8  GLU n 
1 9  GLU n 
1 10 LEU n 
1 11 ALA n 
1 12 LYS n 
1 13 TYR n 
1 14 ASN n 
1 15 GLY n 
1 16 LYS n 
1 17 ASP n 
1 18 GLY n 
1 19 GLU n 
1 20 LYS n 
1 21 CYS n 
1 22 TYR n 
1 23 PHE n 
1 24 ALA n 
1 25 TYR n 
1 26 LYS n 
1 27 GLY n 
1 28 LYS n 
1 29 VAL n 
1 30 TYR n 
1 31 ASP n 
1 32 VAL n 
1 33 THR n 
1 34 GLU n 
1 35 SER n 
1 36 MET n 
1 37 LEU n 
1 38 TRP n 
1 39 GLU n 
1 40 ASP n 
1 41 GLY n 
1 42 ASP n 
1 43 HIS n 
1 44 GLN n 
1 45 GLY n 
1 46 MET n 
1 47 HIS n 
1 48 GLU n 
1 49 GLY n 
1 50 GLY n 
1 51 ILE n 
1 52 ASP n 
1 53 LEU n 
1 54 THR n 
1 55 ALA n 
1 56 ASP n 
1 57 HIS n 
1 58 GLU n 
1 59 ASP n 
1 60 ALA n 
1 61 PRO n 
1 62 HIS n 
1 63 ASP n 
1 64 ASP n 
1 65 ASP n 
1 66 VAL n 
1 67 LEU n 
1 68 GLU n 
1 69 ASP n 
1 70 PHE n 
1 71 PRO n 
1 72 VAL n 
1 73 VAL n 
1 74 GLY n 
1 75 THR n 
1 76 LEU n 
1 77 LYS n 
1 78 ALA n 
# 
_entity_src_gen.entity_id                          1 
_entity_src_gen.pdbx_src_id                        1 
_entity_src_gen.pdbx_alt_source_flag               sample 
_entity_src_gen.pdbx_seq_type                      'Biological sequence' 
_entity_src_gen.pdbx_beg_seq_num                   1 
_entity_src_gen.pdbx_end_seq_num                   78 
_entity_src_gen.gene_src_common_name               ? 
_entity_src_gen.gene_src_genus                     ? 
_entity_src_gen.pdbx_gene_src_gene                 ? 
_entity_src_gen.gene_src_species                   ? 
_entity_src_gen.gene_src_strain                    ? 
_entity_src_gen.gene_src_tissue                    ? 
_entity_src_gen.gene_src_tissue_fraction           ? 
_entity_src_gen.gene_src_details                   ? 
_entity_src_gen.pdbx_gene_src_fragment             ? 
_entity_src_gen.pdbx_gene_src_scientific_name      'Methanococcoides burtonii' 
_entity_src_gen.pdbx_gene_src_ncbi_taxonomy_id     29291 
_entity_src_gen.pdbx_gene_src_variant              ? 
_entity_src_gen.pdbx_gene_src_cell_line            ? 
_entity_src_gen.pdbx_gene_src_atcc                 ? 
_entity_src_gen.pdbx_gene_src_organ                ? 
_entity_src_gen.pdbx_gene_src_organelle            ? 
_entity_src_gen.pdbx_gene_src_cell                 ? 
_entity_src_gen.pdbx_gene_src_cellular_location    ? 
_entity_src_gen.host_org_common_name               ? 
_entity_src_gen.pdbx_host_org_scientific_name      'Escherichia coli' 
_entity_src_gen.pdbx_host_org_ncbi_taxonomy_id     562 
_entity_src_gen.host_org_genus                     ? 
_entity_src_gen.pdbx_host_org_gene                 ? 
_entity_src_gen.pdbx_host_org_organ                ? 
_entity_src_gen.host_org_species                   ? 
_entity_src_gen.pdbx_host_org_tissue               ? 
_entity_src_gen.pdbx_host_org_tissue_fraction      ? 
_entity_src_gen.pdbx_host_org_strain               ? 
_entity_src_gen.pdbx_host_org_variant              ? 
_entity_src_gen.pdbx_host_org_cell_line            ? 
_entity_src_gen.pdbx_host_org_atcc                 ? 
_entity_src_gen.pdbx_host_org_culture_collection   ? 
_entity_src_gen.pdbx_host_org_cell                 ? 
_entity_src_gen.pdbx_host_org_organelle            ? 
_entity_src_gen.pdbx_host_org_cellular_location    ? 
_entity_src_gen.pdbx_host_org_vector_type          ? 
_entity_src_gen.pdbx_host_org_vector               ? 
_entity_src_gen.host_org_details                   ? 
_entity_src_gen.expression_system_id               ? 
_entity_src_gen.plasmid_name                       ? 
_entity_src_gen.plasmid_details                    ? 
_entity_src_gen.pdbx_description                   ? 
# 
_struct_ref.id                         1 
_struct_ref.db_name                    UNP 
_struct_ref.db_code                    Q12W16_METBU 
_struct_ref.pdbx_db_accession          Q12W16 
_struct_ref.pdbx_db_isoform            ? 
_struct_ref.entity_id                  1 
_struct_ref.pdbx_seq_one_letter_code   MEEFTTEELAKYNGKDGEKCYFAYKGKVYDVTESMLWEDGDHQGMHEGGIDLTADHEDAPHDDDVLEDFPVVGTLKA 
_struct_ref.pdbx_align_begin           1 
# 
_struct_ref_seq.align_id                      1 
_struct_ref_seq.ref_id                        1 
_struct_ref_seq.pdbx_PDB_id_code              6VZ6 
_struct_ref_seq.pdbx_strand_id                A 
_struct_ref_seq.seq_align_beg                 2 
_struct_ref_seq.pdbx_seq_align_beg_ins_code   ? 
_struct_ref_seq.seq_align_end                 78 
_struct_ref_seq.pdbx_seq_align_end_ins_code   ? 
_struct_ref_seq.pdbx_db_accession             Q12W16 
_struct_ref_seq.db_align_beg                  1 
_struct_ref_seq.pdbx_db_align_beg_ins_code    ? 
_struct_ref_seq.db_align_end                  77 
_struct_ref_seq.pdbx_db_align_end_ins_code    ? 
_struct_ref_seq.pdbx_auth_seq_align_beg       1 
_struct_ref_seq.pdbx_auth_seq_align_end       77 
# 
_struct_ref_seq_dif.align_id                     1 
_struct_ref_seq_dif.pdbx_pdb_id_code             6VZ6 
_struct_ref_seq_dif.mon_id                       ALA 
_struct_ref_seq_dif.pdbx_pdb_strand_id           A 
_struct_ref_seq_dif.seq_num                      1 
_struct_ref_seq_dif.pdbx_pdb_ins_code            ? 
_struct_ref_seq_dif.pdbx_seq_db_name             UNP 
_struct_ref_seq_dif.pdbx_seq_db_accession_code   Q12W16 
_struct_ref_seq_dif.db_mon_id                    ? 
_struct_ref_seq_dif.pdbx_seq_db_seq_num          ? 
_struct_ref_seq_dif.details                      'expression tag' 
_struct_ref_seq_dif.pdbx_auth_seq_num            0 
_struct_ref_seq_dif.pdbx_ordinal                 1 
# 
loop_
_chem_comp.id 
_chem_comp.type 
_chem_comp.mon_nstd_flag 
_chem_comp.name 
_chem_comp.pdbx_synonyms 
_chem_comp.formula 
_chem_comp.formula_weight 
ALA 'L-peptide linking' y ALANINE                           ?    'C3 H7 N O2'       89.093  
ASN 'L-peptide linking' y ASPARAGINE                        ?    'C4 H8 N2 O3'      132.118 
ASP 'L-peptide linking' y 'ASPARTIC ACID'                   ?    'C4 H7 N O4'       133.103 
CYS 'L-peptide linking' y CYSTEINE                          ?    'C3 H7 N O2 S'     121.158 
GLN 'L-peptide linking' y GLUTAMINE                         ?    'C5 H10 N2 O3'     146.144 
GLU 'L-peptide linking' y 'GLUTAMIC ACID'                   ?    'C5 H9 N O4'       147.129 
GLY 'peptide linking'   y GLYCINE                           ?    'C2 H5 N O2'       75.067  
HEM non-polymer         . 'PROTOPORPHYRIN IX CONTAINING FE' HEME 'C34 H32 Fe N4 O4' 616.487 
HIS 'L-peptide linking' y HISTIDINE                         ?    'C6 H10 N3 O2 1'   156.162 
HOH non-polymer         . WATER                             ?    'H2 O'             18.015  
ILE 'L-peptide linking' y ISOLEUCINE                        ?    'C6 H13 N O2'      131.173 
LEU 'L-peptide linking' y LEUCINE                           ?    'C6 H13 N O2'      131.173 
LYS 'L-peptide linking' y LYSINE                            ?    'C6 H15 N2 O2 1'   147.195 
MET 'L-peptide linking' y METHIONINE                        ?    'C5 H11 N O2 S'    149.211 
PHE 'L-peptide linking' y PHENYLALANINE                     ?    'C9 H11 N O2'      165.189 
PRO 'L-peptide linking' y PROLINE                           ?    'C5 H9 N O2'       115.130 
SER 'L-peptide linking' y SERINE                            ?    'C3 H7 N O3'       105.093 
THR 'L-peptide linking' y THREONINE                         ?    'C4 H9 N O3'       119.119 
TRP 'L-peptide linking' y TRYPTOPHAN                        ?    'C11 H12 N2 O2'    204.225 
TYR 'L-peptide linking' y TYROSINE                          ?    'C9 H11 N O3'      181.189 
VAL 'L-peptide linking' y VALINE                            ?    'C5 H11 N O2'      117.146 
# 
_exptl.absorpt_coefficient_mu     ? 
_exptl.absorpt_correction_T_max   ? 
_exptl.absorpt_correction_T_min   ? 
_exptl.absorpt_correction_type    ? 
_exptl.absorpt_process_details    ? 
_exptl.entry_id                   6VZ6 
_exptl.crystals_number            1 
_exptl.details                    ? 
_exptl.method                     'X-RAY DIFFRACTION' 
_exptl.method_details             ? 
# 
_exptl_crystal.colour                      ? 
_exptl_crystal.density_diffrn              ? 
_exptl_crystal.density_Matthews            3.13 
_exptl_crystal.density_method              ? 
_exptl_crystal.density_percent_sol         60.66 
_exptl_crystal.description                 ? 
_exptl_crystal.F_000                       ? 
_exptl_crystal.id                          1 
_exptl_crystal.preparation                 ? 
_exptl_crystal.size_max                    ? 
_exptl_crystal.size_mid                    ? 
_exptl_crystal.size_min                    ? 
_exptl_crystal.size_rad                    ? 
_exptl_crystal.colour_lustre               ? 
_exptl_crystal.colour_modifier             ? 
_exptl_crystal.colour_primary              ? 
_exptl_crystal.density_meas                ? 
_exptl_crystal.density_meas_esd            ? 
_exptl_crystal.density_meas_gt             ? 
_exptl_crystal.density_meas_lt             ? 
_exptl_crystal.density_meas_temp           ? 
_exptl_crystal.density_meas_temp_esd       ? 
_exptl_crystal.density_meas_temp_gt        ? 
_exptl_crystal.density_meas_temp_lt        ? 
_exptl_crystal.pdbx_crystal_image_url      ? 
_exptl_crystal.pdbx_crystal_image_format   ? 
_exptl_crystal.pdbx_mosaicity              ? 
_exptl_crystal.pdbx_mosaicity_esd          ? 
# 
_exptl_crystal_grow.apparatus       ? 
_exptl_crystal_grow.atmosphere      ? 
_exptl_crystal_grow.crystal_id      1 
_exptl_crystal_grow.details         ? 
_exptl_crystal_grow.method          'VAPOR DIFFUSION, HANGING DROP' 
_exptl_crystal_grow.method_ref      ? 
_exptl_crystal_grow.pH              ? 
_exptl_crystal_grow.pressure        ? 
_exptl_crystal_grow.pressure_esd    ? 
_exptl_crystal_grow.seeding         ? 
_exptl_crystal_grow.seeding_ref     ? 
_exptl_crystal_grow.temp            296.15 
_exptl_crystal_grow.temp_details    ? 
_exptl_crystal_grow.temp_esd        ? 
_exptl_crystal_grow.time            ? 
_exptl_crystal_grow.pdbx_details    '0.1M succinic acid, 12% PEG6000' 
_exptl_crystal_grow.pdbx_pH_range   ? 
# 
_diffrn.ambient_environment              ? 
_diffrn.ambient_temp                     100 
_diffrn.ambient_temp_details             ? 
_diffrn.ambient_temp_esd                 ? 
_diffrn.crystal_id                       1 
_diffrn.crystal_support                  ? 
_diffrn.crystal_treatment                ? 
_diffrn.details                          ? 
_diffrn.id                               1 
_diffrn.ambient_pressure                 ? 
_diffrn.ambient_pressure_esd             ? 
_diffrn.ambient_pressure_gt              ? 
_diffrn.ambient_pressure_lt              ? 
_diffrn.ambient_temp_gt                  ? 
_diffrn.ambient_temp_lt                  ? 
_diffrn.pdbx_serial_crystal_experiment   N 
# 
_diffrn_detector.details                      ? 
_diffrn_detector.detector                     PIXEL 
_diffrn_detector.diffrn_id                    1 
_diffrn_detector.type                         'DECTRIS EIGER X 16M' 
_diffrn_detector.area_resol_mean              ? 
_diffrn_detector.dtime                        ? 
_diffrn_detector.pdbx_frames_total            ? 
_diffrn_detector.pdbx_collection_time_total   ? 
_diffrn_detector.pdbx_collection_date         2019-03-29 
_diffrn_detector.pdbx_frequency               ? 
# 
_diffrn_radiation.collimation                      ? 
_diffrn_radiation.diffrn_id                        1 
_diffrn_radiation.filter_edge                      ? 
_diffrn_radiation.inhomogeneity                    ? 
_diffrn_radiation.monochromator                    ? 
_diffrn_radiation.polarisn_norm                    ? 
_diffrn_radiation.polarisn_ratio                   ? 
_diffrn_radiation.probe                            ? 
_diffrn_radiation.type                             ? 
_diffrn_radiation.xray_symbol                      ? 
_diffrn_radiation.wavelength_id                    1 
_diffrn_radiation.pdbx_monochromatic_or_laue_m_l   M 
_diffrn_radiation.pdbx_wavelength_list             ? 
_diffrn_radiation.pdbx_wavelength                  ? 
_diffrn_radiation.pdbx_diffrn_protocol             'SINGLE WAVELENGTH' 
_diffrn_radiation.pdbx_analyzer                    ? 
_diffrn_radiation.pdbx_scattering_type             x-ray 
# 
_diffrn_radiation_wavelength.id           1 
_diffrn_radiation_wavelength.wavelength   0.95370 
_diffrn_radiation_wavelength.wt           1.0 
# 
_diffrn_source.current                     ? 
_diffrn_source.details                     ? 
_diffrn_source.diffrn_id                   1 
_diffrn_source.power                       ? 
_diffrn_source.size                        ? 
_diffrn_source.source                      SYNCHROTRON 
_diffrn_source.target                      ? 
_diffrn_source.type                        'AUSTRALIAN SYNCHROTRON BEAMLINE MX2' 
_diffrn_source.voltage                     ? 
_diffrn_source.take-off_angle              ? 
_diffrn_source.pdbx_wavelength_list        0.95370 
_diffrn_source.pdbx_wavelength             ? 
_diffrn_source.pdbx_synchrotron_beamline   MX2 
_diffrn_source.pdbx_synchrotron_site       'Australian Synchrotron' 
# 
_reflns.B_iso_Wilson_estimate            21.47 
_reflns.entry_id                         6VZ6 
_reflns.data_reduction_details           ? 
_reflns.data_reduction_method            ? 
_reflns.d_resolution_high                2.1 
_reflns.d_resolution_low                 67.5 
_reflns.details                          ? 
_reflns.limit_h_max                      ? 
_reflns.limit_h_min                      ? 
_reflns.limit_k_max                      ? 
_reflns.limit_k_min                      ? 
_reflns.limit_l_max                      ? 
_reflns.limit_l_min                      ? 
_reflns.number_all                       ? 
_reflns.number_obs                       6719 
_reflns.observed_criterion               ? 
_reflns.observed_criterion_F_max         ? 
_reflns.observed_criterion_F_min         ? 
_reflns.observed_criterion_I_max         ? 
_reflns.observed_criterion_I_min         ? 
_reflns.observed_criterion_sigma_F       ? 
_reflns.observed_criterion_sigma_I       ? 
_reflns.percent_possible_obs             98 
_reflns.R_free_details                   ? 
_reflns.Rmerge_F_all                     ? 
_reflns.Rmerge_F_obs                     ? 
_reflns.Friedel_coverage                 ? 
_reflns.number_gt                        ? 
_reflns.threshold_expression             ? 
_reflns.pdbx_redundancy                  7.1 
_reflns.pdbx_Rmerge_I_obs                0.089 
_reflns.pdbx_Rmerge_I_all                ? 
_reflns.pdbx_Rsym_value                  ? 
_reflns.pdbx_netI_over_av_sigmaI         ? 
_reflns.pdbx_netI_over_sigmaI            14.3 
_reflns.pdbx_res_netI_over_av_sigmaI_2   ? 
_reflns.pdbx_res_netI_over_sigmaI_2      ? 
_reflns.pdbx_chi_squared                 ? 
_reflns.pdbx_scaling_rejects             ? 
_reflns.pdbx_d_res_high_opt              ? 
_reflns.pdbx_d_res_low_opt               ? 
_reflns.pdbx_d_res_opt_method            ? 
_reflns.phase_calculation_details        ? 
_reflns.pdbx_Rrim_I_all                  0.096 
_reflns.pdbx_Rpim_I_all                  0.033 
_reflns.pdbx_d_opt                       ? 
_reflns.pdbx_number_measured_all         ? 
_reflns.pdbx_diffrn_id                   1 
_reflns.pdbx_ordinal                     1 
_reflns.pdbx_CC_half                     0.997 
_reflns.pdbx_CC_star                     ? 
_reflns.pdbx_R_split                     ? 
# 
_reflns_shell.d_res_high                  2.101 
_reflns_shell.d_res_low                   23.863 
_reflns_shell.meanI_over_sigI_all         ? 
_reflns_shell.meanI_over_sigI_obs         ? 
_reflns_shell.number_measured_all         ? 
_reflns_shell.number_measured_obs         ? 
_reflns_shell.number_possible             ? 
_reflns_shell.number_unique_all           ? 
_reflns_shell.number_unique_obs           6717 
_reflns_shell.percent_possible_all        ? 
_reflns_shell.percent_possible_obs        ? 
_reflns_shell.Rmerge_F_all                ? 
_reflns_shell.Rmerge_F_obs                ? 
_reflns_shell.Rmerge_I_all                ? 
_reflns_shell.Rmerge_I_obs                ? 
_reflns_shell.meanI_over_sigI_gt          ? 
_reflns_shell.meanI_over_uI_all           ? 
_reflns_shell.meanI_over_uI_gt            ? 
_reflns_shell.number_measured_gt          ? 
_reflns_shell.number_unique_gt            ? 
_reflns_shell.percent_possible_gt         ? 
_reflns_shell.Rmerge_F_gt                 ? 
_reflns_shell.Rmerge_I_gt                 ? 
_reflns_shell.pdbx_redundancy             ? 
_reflns_shell.pdbx_Rsym_value             ? 
_reflns_shell.pdbx_chi_squared            ? 
_reflns_shell.pdbx_netI_over_sigmaI_all   ? 
_reflns_shell.pdbx_netI_over_sigmaI_obs   ? 
_reflns_shell.pdbx_Rrim_I_all             ? 
_reflns_shell.pdbx_Rpim_I_all             ? 
_reflns_shell.pdbx_rejects                ? 
_reflns_shell.pdbx_ordinal                1 
_reflns_shell.pdbx_diffrn_id              1 
_reflns_shell.pdbx_CC_half                0.997 
_reflns_shell.pdbx_CC_star                ? 
_reflns_shell.pdbx_R_split                ? 
# 
_refine.aniso_B[1][1]                            ? 
_refine.aniso_B[1][2]                            ? 
_refine.aniso_B[1][3]                            ? 
_refine.aniso_B[2][2]                            ? 
_refine.aniso_B[2][3]                            ? 
_refine.aniso_B[3][3]                            ? 
_refine.B_iso_max                                ? 
_refine.B_iso_mean                               24.84 
_refine.B_iso_min                                ? 
_refine.correlation_coeff_Fo_to_Fc               ? 
_refine.correlation_coeff_Fo_to_Fc_free          ? 
_refine.details                                  ? 
_refine.diff_density_max                         ? 
_refine.diff_density_max_esd                     ? 
_refine.diff_density_min                         ? 
_refine.diff_density_min_esd                     ? 
_refine.diff_density_rms                         ? 
_refine.diff_density_rms_esd                     ? 
_refine.entry_id                                 6VZ6 
_refine.pdbx_refine_id                           'X-RAY DIFFRACTION' 
_refine.ls_abs_structure_details                 ? 
_refine.ls_abs_structure_Flack                   ? 
_refine.ls_abs_structure_Flack_esd               ? 
_refine.ls_abs_structure_Rogers                  ? 
_refine.ls_abs_structure_Rogers_esd              ? 
_refine.ls_d_res_high                            2.10 
_refine.ls_d_res_low                             23.86 
_refine.ls_extinction_coef                       ? 
_refine.ls_extinction_coef_esd                   ? 
_refine.ls_extinction_expression                 ? 
_refine.ls_extinction_method                     ? 
_refine.ls_goodness_of_fit_all                   ? 
_refine.ls_goodness_of_fit_all_esd               ? 
_refine.ls_goodness_of_fit_obs                   ? 
_refine.ls_goodness_of_fit_obs_esd               ? 
_refine.ls_hydrogen_treatment                    ? 
_refine.ls_matrix_type                           ? 
_refine.ls_number_constraints                    ? 
_refine.ls_number_parameters                     ? 
_refine.ls_number_reflns_all                     ? 
_refine.ls_number_reflns_obs                     6717 
_refine.ls_number_reflns_R_free                  317 
_refine.ls_number_reflns_R_work                  6400 
_refine.ls_number_restraints                     ? 
_refine.ls_percent_reflns_obs                    97.59 
_refine.ls_percent_reflns_R_free                 4.72 
_refine.ls_R_factor_all                          ? 
_refine.ls_R_factor_obs                          0.1638 
_refine.ls_R_factor_R_free                       0.1953 
_refine.ls_R_factor_R_free_error                 ? 
_refine.ls_R_factor_R_free_error_details         ? 
_refine.ls_R_factor_R_work                       0.1622 
_refine.ls_R_Fsqd_factor_obs                     ? 
_refine.ls_R_I_factor_obs                        ? 
_refine.ls_redundancy_reflns_all                 ? 
_refine.ls_redundancy_reflns_obs                 ? 
_refine.ls_restrained_S_all                      ? 
_refine.ls_restrained_S_obs                      ? 
_refine.ls_shift_over_esd_max                    ? 
_refine.ls_shift_over_esd_mean                   ? 
_refine.ls_structure_factor_coef                 ? 
_refine.ls_weighting_details                     ? 
_refine.ls_weighting_scheme                      ? 
_refine.ls_wR_factor_all                         ? 
_refine.ls_wR_factor_obs                         ? 
_refine.ls_wR_factor_R_free                      ? 
_refine.ls_wR_factor_R_work                      ? 
_refine.occupancy_max                            ? 
_refine.occupancy_min                            ? 
_refine.solvent_model_details                    'FLAT BULK SOLVENT MODEL' 
_refine.solvent_model_param_bsol                 ? 
_refine.solvent_model_param_ksol                 ? 
_refine.pdbx_R_complete                          ? 
_refine.ls_R_factor_gt                           ? 
_refine.ls_goodness_of_fit_gt                    ? 
_refine.ls_goodness_of_fit_ref                   ? 
_refine.ls_shift_over_su_max                     ? 
_refine.ls_shift_over_su_max_lt                  ? 
_refine.ls_shift_over_su_mean                    ? 
_refine.ls_shift_over_su_mean_lt                 ? 
_refine.pdbx_ls_sigma_I                          ? 
_refine.pdbx_ls_sigma_F                          1.35 
_refine.pdbx_ls_sigma_Fsqd                       ? 
_refine.pdbx_data_cutoff_high_absF               ? 
_refine.pdbx_data_cutoff_high_rms_absF           ? 
_refine.pdbx_data_cutoff_low_absF                ? 
_refine.pdbx_isotropic_thermal_model             ? 
_refine.pdbx_ls_cross_valid_method               THROUGHOUT 
_refine.pdbx_method_to_determine_struct          'MOLECULAR REPLACEMENT' 
_refine.pdbx_starting_model                      6NZX 
_refine.pdbx_stereochemistry_target_values       'CDL v1.2' 
_refine.pdbx_R_Free_selection_details            ? 
_refine.pdbx_stereochem_target_val_spec_case     ? 
_refine.pdbx_overall_ESU_R                       ? 
_refine.pdbx_overall_ESU_R_Free                  ? 
_refine.pdbx_solvent_vdw_probe_radii             1.1100 
_refine.pdbx_solvent_ion_probe_radii             ? 
_refine.pdbx_solvent_shrinkage_radii             0.9000 
_refine.pdbx_real_space_R                        ? 
_refine.pdbx_density_correlation                 ? 
_refine.pdbx_pd_number_of_powder_patterns        ? 
_refine.pdbx_pd_number_of_points                 ? 
_refine.pdbx_pd_meas_number_of_points            ? 
_refine.pdbx_pd_proc_ls_prof_R_factor            ? 
_refine.pdbx_pd_proc_ls_prof_wR_factor           ? 
_refine.pdbx_pd_Marquardt_correlation_coeff      ? 
_refine.pdbx_pd_Fsqrd_R_factor                   ? 
_refine.pdbx_pd_ls_matrix_band_width             ? 
_refine.pdbx_overall_phase_error                 19.9772 
_refine.pdbx_overall_SU_R_free_Cruickshank_DPI   ? 
_refine.pdbx_overall_SU_R_free_Blow_DPI          ? 
_refine.pdbx_overall_SU_R_Blow_DPI               ? 
_refine.pdbx_TLS_residual_ADP_flag               ? 
_refine.pdbx_diffrn_id                           1 
_refine.overall_SU_B                             ? 
_refine.overall_SU_ML                            0.1736 
_refine.overall_SU_R_Cruickshank_DPI             ? 
_refine.overall_SU_R_free                        ? 
_refine.overall_FOM_free_R_set                   ? 
_refine.overall_FOM_work_R_set                   ? 
_refine.pdbx_average_fsc_overall                 ? 
_refine.pdbx_average_fsc_work                    ? 
_refine.pdbx_average_fsc_free                    ? 
# 
_refine_hist.pdbx_refine_id                   'X-RAY DIFFRACTION' 
_refine_hist.cycle_id                         LAST 
_refine_hist.details                          ? 
_refine_hist.d_res_high                       2.10 
_refine_hist.d_res_low                        23.86 
_refine_hist.number_atoms_solvent             66 
_refine_hist.number_atoms_total               718 
_refine_hist.number_reflns_all                ? 
_refine_hist.number_reflns_obs                ? 
_refine_hist.number_reflns_R_free             ? 
_refine_hist.number_reflns_R_work             ? 
_refine_hist.R_factor_all                     ? 
_refine_hist.R_factor_obs                     ? 
_refine_hist.R_factor_R_free                  ? 
_refine_hist.R_factor_R_work                  ? 
_refine_hist.pdbx_number_residues_total       ? 
_refine_hist.pdbx_B_iso_mean_ligand           ? 
_refine_hist.pdbx_B_iso_mean_solvent          ? 
_refine_hist.pdbx_number_atoms_protein        609 
_refine_hist.pdbx_number_atoms_nucleic_acid   0 
_refine_hist.pdbx_number_atoms_ligand         43 
_refine_hist.pdbx_number_atoms_lipid          ? 
_refine_hist.pdbx_number_atoms_carb           ? 
_refine_hist.pdbx_pseudo_atom_details         ? 
# 
loop_
_refine_ls_restr.pdbx_refine_id 
_refine_ls_restr.criterion 
_refine_ls_restr.dev_ideal 
_refine_ls_restr.dev_ideal_target 
_refine_ls_restr.number 
_refine_ls_restr.rejects 
_refine_ls_restr.type 
_refine_ls_restr.weight 
_refine_ls_restr.pdbx_restraint_function 
'X-RAY DIFFRACTION' ? 0.0139 ? 682 ? f_bond_d           ? ? 
'X-RAY DIFFRACTION' ? 1.3027 ? 937 ? f_angle_d          ? ? 
'X-RAY DIFFRACTION' ? 0.0659 ? 86  ? f_chiral_restr     ? ? 
'X-RAY DIFFRACTION' ? 0.0077 ? 122 ? f_plane_restr      ? ? 
'X-RAY DIFFRACTION' ? 6.6771 ? 518 ? f_dihedral_angle_d ? ? 
# 
loop_
_refine_ls_shell.pdbx_refine_id 
_refine_ls_shell.d_res_high 
_refine_ls_shell.d_res_low 
_refine_ls_shell.number_reflns_all 
_refine_ls_shell.number_reflns_obs 
_refine_ls_shell.number_reflns_R_free 
_refine_ls_shell.number_reflns_R_work 
_refine_ls_shell.percent_reflns_obs 
_refine_ls_shell.percent_reflns_R_free 
_refine_ls_shell.R_factor_all 
_refine_ls_shell.R_factor_obs 
_refine_ls_shell.R_factor_R_free 
_refine_ls_shell.R_factor_R_free_error 
_refine_ls_shell.R_factor_R_work 
_refine_ls_shell.redundancy_reflns_all 
_refine_ls_shell.redundancy_reflns_obs 
_refine_ls_shell.wR_factor_all 
_refine_ls_shell.wR_factor_obs 
_refine_ls_shell.wR_factor_R_free 
_refine_ls_shell.wR_factor_R_work 
_refine_ls_shell.pdbx_R_complete 
_refine_ls_shell.pdbx_total_number_of_bins_used 
_refine_ls_shell.pdbx_phase_error 
_refine_ls_shell.pdbx_fsc_work 
_refine_ls_shell.pdbx_fsc_free 
'X-RAY DIFFRACTION' 2.10 2.65  . . 152 3070 96.41 . . . 0.2054 . 0.1642 . . . . . . . . . . . 
'X-RAY DIFFRACTION' 2.65 23.86 . . 165 3330 98.70 . . . 0.1909 . 0.1613 . . . . . . . . . . . 
# 
_struct.entry_id                     6VZ6 
_struct.title                        'Methanococcoides burtonii cytochrome b5 domain protein (WP 011499504.1)' 
_struct.pdbx_model_details           ? 
_struct.pdbx_formula_weight          ? 
_struct.pdbx_formula_weight_method   ? 
_struct.pdbx_model_type_details      ? 
_struct.pdbx_CASP_flag               N 
# 
_struct_keywords.entry_id        6VZ6 
_struct_keywords.text            'heme binding, cytochrome b5 domain, METAL BINDING PROTEIN' 
_struct_keywords.pdbx_keywords   'METAL BINDING PROTEIN' 
# 
loop_
_struct_asym.id 
_struct_asym.pdbx_blank_PDB_chainid_flag 
_struct_asym.pdbx_modified 
_struct_asym.entity_id 
_struct_asym.details 
A N N 1 ? 
B N N 2 ? 
C N N 3 ? 
# 
loop_
_struct_conf.conf_type_id 
_struct_conf.id 
_struct_conf.pdbx_PDB_helix_id 
_struct_conf.beg_label_comp_id 
_struct_conf.beg_label_asym_id 
_struct_conf.beg_label_seq_id 
_struct_conf.pdbx_beg_PDB_ins_code 
_struct_conf.end_label_comp_id 
_struct_conf.end_label_asym_id 
_struct_conf.end_label_seq_id 
_struct_conf.pdbx_end_PDB_ins_code 
_struct_conf.beg_auth_comp_id 
_struct_conf.beg_auth_asym_id 
_struct_conf.beg_auth_seq_id 
_struct_conf.end_auth_comp_id 
_struct_conf.end_auth_asym_id 
_struct_conf.end_auth_seq_id 
_struct_conf.pdbx_PDB_helix_class 
_struct_conf.details 
_struct_conf.pdbx_PDB_helix_length 
HELX_P HELX_P1 AA1 THR A 6  ? TYR A 13 ? THR A 5  TYR A 12 1 ? 8 
HELX_P HELX_P2 AA2 TRP A 38 ? ASP A 40 ? TRP A 37 ASP A 39 5 ? 3 
HELX_P HELX_P3 AA3 LEU A 53 ? GLU A 58 ? LEU A 52 GLU A 57 1 ? 6 
HELX_P HELX_P4 AA4 ASP A 63 ? GLU A 68 ? ASP A 62 GLU A 67 5 ? 6 
# 
_struct_conf_type.id          HELX_P 
_struct_conf_type.criteria    ? 
_struct_conf_type.reference   ? 
# 
loop_
_struct_conn.id 
_struct_conn.conn_type_id 
_struct_conn.pdbx_leaving_atom_flag 
_struct_conn.pdbx_PDB_id 
_struct_conn.ptnr1_label_asym_id 
_struct_conn.ptnr1_label_comp_id 
_struct_conn.ptnr1_label_seq_id 
_struct_conn.ptnr1_label_atom_id 
_struct_conn.pdbx_ptnr1_label_alt_id 
_struct_conn.pdbx_ptnr1_PDB_ins_code 
_struct_conn.pdbx_ptnr1_standard_comp_id 
_struct_conn.ptnr1_symmetry 
_struct_conn.ptnr2_label_asym_id 
_struct_conn.ptnr2_label_comp_id 
_struct_conn.ptnr2_label_seq_id 
_struct_conn.ptnr2_label_atom_id 
_struct_conn.pdbx_ptnr2_label_alt_id 
_struct_conn.pdbx_ptnr2_PDB_ins_code 
_struct_conn.ptnr1_auth_asym_id 
_struct_conn.ptnr1_auth_comp_id 
_struct_conn.ptnr1_auth_seq_id 
_struct_conn.ptnr2_auth_asym_id 
_struct_conn.ptnr2_auth_comp_id 
_struct_conn.ptnr2_auth_seq_id 
_struct_conn.ptnr2_symmetry 
_struct_conn.pdbx_ptnr3_label_atom_id 
_struct_conn.pdbx_ptnr3_label_seq_id 
_struct_conn.pdbx_ptnr3_label_comp_id 
_struct_conn.pdbx_ptnr3_label_asym_id 
_struct_conn.pdbx_ptnr3_label_alt_id 
_struct_conn.pdbx_ptnr3_PDB_ins_code 
_struct_conn.details 
_struct_conn.pdbx_dist_value 
_struct_conn.pdbx_value_order 
_struct_conn.pdbx_role 
metalc1 metalc ? ? A HIS 43 NE2 ? ? ? 1_555 B HEM . FE ? ? A HIS 42 A HEM 101 1_555 ? ? ? ? ? ? ? 2.090 ? ? 
metalc2 metalc ? ? A HIS 62 NE2 ? ? ? 1_555 B HEM . FE ? ? A HIS 61 A HEM 101 1_555 ? ? ? ? ? ? ? 2.081 ? ? 
# 
_struct_conn_type.id          metalc 
_struct_conn_type.criteria    ? 
_struct_conn_type.reference   ? 
# 
loop_
_struct_sheet.id 
_struct_sheet.type 
_struct_sheet.number_strands 
_struct_sheet.details 
AA1 ? 4 ? 
AA2 ? 2 ? 
# 
loop_
_struct_sheet_order.sheet_id 
_struct_sheet_order.range_id_1 
_struct_sheet_order.range_id_2 
_struct_sheet_order.offset 
_struct_sheet_order.sense 
AA1 1 2 ? parallel      
AA1 2 3 ? anti-parallel 
AA1 3 4 ? anti-parallel 
AA2 1 2 ? anti-parallel 
# 
loop_
_struct_sheet_range.sheet_id 
_struct_sheet_range.id 
_struct_sheet_range.beg_label_comp_id 
_struct_sheet_range.beg_label_asym_id 
_struct_sheet_range.beg_label_seq_id 
_struct_sheet_range.pdbx_beg_PDB_ins_code 
_struct_sheet_range.end_label_comp_id 
_struct_sheet_range.end_label_asym_id 
_struct_sheet_range.end_label_seq_id 
_struct_sheet_range.pdbx_end_PDB_ins_code 
_struct_sheet_range.beg_auth_comp_id 
_struct_sheet_range.beg_auth_asym_id 
_struct_sheet_range.beg_auth_seq_id 
_struct_sheet_range.end_auth_comp_id 
_struct_sheet_range.end_auth_asym_id 
_struct_sheet_range.end_auth_seq_id 
AA1 1 GLU A 3  ? PHE A 5  ? GLU A 2  PHE A 4  
AA1 2 VAL A 72 ? LEU A 76 ? VAL A 71 LEU A 75 
AA1 3 LYS A 28 ? ASP A 31 ? LYS A 27 ASP A 30 
AA1 4 TYR A 22 ? TYR A 25 ? TYR A 21 TYR A 24 
AA2 1 ASP A 42 ? HIS A 43 ? ASP A 41 HIS A 42 
AA2 2 HIS A 47 ? GLU A 48 ? HIS A 46 GLU A 47 
# 
loop_
_pdbx_struct_sheet_hbond.sheet_id 
_pdbx_struct_sheet_hbond.range_id_1 
_pdbx_struct_sheet_hbond.range_id_2 
_pdbx_struct_sheet_hbond.range_1_label_atom_id 
_pdbx_struct_sheet_hbond.range_1_label_comp_id 
_pdbx_struct_sheet_hbond.range_1_label_asym_id 
_pdbx_struct_sheet_hbond.range_1_label_seq_id 
_pdbx_struct_sheet_hbond.range_1_PDB_ins_code 
_pdbx_struct_sheet_hbond.range_1_auth_atom_id 
_pdbx_struct_sheet_hbond.range_1_auth_comp_id 
_pdbx_struct_sheet_hbond.range_1_auth_asym_id 
_pdbx_struct_sheet_hbond.range_1_auth_seq_id 
_pdbx_struct_sheet_hbond.range_2_label_atom_id 
_pdbx_struct_sheet_hbond.range_2_label_comp_id 
_pdbx_struct_sheet_hbond.range_2_label_asym_id 
_pdbx_struct_sheet_hbond.range_2_label_seq_id 
_pdbx_struct_sheet_hbond.range_2_PDB_ins_code 
_pdbx_struct_sheet_hbond.range_2_auth_atom_id 
_pdbx_struct_sheet_hbond.range_2_auth_comp_id 
_pdbx_struct_sheet_hbond.range_2_auth_asym_id 
_pdbx_struct_sheet_hbond.range_2_auth_seq_id 
AA1 1 2 N PHE A 5  ? N PHE A 4  O THR A 75 ? O THR A 74 
AA1 2 3 O GLY A 74 ? O GLY A 73 N VAL A 29 ? N VAL A 28 
AA1 3 4 O TYR A 30 ? O TYR A 29 N PHE A 23 ? N PHE A 22 
AA2 1 2 N HIS A 43 ? N HIS A 42 O HIS A 47 ? O HIS A 46 
# 
_struct_site.id                   AC1 
_struct_site.pdbx_evidence_code   Software 
_struct_site.pdbx_auth_asym_id    A 
_struct_site.pdbx_auth_comp_id    HEM 
_struct_site.pdbx_auth_seq_id     101 
_struct_site.pdbx_auth_ins_code   ? 
_struct_site.pdbx_num_residues    15 
_struct_site.details              'binding site for residue HEM A 101' 
# 
loop_
_struct_site_gen.id 
_struct_site_gen.site_id 
_struct_site_gen.pdbx_num_res 
_struct_site_gen.label_comp_id 
_struct_site_gen.label_asym_id 
_struct_site_gen.label_seq_id 
_struct_site_gen.pdbx_auth_ins_code 
_struct_site_gen.auth_comp_id 
_struct_site_gen.auth_asym_id 
_struct_site_gen.auth_seq_id 
_struct_site_gen.label_atom_id 
_struct_site_gen.label_alt_id 
_struct_site_gen.symmetry 
_struct_site_gen.details 
1  AC1 15 PHE A 23 ? PHE A 22  . ? 1_555 ? 
2  AC1 15 SER A 35 ? SER A 34  . ? 1_555 ? 
3  AC1 15 LEU A 37 ? LEU A 36  . ? 1_555 ? 
4  AC1 15 HIS A 43 ? HIS A 42  . ? 1_555 ? 
5  AC1 15 GLN A 44 ? GLN A 43  . ? 1_555 ? 
6  AC1 15 MET A 46 ? MET A 45  . ? 6_556 ? 
7  AC1 15 HIS A 47 ? HIS A 46  . ? 1_555 ? 
8  AC1 15 LEU A 53 ? LEU A 52  . ? 1_555 ? 
9  AC1 15 HIS A 57 ? HIS A 56  . ? 1_555 ? 
10 AC1 15 ALA A 60 ? ALA A 59  . ? 1_555 ? 
11 AC1 15 PRO A 61 ? PRO A 60  . ? 1_555 ? 
12 AC1 15 HIS A 62 ? HIS A 61  . ? 1_555 ? 
13 AC1 15 VAL A 66 ? VAL A 65  . ? 1_555 ? 
14 AC1 15 PHE A 70 ? PHE A 69  . ? 1_555 ? 
15 AC1 15 HOH C .  ? HOH A 205 . ? 1_555 ? 
# 
_atom_sites.entry_id                    6VZ6 
_atom_sites.Cartn_transf_matrix[1][1]   ? 
_atom_sites.Cartn_transf_matrix[1][2]   ? 
_atom_sites.Cartn_transf_matrix[1][3]   ? 
_atom_sites.Cartn_transf_matrix[2][1]   ? 
_atom_sites.Cartn_transf_matrix[2][2]   ? 
_atom_sites.Cartn_transf_matrix[2][3]   ? 
_atom_sites.Cartn_transf_matrix[3][1]   ? 
_atom_sites.Cartn_transf_matrix[3][2]   ? 
_atom_sites.Cartn_transf_matrix[3][3]   ? 
_atom_sites.Cartn_transf_vector[1]      ? 
_atom_sites.Cartn_transf_vector[2]      ? 
_atom_sites.Cartn_transf_vector[3]      ? 
_atom_sites.fract_transf_matrix[1][1]   -0.00712434 
_atom_sites.fract_transf_matrix[1][2]   -0.00750194 
_atom_sites.fract_transf_matrix[1][3]   -0.01060559 
_atom_sites.fract_transf_matrix[2][1]   0.01296353 
_atom_sites.fract_transf_matrix[2][2]   -0.00332401 
_atom_sites.fract_transf_matrix[2][3]   -0.00635703 
_atom_sites.fract_transf_matrix[3][1]   0.00117710 
_atom_sites.fract_transf_matrix[3][2]   -0.01729888 
_atom_sites.fract_transf_matrix[3][3]   0.01144576 
_atom_sites.fract_transf_vector[1]      0.342068 
_atom_sites.fract_transf_vector[2]      0.099582 
_atom_sites.fract_transf_vector[3]      0.450920 
_atom_sites.solution_primary            ? 
_atom_sites.solution_secondary          ? 
_atom_sites.solution_hydrogens          ? 
_atom_sites.special_details             ? 
# 
loop_
_atom_type.symbol 
C  
FE 
H  
N  
O  
S  
# 
loop_
_atom_site.group_PDB 
_atom_site.id 
_atom_site.type_symbol 
_atom_site.label_atom_id 
_atom_site.label_alt_id 
_atom_site.label_comp_id 
_atom_site.label_asym_id 
_atom_site.label_entity_id 
_atom_site.label_seq_id 
_atom_site.pdbx_PDB_ins_code 
_atom_site.Cartn_x 
_atom_site.Cartn_y 
_atom_site.Cartn_z 
_atom_site.occupancy 
_atom_site.B_iso_or_equiv 
_atom_site.pdbx_formal_charge 
_atom_site.auth_seq_id 
_atom_site.auth_comp_id 
_atom_site.auth_asym_id 
_atom_site.auth_atom_id 
_atom_site.pdbx_PDB_model_num 
ATOM   1    N  N    . ALA A 1 1  ? -1.34526  12.12358  -7.18325  1.000 61.54089  ? 0   ALA A N    1 
ATOM   2    C  CA   . ALA A 1 1  ? -2.21561  11.27111  -8.01463  1.000 21.54332  ? 0   ALA A CA   1 
ATOM   3    C  C    . ALA A 1 1  ? -1.64510  11.19320  -9.44679  1.000 39.41443  ? 0   ALA A C    1 
ATOM   4    O  O    . ALA A 1 1  ? -2.40247  11.12479  -10.41938 1.000 61.65243  ? 0   ALA A O    1 
ATOM   5    C  CB   . ALA A 1 1  ? -3.51468  11.79310  -8.01018  1.000 8.58811   ? 0   ALA A CB   1 
ATOM   6    H  H1   . ALA A 1 1  ? -1.84760  12.64257  -6.66325  1.000 73.87274  ? 0   ALA A H1   1 
ATOM   7    H  H2   . ALA A 1 1  ? -0.82459  11.61030  -6.67576  1.000 73.87274  ? 0   ALA A H2   1 
ATOM   8    H  H3   . ALA A 1 1  ? -0.83844  12.63222  -7.70910  1.000 73.87274  ? 0   ALA A H3   1 
ATOM   9    H  HA   . ALA A 1 1  ? -2.25982  10.36947  -7.65967  1.000 25.87566  ? 0   ALA A HA   1 
ATOM   10   H  HB1  . ALA A 1 1  ? -4.09160  11.20874  -8.52649  1.000 10.32940  ? 0   ALA A HB1  1 
ATOM   11   H  HB2  . ALA A 1 1  ? -3.83086  11.84541  -7.09465  1.000 10.32940  ? 0   ALA A HB2  1 
ATOM   12   H  HB3  . ALA A 1 1  ? -3.50066  12.67839  -8.40636  1.000 10.32940  ? 0   ALA A HB3  1 
ATOM   13   N  N    . MET A 1 2  ? -0.30571  11.17138  -9.55872  1.000 40.48692  ? 1   MET A N    1 
ATOM   14   C  CA   . MET A 1 2  ? 0.33361   11.40454  -10.84304 1.000 30.67489  ? 1   MET A CA   1 
ATOM   15   C  C    . MET A 1 2  ? 0.34833   10.13670  -11.68260 1.000 25.70389  ? 1   MET A C    1 
ATOM   16   O  O    . MET A 1 2  ? -0.05452  10.18600  -12.84344 1.000 38.61463  ? 1   MET A O    1 
ATOM   17   C  CB   . MET A 1 2  ? 1.76345   11.91179  -10.67252 1.000 30.30604  ? 1   MET A CB   1 
ATOM   18   C  CG   . MET A 1 2  ? 1.80577   13.32195  -10.22632 1.000 64.34181  ? 1   MET A CG   1 
ATOM   19   S  SD   . MET A 1 2  ? 2.91592   14.29304  -11.23947 1.000 71.08295  ? 1   MET A SD   1 
ATOM   20   C  CE   . MET A 1 2  ? 2.13192   14.17360  -12.85217 1.000 32.85077  ? 1   MET A CE   1 
ATOM   21   H  H    . MET A 1 2  ? 0.24035   11.02521  -8.91061  1.000 48.60798  ? 1   MET A H    1 
ATOM   22   H  HA   . MET A 1 2  ? -0.17113  12.09972  -11.29347 1.000 36.83354  ? 1   MET A HA   1 
ATOM   23   H  HB2  . MET A 1 2  ? 2.21589   11.36985  -10.00730 1.000 36.39093  ? 1   MET A HB2  1 
ATOM   24   H  HB3  . MET A 1 2  ? 2.22662   11.84897  -11.52248 1.000 36.39093  ? 1   MET A HB3  1 
ATOM   25   H  HG2  . MET A 1 2  ? 0.91753   13.70633  -10.29095 1.000 77.23384  ? 1   MET A HG2  1 
ATOM   26   H  HG3  . MET A 1 2  ? 2.11751   13.35947  -9.30855  1.000 77.23384  ? 1   MET A HG3  1 
ATOM   27   H  HE1  . MET A 1 2  ? 2.64855   14.68647  -13.49323 1.000 39.44460  ? 1   MET A HE1  1 
ATOM   28   H  HE2  . MET A 1 2  ? 2.10242   13.24200  -13.12075 1.000 39.44460  ? 1   MET A HE2  1 
ATOM   29   H  HE3  . MET A 1 2  ? 1.23149   14.52939  -12.79271 1.000 39.44460  ? 1   MET A HE3  1 
ATOM   30   N  N    . GLU A 1 3  ? 0.79719   8.98664   -11.13616 1.000 23.69683  ? 2   GLU A N    1 
ATOM   31   C  CA   . GLU A 1 3  ? 1.19082   7.91258   -12.05773 1.000 32.04710  ? 2   GLU A CA   1 
ATOM   32   C  C    . GLU A 1 3  ? 0.31101   6.66486   -12.04497 1.000 25.67417  ? 2   GLU A C    1 
ATOM   33   O  O    . GLU A 1 3  ? -0.37412  6.36918   -11.07814 1.000 23.34370  ? 2   GLU A O    1 
ATOM   34   C  CB   . GLU A 1 3  ? 2.67451   7.51883   -11.83191 1.000 37.42797  ? 2   GLU A CB   1 
ATOM   35   C  CG   . GLU A 1 3  ? 3.66684   8.70556   -12.08044 1.000 49.34426  ? 2   GLU A CG   1 
ATOM   36   C  CD   . GLU A 1 3  ? 5.15075   8.32663   -12.05147 1.000 79.21288  ? 2   GLU A CD   1 
ATOM   37   O  OE1  . GLU A 1 3  ? 5.50853   7.28492   -11.45194 1.000 78.07932  ? 2   GLU A OE1  1 
ATOM   38   O  OE2  . GLU A 1 3  ? 5.96730   9.11122   -12.59473 1.000 81.04081  ? 2   GLU A OE2  1 
ATOM   39   H  H    . GLU A 1 3  ? 0.87400   8.82484   -10.29502 1.000 28.45987  ? 2   GLU A H    1 
ATOM   40   H  HA   . GLU A 1 3  ? 1.06292   8.26971   -12.95047 1.000 38.48019  ? 2   GLU A HA   1 
ATOM   41   H  HB2  . GLU A 1 3  ? 2.78556   7.22265   -10.91493 1.000 44.93723  ? 2   GLU A HB2  1 
ATOM   42   H  HB3  . GLU A 1 3  ? 2.90635   6.80171   -12.44256 1.000 44.93723  ? 2   GLU A HB3  1 
ATOM   43   H  HG2  . GLU A 1 3  ? 3.48092   9.08376   -12.95411 1.000 59.23679  ? 2   GLU A HG2  1 
ATOM   44   H  HG3  . GLU A 1 3  ? 3.52461   9.37430   -11.39235 1.000 59.23679  ? 2   GLU A HG3  1 
ATOM   45   N  N    . GLU A 1 4  ? 0.28057   5.98513   -13.18774 1.000 22.40651  ? 3   GLU A N    1 
ATOM   46   C  CA   . GLU A 1 4  ? -0.44822  4.73779   -13.38389 1.000 22.29648  ? 3   GLU A CA   1 
ATOM   47   C  C    . GLU A 1 4  ? 0.47927   3.52967   -13.29334 1.000 20.38666  ? 3   GLU A C    1 
ATOM   48   O  O    . GLU A 1 4  ? 1.55552   3.52609   -13.88196 1.000 20.17875  ? 3   GLU A O    1 
ATOM   49   C  CB   . GLU A 1 4  ? -1.13491  4.77653   -14.73911 1.000 25.82565  ? 3   GLU A CB   1 
ATOM   50   C  CG   . GLU A 1 4  ? -2.15567  3.70603   -14.95276 1.000 46.13055  ? 3   GLU A CG   1 
ATOM   51   C  CD   . GLU A 1 4  ? -2.68963  3.72477   -16.37928 1.000 75.48053  ? 3   GLU A CD   1 
ATOM   52   O  OE1  . GLU A 1 4  ? -3.41581  4.68744   -16.70677 1.000 52.44038  ? 3   GLU A OE1  1 
ATOM   53   O  OE2  . GLU A 1 4  ? -2.36235  2.80205   -17.17099 1.000 55.47031  ? 3   GLU A OE2  1 
ATOM   54   H  H    . GLU A 1 4  ? 0.69509   6.24077   -13.89656 1.000 26.91148  ? 3   GLU A H    1 
ATOM   55   H  HA   . GLU A 1 4  ? -1.10520  4.63088   -12.67830 1.000 26.77945  ? 3   GLU A HA   1 
ATOM   56   H  HB2  . GLU A 1 4  ? -1.58396  5.63122   -14.83271 1.000 31.01445  ? 3   GLU A HB2  1 
ATOM   57   H  HB3  . GLU A 1 4  ? -0.46034  4.67885   -15.42926 1.000 31.01445  ? 3   GLU A HB3  1 
ATOM   58   H  HG2  . GLU A 1 4  ? -1.75178  2.83949   -14.78881 1.000 55.38033  ? 3   GLU A HG2  1 
ATOM   59   H  HG3  . GLU A 1 4  ? -2.89951  3.84551   -14.34601 1.000 55.38033  ? 3   GLU A HG3  1 
ATOM   60   N  N    . PHE A 1 5  ? 0.05953   2.52127   -12.52411 1.000 15.68760  ? 4   PHE A N    1 
ATOM   61   C  CA   . PHE A 1 5  ? 0.86716   1.35445   -12.18875 1.000 15.12763  ? 4   PHE A CA   1 
ATOM   62   C  C    . PHE A 1 5  ? 0.13970   0.11616   -12.69427 1.000 21.07337  ? 4   PHE A C    1 
ATOM   63   O  O    . PHE A 1 5  ? -1.07294  -0.01344  -12.48199 1.000 15.88256  ? 4   PHE A O    1 
ATOM   64   C  CB   . PHE A 1 5  ? 1.07350   1.18886   -10.67586 1.000 20.15896  ? 4   PHE A CB   1 
ATOM   65   C  CG   . PHE A 1 5  ? 1.80694   2.31520   -9.99598  1.000 14.80795  ? 4   PHE A CG   1 
ATOM   66   C  CD1  . PHE A 1 5  ? 3.12229   2.18023   -9.63635  1.000 22.31294  ? 4   PHE A CD1  1 
ATOM   67   C  CD2  . PHE A 1 5  ? 1.16711   3.49127   -9.68782  1.000 17.46966  ? 4   PHE A CD2  1 
ATOM   68   C  CE1  . PHE A 1 5  ? 3.78588   3.21439   -8.97349  1.000 22.09083  ? 4   PHE A CE1  1 
ATOM   69   C  CE2  . PHE A 1 5  ? 1.81430   4.51065   -9.04126  1.000 24.31936  ? 4   PHE A CE2  1 
ATOM   70   C  CZ   . PHE A 1 5  ? 3.13280   4.37924   -8.69698  1.000 18.12026  ? 4   PHE A CZ   1 
ATOM   71   H  H    . PHE A 1 5  ? -0.72480  2.49497   -12.17235 1.000 18.84879  ? 4   PHE A H    1 
ATOM   72   H  HA   . PHE A 1 5  ? 1.73570   1.45360   -12.60911 1.000 18.17683  ? 4   PHE A HA   1 
ATOM   73   H  HB2  . PHE A 1 5  ? 0.20259   1.11566   -10.25508 1.000 24.21442  ? 4   PHE A HB2  1 
ATOM   74   H  HB3  . PHE A 1 5  ? 1.58438   0.37836   -10.52425 1.000 24.21442  ? 4   PHE A HB3  1 
ATOM   75   H  HD1  . PHE A 1 5  ? 3.57657   1.39352   -9.83540  1.000 26.79920  ? 4   PHE A HD1  1 
ATOM   76   H  HD2  . PHE A 1 5  ? 0.27384   3.59770   -9.92369  1.000 20.98727  ? 4   PHE A HD2  1 
ATOM   77   H  HE1  . PHE A 1 5  ? 4.67445   3.10878   -8.72017  1.000 26.53267  ? 4   PHE A HE1  1 
ATOM   78   H  HE2  . PHE A 1 5  ? 1.35697   5.29389   -8.83564  1.000 29.20690  ? 4   PHE A HE2  1 
ATOM   79   H  HZ   . PHE A 1 5  ? 3.57965   5.07890   -8.27781  1.000 21.76798  ? 4   PHE A HZ   1 
ATOM   80   N  N    . THR A 1 6  ? 0.86253   -0.79499  -13.34182 1.000 16.67337  ? 5   THR A N    1 
ATOM   81   C  CA   . THR A 1 6  ? 0.33440   -2.13940  -13.50020 1.000 14.76216  ? 5   THR A CA   1 
ATOM   82   C  C    . THR A 1 6  ? 0.59990   -2.94871  -12.23012 1.000 15.88430  ? 5   THR A C    1 
ATOM   83   O  O    . THR A 1 6  ? 1.33917   -2.51797  -11.32829 1.000 15.87299  ? 5   THR A O    1 
ATOM   84   C  CB   . THR A 1 6  ? 0.98040   -2.83533  -14.67999 1.000 19.89255  ? 5   THR A CB   1 
ATOM   85   O  OG1  . THR A 1 6  ? 2.34204   -3.04693  -14.35246 1.000 20.44990  ? 5   THR A OG1  1 
ATOM   86   C  CG2  . THR A 1 6  ? 0.84915   -1.99252  -15.95729 1.000 24.15316  ? 5   THR A CG2  1 
ATOM   87   H  H    . THR A 1 6  ? 1.63846   -0.66024  -13.68733 1.000 20.03172  ? 5   THR A H    1 
ATOM   88   H  HA   . THR A 1 6  ? -0.62082  -2.08777  -13.66079 1.000 17.73826  ? 5   THR A HA   1 
ATOM   89   H  HB   . THR A 1 6  ? 0.54639   -3.68236  -14.86728 1.000 23.89473  ? 5   THR A HB   1 
ATOM   90   H  HG1  . THR A 1 6  ? 2.75359   -3.35208  -15.01813 1.000 24.56356  ? 5   THR A HG1  1 
ATOM   91   H  HG21 . THR A 1 6  ? 1.17508   -2.49426  -16.72078 1.000 29.00746  ? 5   THR A HG21 1 
ATOM   92   H  HG22 . THR A 1 6  ? -0.08052  -1.75982  -16.10714 1.000 29.00746  ? 5   THR A HG22 1 
ATOM   93   H  HG23 . THR A 1 6  ? 1.36784   -1.17734  -15.87163 1.000 29.00746  ? 5   THR A HG23 1 
ATOM   94   N  N    . THR A 1 7  ? 0.01079   -4.15063  -12.17311 1.000 14.10690  ? 6   THR A N    1 
ATOM   95   C  CA   . THR A 1 7  ? 0.25411   -5.08014  -11.06590 1.000 15.28604  ? 6   THR A CA   1 
ATOM   96   C  C    . THR A 1 7  ? 1.74532   -5.36444  -10.89559 1.000 21.30436  ? 6   THR A C    1 
ATOM   97   O  O    . THR A 1 7  ? 2.29273   -5.26128  -9.78267  1.000 15.12238  ? 6   THR A O    1 
ATOM   98   C  CB   . THR A 1 7  ? -0.53037  -6.37893  -11.32059 1.000 21.41921  ? 6   THR A CB   1 
ATOM   99   O  OG1  . THR A 1 7  ? -1.94198  -6.11574  -11.25848 1.000 24.02549  ? 6   THR A OG1  1 
ATOM   100  C  CG2  . THR A 1 7  ? -0.18320  -7.43612  -10.27113 1.000 18.40066  ? 6   THR A CG2  1 
ATOM   101  H  H    . THR A 1 7  ? -0.53568  -4.45383  -12.76391 1.000 16.95195  ? 6   THR A H    1 
ATOM   102  H  HA   . THR A 1 7  ? -0.06050  -4.68510  -10.23774 1.000 18.36691  ? 6   THR A HA   1 
ATOM   103  H  HB   . THR A 1 7  ? -0.29736  -6.72093  -12.19788 1.000 25.72672  ? 6   THR A HB   1 
ATOM   104  H  HG1  . THR A 1 7  ? -2.13676  -5.76575  -10.52013 1.000 28.85426  ? 6   THR A HG1  1 
ATOM   105  H  HG21 . THR A 1 7  ? -0.85686  -8.13403  -10.26780 1.000 22.10447  ? 6   THR A HG21 1 
ATOM   106  H  HG22 . THR A 1 7  ? 0.67928   -7.83207  -10.47177 1.000 22.10447  ? 6   THR A HG22 1 
ATOM   107  H  HG23 . THR A 1 7  ? -0.14612  -7.03019  -9.39093  1.000 22.10447  ? 6   THR A HG23 1 
ATOM   108  N  N    . GLU A 1 8  ? 2.42369   -5.69005  -12.00161 1.000 18.77499  ? 7   GLU A N    1 
ATOM   109  C  CA   . GLU A 1 8  ? 3.85193   -5.98798  -11.95784 1.000 23.97953  ? 7   GLU A CA   1 
ATOM   110  C  C    . GLU A 1 8  ? 4.65993   -4.78845  -11.47800 1.000 19.46968  ? 7   GLU A C    1 
ATOM   111  O  O    . GLU A 1 8  ? 5.57249   -4.94087  -10.66233 1.000 20.25587  ? 7   GLU A O    1 
ATOM   112  C  CB   . GLU A 1 8  ? 4.34685   -6.41893  -13.34749 1.000 25.84420  ? 7   GLU A CB   1 
ATOM   113  C  CG   . GLU A 1 8  ? 5.78125   -6.95861  -13.36018 1.000 52.94965  ? 7   GLU A CG   1 
ATOM   114  C  CD   . GLU A 1 8  ? 6.12991   -7.72948  -14.64346 1.000 78.04035  ? 7   GLU A CD   1 
ATOM   115  O  OE1  . GLU A 1 8  ? 6.87434   -8.73410  -14.55922 1.000 76.25195  ? 7   GLU A OE1  1 
ATOM   116  O  OE2  . GLU A 1 8  ? 5.66342   -7.32711  -15.73690 1.000 65.33480  ? 7   GLU A OE2  1 
ATOM   117  H  H    . GLU A 1 8  ? 2.08054   -5.74527  -12.78825 1.000 22.55366  ? 7   GLU A H    1 
ATOM   118  H  HA   . GLU A 1 8  ? 3.98843   -6.72037  -11.33665 1.000 28.79911  ? 7   GLU A HA   1 
ATOM   119  H  HB2  . GLU A 1 8  ? 3.76510   -7.11989  -13.68082 1.000 31.03671  ? 7   GLU A HB2  1 
ATOM   120  H  HB3  . GLU A 1 8  ? 4.31520   -5.65172  -13.94020 1.000 31.03671  ? 7   GLU A HB3  1 
ATOM   121  H  HG2  . GLU A 1 8  ? 6.39768   -6.21358  -13.28382 1.000 63.56325  ? 7   GLU A HG2  1 
ATOM   122  H  HG3  . GLU A 1 8  ? 5.89613   -7.56249  -12.60981 1.000 63.56325  ? 7   GLU A HG3  1 
ATOM   123  N  N    . GLU A 1 9  ? 4.32755   -3.58487  -11.95459 1.000 18.93079  ? 8   GLU A N    1 
ATOM   124  C  CA   . GLU A 1 9  ? 5.03943   -2.39450  -11.50862 1.000 13.94624  ? 8   GLU A CA   1 
ATOM   125  C  C    . GLU A 1 9  ? 4.83327   -2.15782  -10.02336 1.000 17.87055  ? 8   GLU A C    1 
ATOM   126  O  O    . GLU A 1 9  ? 5.77950   -1.85041  -9.27566  1.000 15.41789  ? 8   GLU A O    1 
ATOM   127  C  CB   . GLU A 1 9  ? 4.55411   -1.19275  -12.31784 1.000 18.93388  ? 8   GLU A CB   1 
ATOM   128  C  CG   . GLU A 1 9  ? 5.14871   -1.13996  -13.73857 1.000 26.61315  ? 8   GLU A CG   1 
ATOM   129  C  CD   . GLU A 1 9  ? 4.40772   -0.18541  -14.69154 1.000 32.39270  ? 8   GLU A CD   1 
ATOM   130  O  OE1  . GLU A 1 9  ? 3.32284   0.36142   -14.34248 1.000 28.79759  ? 8   GLU A OE1  1 
ATOM   131  O  OE2  . GLU A 1 9  ? 4.90070   0.02093   -15.81370 1.000 37.44045  ? 8   GLU A OE2  1 
ATOM   132  H  H    . GLU A 1 9  ? 3.70383   -3.43476  -12.52734 1.000 22.74062  ? 8   GLU A H    1 
ATOM   133  H  HA   . GLU A 1 9  ? 5.99043   -2.51109  -11.65997 1.000 16.75916  ? 8   GLU A HA   1 
ATOM   134  H  HB2  . GLU A 1 9  ? 3.58860   -1.23808  -12.39944 1.000 22.74432  ? 8   GLU A HB2  1 
ATOM   135  H  HB3  . GLU A 1 9  ? 4.81021   -0.37897  -11.85626 1.000 22.74432  ? 8   GLU A HB3  1 
ATOM   136  H  HG2  . GLU A 1 9  ? 6.06975   -0.84146  -13.67977 1.000 31.95945  ? 8   GLU A HG2  1 
ATOM   137  H  HG3  . GLU A 1 9  ? 5.11210   -2.02904  -14.12470 1.000 31.95945  ? 8   GLU A HG3  1 
ATOM   138  N  N    . LEU A 1 10 ? 3.58293   -2.24412  -9.57622  1.000 16.50659  ? 9   LEU A N    1 
ATOM   139  C  CA   . LEU A 1 10 ? 3.28357   -1.97873  -8.17213  1.000 13.46021  ? 9   LEU A CA   1 
ATOM   140  C  C    . LEU A 1 10 ? 4.07682   -2.91008  -7.26526  1.000 16.29644  ? 9   LEU A C    1 
ATOM   141  O  O    . LEU A 1 10 ? 4.49942   -2.51327  -6.16690  1.000 15.27989  ? 9   LEU A O    1 
ATOM   142  C  CB   . LEU A 1 10 ? 1.78563   -2.14165  -7.92215  1.000 15.39494  ? 9   LEU A CB   1 
ATOM   143  C  CG   . LEU A 1 10 ? 1.35956   -1.93823  -6.47976  1.000 16.67227  ? 9   LEU A CG   1 
ATOM   144  C  CD1  . LEU A 1 10 ? 1.66239   -0.50935  -6.03615  1.000 17.82066  ? 9   LEU A CD1  1 
ATOM   145  C  CD2  . LEU A 1 10 ? -0.12093  -2.25049  -6.34360  1.000 14.12814  ? 9   LEU A CD2  1 
ATOM   146  H  H    . LEU A 1 10 ? 2.89893   -2.45081  -10.05477 1.000 19.83158  ? 9   LEU A H    1 
ATOM   147  H  HA   . LEU A 1 10 ? 3.52824   -1.06412  -7.96113  1.000 16.17593  ? 9   LEU A HA   1 
ATOM   148  H  HB2  . LEU A 1 10 ? 1.31082   -1.49098  -8.46260  1.000 18.49760  ? 9   LEU A HB2  1 
ATOM   149  H  HB3  . LEU A 1 10 ? 1.52638   -3.03997  -8.18046  1.000 18.49760  ? 9   LEU A HB3  1 
ATOM   150  H  HG   . LEU A 1 10 ? 1.85421   -2.53585  -5.89746  1.000 20.03039  ? 9   LEU A HG   1 
ATOM   151  H  HD11 . LEU A 1 10 ? 1.29022   -0.36770  -5.15165  1.000 21.40846  ? 9   LEU A HD11 1 
ATOM   152  H  HD12 . LEU A 1 10 ? 2.62381   -0.38239  -6.01470  1.000 21.40846  ? 9   LEU A HD12 1 
ATOM   153  H  HD13 . LEU A 1 10 ? 1.26109   0.10886   -6.66676  1.000 21.40846  ? 9   LEU A HD13 1 
ATOM   154  H  HD21 . LEU A 1 10 ? -0.38894  -2.11409  -5.42139  1.000 16.97744  ? 9   LEU A HD21 1 
ATOM   155  H  HD22 . LEU A 1 10 ? -0.62332  -1.65853  -6.92507  1.000 16.97744  ? 9   LEU A HD22 1 
ATOM   156  H  HD23 . LEU A 1 10 ? -0.27382  -3.17357  -6.59942  1.000 16.97744  ? 9   LEU A HD23 1 
ATOM   157  N  N    . ALA A 1 11 ? 4.27904   -4.15738  -7.71372  1.000 18.94306  ? 10  ALA A N    1 
ATOM   158  C  CA   . ALA A 1 11 ? 4.94505   -5.14291  -6.88769  1.000 14.41549  ? 10  ALA A CA   1 
ATOM   159  C  C    . ALA A 1 11 ? 6.35919   -4.73028  -6.51101  1.000 14.88084  ? 10  ALA A C    1 
ATOM   160  O  O    . ALA A 1 11 ? 6.88053   -5.21110  -5.50249  1.000 15.19091  ? 10  ALA A O    1 
ATOM   161  C  CB   . ALA A 1 11 ? 4.97330   -6.48384  -7.61500  1.000 18.88109  ? 10  ALA A CB   1 
ATOM   162  H  H    . ALA A 1 11 ? 4.03904   -4.44714  -8.48705  1.000 22.75534  ? 10  ALA A H    1 
ATOM   163  H  HA   . ALA A 1 11 ? 4.44317   -5.24877  -6.06441  1.000 17.32226  ? 10  ALA A HA   1 
ATOM   164  H  HB1  . ALA A 1 11 ? 5.45833   -7.12641  -7.07395  1.000 22.68098  ? 10  ALA A HB1  1 
ATOM   165  H  HB2  . ALA A 1 11 ? 4.06246   -6.78779  -7.75247  1.000 22.68098  ? 10  ALA A HB2  1 
ATOM   166  H  HB3  . ALA A 1 11 ? 5.41663   -6.36997  -8.47022  1.000 22.68098  ? 10  ALA A HB3  1 
ATOM   167  N  N    . LYS A 1 12 ? 6.98220   -3.81779  -7.25081  1.000 19.35094  ? 11  LYS A N    1 
ATOM   168  C  CA   . LYS A 1 12 ? 8.31028   -3.35472  -6.86014  1.000 18.58533  ? 11  LYS A CA   1 
ATOM   169  C  C    . LYS A 1 12 ? 8.28334   -2.53885  -5.57243  1.000 22.80438  ? 11  LYS A C    1 
ATOM   170  O  O    . LYS A 1 12 ? 9.25921   -2.53733  -4.81100  1.000 21.08101  ? 11  LYS A O    1 
ATOM   171  C  CB   . LYS A 1 12 ? 8.90382   -2.51327  -7.97726  1.000 20.36532  ? 11  LYS A CB   1 
ATOM   172  C  CG   . LYS A 1 12 ? 10.41683  -2.44493  -7.97584  1.000 46.08553  ? 11  LYS A CG   1 
ATOM   173  C  CD   . LYS A 1 12 ? 10.89616  -1.55329  -9.12014  1.000 51.36814  ? 11  LYS A CD   1 
ATOM   174  C  CE   . LYS A 1 12 ? 11.93466  -0.53832  -8.66071  1.000 45.22366  ? 11  LYS A CE   1 
ATOM   175  N  NZ   . LYS A 1 12 ? 12.67394  0.06520   -9.81547  1.000 53.83302  ? 11  LYS A NZ   1 
ATOM   176  H  H    . LYS A 1 12 ? 6.66862   -3.45780  -7.96613  1.000 23.24480  ? 11  LYS A H    1 
ATOM   177  H  HA   . LYS A 1 12 ? 8.87193   -4.13134  -6.71073  1.000 22.32606  ? 11  LYS A HA   1 
ATOM   178  H  HB2  . LYS A 1 12 ? 8.62833   -2.89004  -8.82758  1.000 24.46205  ? 11  LYS A HB2  1 
ATOM   179  H  HB3  . LYS A 1 12 ? 8.56949   -1.60668  -7.89218  1.000 24.46205  ? 11  LYS A HB3  1 
ATOM   180  H  HG2  . LYS A 1 12 ? 10.72712  -2.06958  -7.13695  1.000 55.32630  ? 11  LYS A HG2  1 
ATOM   181  H  HG3  . LYS A 1 12 ? 10.78513  -3.33397  -8.09787  1.000 55.32630  ? 11  LYS A HG3  1 
ATOM   182  H  HD2  . LYS A 1 12 ? 11.29795  -2.10624  -9.80841  1.000 61.66544  ? 11  LYS A HD2  1 
ATOM   183  H  HD3  . LYS A 1 12 ? 10.13957  -1.06769  -9.48438  1.000 61.66544  ? 11  LYS A HD3  1 
ATOM   184  H  HE2  . LYS A 1 12 ? 11.49130  0.17631   -8.17734  1.000 54.29206  ? 11  LYS A HE2  1 
ATOM   185  H  HE3  . LYS A 1 12 ? 12.57899  -0.97858  -8.08458  1.000 54.29206  ? 11  LYS A HE3  1 
ATOM   186  H  HZ1  . LYS A 1 12 ? 13.26699  0.65948   -9.52011  1.000 64.62329  ? 11  LYS A HZ1  1 
ATOM   187  H  HZ2  . LYS A 1 12 ? 13.10251  -0.57011  -10.26803 1.000 64.62329  ? 11  LYS A HZ2  1 
ATOM   188  H  HZ3  . LYS A 1 12 ? 12.10299  0.47413   -10.36217 1.000 64.62329  ? 11  LYS A HZ3  1 
ATOM   189  N  N    . TYR A 1 13 ? 7.18978   -1.83332  -5.30887  1.000 18.00070  ? 12  TYR A N    1 
ATOM   190  C  CA   . TYR A 1 13 ? 7.16636   -0.84633  -4.22843  1.000 17.94725  ? 12  TYR A CA   1 
ATOM   191  C  C    . TYR A 1 13 ? 6.60724   -1.49378  -2.96460  1.000 19.11863  ? 12  TYR A C    1 
ATOM   192  O  O    . TYR A 1 13 ? 5.53695   -1.17433  -2.47799  1.000 17.27705  ? 12  TYR A O    1 
ATOM   193  C  CB   . TYR A 1 13 ? 6.40252   0.39717   -4.69125  1.000 12.74707  ? 12  TYR A CB   1 
ATOM   194  C  CG   . TYR A 1 13 ? 6.98063   0.86903   -5.98654  1.000 12.52613  ? 12  TYR A CG   1 
ATOM   195  C  CD1  . TYR A 1 13 ? 8.28855   1.36221   -6.06684  1.000 17.26690  ? 12  TYR A CD1  1 
ATOM   196  C  CD2  . TYR A 1 13 ? 6.27627   0.74912   -7.16233  1.000 22.72332  ? 12  TYR A CD2  1 
ATOM   197  C  CE1  . TYR A 1 13 ? 8.83882   1.74366   -7.25902  1.000 21.63761  ? 12  TYR A CE1  1 
ATOM   198  C  CE2  . TYR A 1 13 ? 6.82752   1.14661   -8.36369  1.000 19.37066  ? 12  TYR A CE2  1 
ATOM   199  C  CZ   . TYR A 1 13 ? 8.10129   1.64345   -8.39317  1.000 25.37321  ? 12  TYR A CZ   1 
ATOM   200  O  OH   . TYR A 1 13 ? 8.65410   1.99625   -9.59294  1.000 21.44677  ? 12  TYR A OH   1 
ATOM   201  H  H    . TYR A 1 13 ? 6.44882   -1.90603  -5.73933  1.000 21.62451  ? 12  TYR A H    1 
ATOM   202  H  HA   . TYR A 1 13 ? 8.06637   -0.55795  -4.00996  1.000 21.56037  ? 12  TYR A HA   1 
ATOM   203  H  HB2  . TYR A 1 13 ? 5.46657   0.17943   -4.82351  1.000 15.32015  ? 12  TYR A HB2  1 
ATOM   204  H  HB3  . TYR A 1 13 ? 6.48896   1.10245   -4.03095  1.000 15.32015  ? 12  TYR A HB3  1 
ATOM   205  H  HD1  . TYR A 1 13 ? 8.79546   1.43205   -5.29027  1.000 20.74395  ? 12  TYR A HD1  1 
ATOM   206  H  HD2  . TYR A 1 13 ? 5.41640   0.39515   -7.14744  1.000 27.29165  ? 12  TYR A HD2  1 
ATOM   207  H  HE1  . TYR A 1 13 ? 9.70964   2.06842   -7.29203  1.000 25.98880  ? 12  TYR A HE1  1 
ATOM   208  H  HE2  . TYR A 1 13 ? 6.33500   1.07689   -9.14947  1.000 23.26847  ? 12  TYR A HE2  1 
ATOM   209  H  HH   . TYR A 1 13 ? 8.08675   1.91180   -10.20660 1.000 25.75980  ? 12  TYR A HH   1 
ATOM   210  N  N    . ASN A 1 14 ? 7.40431   -2.42430  -2.42922  1.000 19.38564  ? 13  ASN A N    1 
ATOM   211  C  CA   . ASN A 1 14 ? 6.99859   -3.24486  -1.29931  1.000 20.03225  ? 13  ASN A CA   1 
ATOM   212  C  C    . ASN A 1 14 ? 7.70746   -2.84485  -0.01593  1.000 16.27480  ? 13  ASN A C    1 
ATOM   213  O  O    . ASN A 1 14 ? 7.72423   -3.59624  0.94996   1.000 21.47684  ? 13  ASN A O    1 
ATOM   214  C  CB   . ASN A 1 14 ? 7.26718   -4.71216  -1.58447  1.000 21.89756  ? 13  ASN A CB   1 
ATOM   215  C  CG   . ASN A 1 14 ? 8.74626   -5.01189  -1.68295  1.000 30.93236  ? 13  ASN A CG   1 
ATOM   216  O  OD1  . ASN A 1 14 ? 9.57695   -4.11618  -1.60253  1.000 21.77028  ? 13  ASN A OD1  1 
ATOM   217  N  ND2  . ASN A 1 14 ? 9.08961   -6.28368  -1.83223  1.000 30.11985  ? 13  ASN A ND2  1 
ATOM   218  H  H    . ASN A 1 14 ? 8.19746   -2.59578  -2.71403  1.000 23.28644  ? 13  ASN A H    1 
ATOM   219  H  HA   . ASN A 1 14 ? 6.04436   -3.12623  -1.17183  1.000 24.06237  ? 13  ASN A HA   1 
ATOM   220  H  HB2  . ASN A 1 14 ? 6.89675   -5.24914  -0.86660  1.000 26.30074  ? 13  ASN A HB2  1 
ATOM   221  H  HB3  . ASN A 1 14 ? 6.85266   -4.95387  -2.42747  1.000 26.30074  ? 13  ASN A HB3  1 
ATOM   222  H  HD21 . ASN A 1 14 ? 9.91956   -6.50078  -1.89263  1.000 36.16749  ? 13  ASN A HD21 1 
ATOM   223  H  HD22 . ASN A 1 14 ? 8.48238   -6.89159  -1.86867  1.000 36.16749  ? 13  ASN A HD22 1 
ATOM   224  N  N    . GLY A 1 15 ? 8.29610   -1.66627  0.02461   1.000 18.74524  ? 14  GLY A N    1 
ATOM   225  C  CA   . GLY A 1 15 ? 8.85020   -1.20869  1.27708   1.000 16.31787  ? 14  GLY A CA   1 
ATOM   226  C  C    . GLY A 1 15 ? 10.17960  -1.80691  1.66058   1.000 18.36848  ? 14  GLY A C    1 
ATOM   227  O  O    . GLY A 1 15 ? 10.65169  -1.54898  2.77133   1.000 23.10565  ? 14  GLY A O    1 
ATOM   228  H  H    . GLY A 1 15 ? 8.38436   -1.12895  -0.64104  1.000 22.51796  ? 14  GLY A H    1 
ATOM   229  H  HA2  . GLY A 1 15 ? 8.96553   -0.24677  1.22890   1.000 19.60512  ? 14  GLY A HA2  1 
ATOM   230  H  HA3  . GLY A 1 15 ? 8.22100   -1.41622  1.98555   1.000 19.60512  ? 14  GLY A HA3  1 
ATOM   231  N  N    . LYS A 1 16 ? 10.80634  -2.57432  0.77846   1.000 22.04478  ? 15  LYS A N    1 
ATOM   232  C  CA   . LYS A 1 16 ? 12.05906  -3.23878  1.10058   1.000 29.52865  ? 15  LYS A CA   1 
ATOM   233  C  C    . LYS A 1 16 ? 13.16044  -2.85501  0.12057   1.000 24.67314  ? 15  LYS A C    1 
ATOM   234  O  O    . LYS A 1 16 ? 12.89799  -2.53791  -1.05222  1.000 26.61810  ? 15  LYS A O    1 
ATOM   235  C  CB   . LYS A 1 16 ? 11.86537  -4.76487  1.10089   1.000 26.52907  ? 15  LYS A CB   1 
ATOM   236  C  CG   . LYS A 1 16 ? 10.91401  -5.23808  2.22027   1.000 27.71957  ? 15  LYS A CG   1 
ATOM   237  C  CD   . LYS A 1 16 ? 10.61756  -6.71806  2.06896   1.000 31.98549  ? 15  LYS A CD   1 
ATOM   238  C  CE   . LYS A 1 16 ? 9.47401   -7.17757  2.98056   1.000 39.61068  ? 15  LYS A CE   1 
ATOM   239  N  NZ   . LYS A 1 16 ? 9.85148   -7.10372  4.42240   1.000 50.97684  ? 15  LYS A NZ   1 
ATOM   240  H  H    . LYS A 1 16 ? 10.52094  -2.72472  -0.01874  1.000 26.47740  ? 15  LYS A H    1 
ATOM   241  H  HA   . LYS A 1 16 ? 12.35653  -2.95203  1.97819   1.000 35.45805  ? 15  LYS A HA   1 
ATOM   242  H  HB2  . LYS A 1 16 ? 11.48819  -5.03655  0.24953   1.000 31.85855  ? 15  LYS A HB2  1 
ATOM   243  H  HB3  . LYS A 1 16 ? 12.72527  -5.19335  1.23464   1.000 31.85855  ? 15  LYS A HB3  1 
ATOM   244  H  HG2  . LYS A 1 16 ? 11.32971  -5.09215  3.08445   1.000 33.28716  ? 15  LYS A HG2  1 
ATOM   245  H  HG3  . LYS A 1 16 ? 10.07877  -4.74776  2.16686   1.000 33.28716  ? 15  LYS A HG3  1 
ATOM   246  H  HD2  . LYS A 1 16 ? 10.36279  -6.89947  1.15076   1.000 38.40626  ? 15  LYS A HD2  1 
ATOM   247  H  HD3  . LYS A 1 16 ? 11.41045  -7.22683  2.29996   1.000 38.40626  ? 15  LYS A HD3  1 
ATOM   248  H  HE2  . LYS A 1 16 ? 8.70262   -6.60682  2.83879   1.000 47.55649  ? 15  LYS A HE2  1 
ATOM   249  H  HE3  . LYS A 1 16 ? 9.24866   -8.09774  2.77221   1.000 47.55649  ? 15  LYS A HE3  1 
ATOM   250  H  HZ1  . LYS A 1 16 ? 9.35080   -7.66576  4.89731   1.000 61.19588  ? 15  LYS A HZ1  1 
ATOM   251  H  HZ2  . LYS A 1 16 ? 10.70796  -7.32309  4.52446   1.000 61.19588  ? 15  LYS A HZ2  1 
ATOM   252  H  HZ3  . LYS A 1 16 ? 9.72666   -6.27713  4.72779   1.000 61.19588  ? 15  LYS A HZ3  1 
ATOM   253  N  N    . ASP A 1 17 ? 14.40066  -2.92095  0.59746   1.000 36.79244  ? 16  ASP A N    1 
ATOM   254  C  CA   . ASP A 1 17 ? 15.56930  -2.85614  -0.27975  1.000 32.04967  ? 16  ASP A CA   1 
ATOM   255  C  C    . ASP A 1 17 ? 15.70133  -1.47985  -0.94720  1.000 25.65955  ? 16  ASP A C    1 
ATOM   256  O  O    . ASP A 1 17 ? 16.13833  -1.36526  -2.09349  1.000 23.03606  ? 16  ASP A O    1 
ATOM   257  C  CB   . ASP A 1 17 ? 15.52290  -3.95085  -1.35282  1.000 50.10804  ? 16  ASP A CB   1 
ATOM   258  C  CG   . ASP A 1 17 ? 15.42635  -5.37693  -0.77764  1.000 55.47167  ? 16  ASP A CG   1 
ATOM   259  O  OD1  . ASP A 1 17 ? 16.11661  -5.71689  0.22069   1.000 53.28963  ? 16  ASP A OD1  1 
ATOM   260  O  OD2  . ASP A 1 17 ? 14.65932  -6.16630  -1.37195  1.000 47.40013  ? 16  ASP A OD2  1 
ATOM   261  H  H    . ASP A 1 17 ? 14.59278  -3.00392  1.43161   1.000 44.17460  ? 16  ASP A H    1 
ATOM   262  H  HA   . ASP A 1 17 ? 16.35740  -2.99414  0.26865   1.000 38.48328  ? 16  ASP A HA   1 
ATOM   263  H  HB2  . ASP A 1 17 ? 14.74583  -3.80500  -1.91477  1.000 60.15333  ? 16  ASP A HB2  1 
ATOM   264  H  HB3  . ASP A 1 17 ? 16.33184  -3.90067  -1.88574  1.000 60.15333  ? 16  ASP A HB3  1 
ATOM   265  N  N    . GLY A 1 18 ? 15.34845  -0.43116  -0.23680  1.000 18.85332  ? 17  GLY A N    1 
ATOM   266  C  CA   . GLY A 1 18 ? 15.43181  0.89242   -0.82734  1.000 19.38792  ? 17  GLY A CA   1 
ATOM   267  C  C    . GLY A 1 18 ? 14.20404  1.32020   -1.63155  1.000 19.69029  ? 17  GLY A C    1 
ATOM   268  O  O    . GLY A 1 18 ? 14.20146  2.43165   -2.17085  1.000 14.85092  ? 17  GLY A O    1 
ATOM   269  H  H    . GLY A 1 18 ? 15.06257  -0.45585  0.57392   1.000 22.64766  ? 17  GLY A H    1 
ATOM   270  H  HA2  . GLY A 1 18 ? 15.56034  1.54092   -0.11753  1.000 23.28918  ? 17  GLY A HA2  1 
ATOM   271  H  HA3  . GLY A 1 18 ? 16.19789  0.91885   -1.42176  1.000 23.28918  ? 17  GLY A HA3  1 
ATOM   272  N  N    . GLU A 1 19 ? 13.17853  0.46390   -1.74581  1.000 21.93762  ? 18  GLU A N    1 
ATOM   273  C  CA   . GLU A 1 19 ? 11.91996  0.84395   -2.37649  1.000 14.22931  ? 18  GLU A CA   1 
ATOM   274  C  C    . GLU A 1 19 ? 10.92220  1.37018   -1.35038  1.000 14.75287  ? 18  GLU A C    1 
ATOM   275  O  O    . GLU A 1 19 ? 10.84955  0.88781   -0.22293  1.000 15.38782  ? 18  GLU A O    1 
ATOM   276  C  CB   . GLU A 1 19 ? 11.31902  -0.34903  -3.12962  1.000 16.17431  ? 18  GLU A CB   1 
ATOM   277  C  CG   . GLU A 1 19 ? 12.28280  -1.09184  -4.01844  1.000 31.74728  ? 18  GLU A CG   1 
ATOM   278  C  CD   . GLU A 1 19 ? 12.76863  -0.21038  -5.07409  1.000 33.62676  ? 18  GLU A CD   1 
ATOM   279  O  OE1  . GLU A 1 19 ? 11.93454  0.58906   -5.55504  1.000 35.34453  ? 18  GLU A OE1  1 
ATOM   280  O  OE2  . GLU A 1 19 ? 13.97436  -0.26510  -5.37981  1.000 28.28970  ? 18  GLU A OE2  1 
ATOM   281  H  H    . GLU A 1 19 ? 13.19425  -0.34756  -1.46144  1.000 26.34882  ? 18  GLU A H    1 
ATOM   282  H  HA   . GLU A 1 19 ? 12.08979  1.55876   -3.00982  1.000 17.09885  ? 18  GLU A HA   1 
ATOM   283  H  HB2  . GLU A 1 19 ? 10.97654  -0.98181  -2.47907  1.000 19.43285  ? 18  GLU A HB2  1 
ATOM   284  H  HB3  . GLU A 1 19 ? 10.59644  -0.02575  -3.69022  1.000 19.43285  ? 18  GLU A HB3  1 
ATOM   285  H  HG2  . GLU A 1 19 ? 13.04001  -1.39804  -3.49521  1.000 38.12041  ? 18  GLU A HG2  1 
ATOM   286  H  HG3  . GLU A 1 19 ? 11.83381  -1.84863  -4.42658  1.000 38.12041  ? 18  GLU A HG3  1 
ATOM   287  N  N    . LYS A 1 20 ? 10.14555  2.36499   -1.74985  1.000 18.83553  ? 19  LYS A N    1 
ATOM   288  C  CA   . LYS A 1 20 ? 9.05350   2.86358   -0.91584  1.000 19.29723  ? 19  LYS A CA   1 
ATOM   289  C  C    . LYS A 1 20 ? 7.97485   1.79580   -0.74996  1.000 13.38302  ? 19  LYS A C    1 
ATOM   290  O  O    . LYS A 1 20 ? 7.94011   0.80076   -1.47537  1.000 13.75339  ? 19  LYS A O    1 
ATOM   291  C  CB   . LYS A 1 20 ? 8.43806   4.11429   -1.53452  1.000 15.79519  ? 19  LYS A CB   1 
ATOM   292  C  CG   . LYS A 1 20 ? 9.33100   5.36520   -1.35734  1.000 19.37875  ? 19  LYS A CG   1 
ATOM   293  C  CD   . LYS A 1 20 ? 8.65989   6.59647   -1.93111  1.000 15.56390  ? 19  LYS A CD   1 
ATOM   294  C  CE   . LYS A 1 20 ? 9.57096   7.83932   -1.74015  1.000 19.33588  ? 19  LYS A CE   1 
ATOM   295  N  NZ   . LYS A 1 20 ? 8.89397   9.09261   -2.12210  1.000 23.61785  ? 19  LYS A NZ   1 
ATOM   296  H  H    . LYS A 1 20 ? 10.22554  2.77417   -2.50203  1.000 22.62631  ? 19  LYS A H    1 
ATOM   297  H  HA   . LYS A 1 20 ? 9.40035   3.09203   -0.03924  1.000 23.18034  ? 19  LYS A HA   1 
ATOM   298  H  HB2  . LYS A 1 20 ? 8.31063   3.96733   -2.48482  1.000 18.97791  ? 19  LYS A HB2  1 
ATOM   299  H  HB3  . LYS A 1 20 ? 7.58455   4.29073   -1.10873  1.000 18.97791  ? 19  LYS A HB3  1 
ATOM   300  H  HG2  . LYS A 1 20 ? 9.49285   5.51572   -0.41286  1.000 23.27817  ? 19  LYS A HG2  1 
ATOM   301  H  HG3  . LYS A 1 20 ? 10.17239  5.23005   -1.82070  1.000 23.27817  ? 19  LYS A HG3  1 
ATOM   302  H  HD2  . LYS A 1 20 ? 8.50174   6.47005   -2.87974  1.000 18.70036  ? 19  LYS A HD2  1 
ATOM   303  H  HD3  . LYS A 1 20 ? 7.81961   6.75389   -1.47278  1.000 18.70036  ? 19  LYS A HD3  1 
ATOM   304  H  HE2  . LYS A 1 20 ? 9.82599   7.90646   -0.80669  1.000 23.22673  ? 19  LYS A HE2  1 
ATOM   305  H  HE3  . LYS A 1 20 ? 10.36145  7.74245   -2.29389  1.000 23.22673  ? 19  LYS A HE3  1 
ATOM   306  H  HZ1  . LYS A 1 20 ? 9.43756   9.78477   -1.98971  1.000 28.36509  ? 19  LYS A HZ1  1 
ATOM   307  H  HZ2  . LYS A 1 20 ? 8.66527   9.06526   -2.98178  1.000 28.36509  ? 19  LYS A HZ2  1 
ATOM   308  H  HZ3  . LYS A 1 20 ? 8.15990   9.20385   -1.63132  1.000 28.36509  ? 19  LYS A HZ3  1 
ATOM   309  N  N    . CYS A 1 21 ? 7.10074   2.00987   0.22105   1.000 15.84341  ? 20  CYS A N    1 
ATOM   310  C  CA   . CYS A 1 21 ? 6.02712   1.06385   0.51872   1.000 17.01612  ? 20  CYS A CA   1 
ATOM   311  C  C    . CYS A 1 21 ? 4.69794   1.62738   0.01888   1.000 16.88067  ? 20  CYS A C    1 
ATOM   312  O  O    . CYS A 1 21 ? 4.12972   2.54904   0.62291   1.000 13.08473  ? 20  CYS A O    1 
ATOM   313  C  CB   . CYS A 1 21 ? 5.95487   0.74323   2.00678   1.000 19.83258  ? 20  CYS A CB   1 
ATOM   314  S  SG   . CYS A 1 21 ? 4.78605   -0.66359  2.33103   1.000 19.47211  ? 20  CYS A SG   1 
ATOM   315  H  H    . CYS A 1 21 ? 7.10805   2.70429   0.72834   1.000 19.03576  ? 20  CYS A H    1 
ATOM   316  H  HA   . CYS A 1 21 ? 6.21348   0.24698   0.02996   1.000 20.44301  ? 20  CYS A HA   1 
ATOM   317  H  HB2  . CYS A 1 21 ? 6.83575   0.49078   2.32494   1.000 23.82277  ? 20  CYS A HB2  1 
ATOM   318  H  HB3  . CYS A 1 21 ? 5.63879   1.52312   2.48925   1.000 23.82277  ? 20  CYS A HB3  1 
ATOM   319  H  HG   . CYS A 1 21 ? 3.66874   -0.31090  2.07181   1.000 23.39020  ? 20  CYS A HG   1 
ATOM   320  N  N    . TYR A 1 22 ? 4.25379   1.09558   -1.12884  1.000 13.11139  ? 21  TYR A N    1 
ATOM   321  C  CA   . TYR A 1 22 ? 2.97013   1.41738   -1.74711  1.000 10.85737  ? 21  TYR A CA   1 
ATOM   322  C  C    . TYR A 1 22 ? 2.03496   0.22860   -1.60874  1.000 16.05247  ? 21  TYR A C    1 
ATOM   323  O  O    . TYR A 1 22 ? 2.49699   -0.90882  -1.48359  1.000 14.97851  ? 21  TYR A O    1 
ATOM   324  C  CB   . TYR A 1 22 ? 3.11266   1.69766   -3.24248  1.000 13.24756  ? 21  TYR A CB   1 
ATOM   325  C  CG   . TYR A 1 22 ? 3.90952   2.93137   -3.61323  1.000 13.63591  ? 21  TYR A CG   1 
ATOM   326  C  CD1  . TYR A 1 22 ? 4.31785   3.87000   -2.65378  1.000 15.68543  ? 21  TYR A CD1  1 
ATOM   327  C  CD2  . TYR A 1 22 ? 4.22928   3.16174   -4.92763  1.000 13.25727  ? 21  TYR A CD2  1 
ATOM   328  C  CE1  . TYR A 1 22 ? 5.03264   5.02399   -3.03991  1.000 14.20901  ? 21  TYR A CE1  1 
ATOM   329  C  CE2  . TYR A 1 22 ? 4.91852   4.28486   -5.31241  1.000 13.25417  ? 21  TYR A CE2  1 
ATOM   330  C  CZ   . TYR A 1 22 ? 5.32450   5.19799   -4.37292  1.000 15.54477  ? 21  TYR A CZ   1 
ATOM   331  O  OH   . TYR A 1 22 ? 5.99565   6.26703   -4.85838  1.000 17.62254  ? 21  TYR A OH   1 
ATOM   332  H  H    . TYR A 1 22 ? 4.70389   0.52056   -1.58313  1.000 15.75735  ? 21  TYR A H    1 
ATOM   333  H  HA   . TYR A 1 22 ? 2.60509   2.20103   -1.30718  1.000 13.05251  ? 21  TYR A HA   1 
ATOM   334  H  HB2  . TYR A 1 22 ? 3.55396   0.93750   -3.65274  1.000 15.92074  ? 21  TYR A HB2  1 
ATOM   335  H  HB3  . TYR A 1 22 ? 2.22439   1.80717   -3.61647  1.000 15.92074  ? 21  TYR A HB3  1 
ATOM   336  H  HD1  . TYR A 1 22 ? 4.11599   3.73073   -1.75669  1.000 18.84619  ? 21  TYR A HD1  1 
ATOM   337  H  HD2  . TYR A 1 22 ? 3.97315   2.54270   -5.57268  1.000 15.93240  ? 21  TYR A HD2  1 
ATOM   338  H  HE1  . TYR A 1 22 ? 5.30004   5.65192   -2.40817  1.000 17.07449  ? 21  TYR A HE1  1 
ATOM   339  H  HE2  . TYR A 1 22 ? 5.11044   4.42676   -6.21126  1.000 15.92867  ? 21  TYR A HE2  1 
ATOM   340  H  HH   . TYR A 1 22 ? 6.22027   6.77546   -4.22858  1.000 21.17072  ? 21  TYR A HH   1 
ATOM   341  N  N    . PHE A 1 23 ? 0.72737   0.49428   -1.61552  1.000 12.58372  ? 22  PHE A N    1 
ATOM   342  C  CA   . PHE A 1 23 ? -0.24926  -0.56856  -1.85289  1.000 10.73213  ? 22  PHE A CA   1 
ATOM   343  C  C    . PHE A 1 23 ? -1.42541  0.00503   -2.63719  1.000 11.45419  ? 22  PHE A C    1 
ATOM   344  O  O    . PHE A 1 23 ? -1.55001  1.20859   -2.81564  1.000 13.82530  ? 22  PHE A O    1 
ATOM   345  C  CB   . PHE A 1 23 ? -0.71567  -1.27309  -0.55675  1.000 13.18590  ? 22  PHE A CB   1 
ATOM   346  C  CG   . PHE A 1 23 ? -1.29842  -0.36859  0.47855   1.000 15.58442  ? 22  PHE A CG   1 
ATOM   347  C  CD1  . PHE A 1 23 ? -2.50773  0.26905   0.26176   1.000 15.06699  ? 22  PHE A CD1  1 
ATOM   348  C  CD2  . PHE A 1 23 ? -0.64196  -0.17321  1.70076   1.000 16.54712  ? 22  PHE A CD2  1 
ATOM   349  C  CE1  . PHE A 1 23 ? -3.04494  1.12055   1.22177   1.000 13.96143  ? 22  PHE A CE1  1 
ATOM   350  C  CE2  . PHE A 1 23 ? -1.19043  0.65003   2.67468   1.000 14.34169  ? 22  PHE A CE2  1 
ATOM   351  C  CZ   . PHE A 1 23 ? -2.37727  1.32178   2.41496   1.000 17.39333  ? 22  PHE A CZ   1 
ATOM   352  H  H    . PHE A 1 23 ? 0.38576   1.27294   -1.48667  1.000 15.12413  ? 22  PHE A H    1 
ATOM   353  H  HA   . PHE A 1 23 ? 0.17596   -1.24978  -2.39699  1.000 12.90223  ? 22  PHE A HA   1 
ATOM   354  H  HB2  . PHE A 1 23 ? -1.39536  -1.92494  -0.78913  1.000 15.84675  ? 22  PHE A HB2  1 
ATOM   355  H  HB3  . PHE A 1 23 ? 0.04805   -1.71815  -0.15732  1.000 15.84675  ? 22  PHE A HB3  1 
ATOM   356  H  HD1  . PHE A 1 23 ? -2.96629  0.12659   -0.53468  1.000 18.10406  ? 22  PHE A HD1  1 
ATOM   357  H  HD2  . PHE A 1 23 ? 0.16905   -0.59916  1.86114   1.000 19.88022  ? 22  PHE A HD2  1 
ATOM   358  H  HE1  . PHE A 1 23 ? -3.85205  1.55368   1.06090   1.000 16.77739  ? 22  PHE A HE1  1 
ATOM   359  H  HE2  . PHE A 1 23 ? -0.76557  0.75089   3.49579   1.000 17.23370  ? 22  PHE A HE2  1 
ATOM   360  H  HZ   . PHE A 1 23 ? -2.72445  1.90960   3.04648   1.000 20.89567  ? 22  PHE A HZ   1 
ATOM   361  N  N    . ALA A 1 24 ? -2.27443  -0.86824  -3.14779  1.000 15.04903  ? 23  ALA A N    1 
ATOM   362  C  CA   . ALA A 1 24 ? -3.48134  -0.42224  -3.82488  1.000 11.15616  ? 23  ALA A CA   1 
ATOM   363  C  C    . ALA A 1 24 ? -4.70269  -0.74740  -2.97905  1.000 13.89416  ? 23  ALA A C    1 
ATOM   364  O  O    . ALA A 1 24 ? -4.73459  -1.72164  -2.22565  1.000 13.84646  ? 23  ALA A O    1 
ATOM   365  C  CB   . ALA A 1 24 ? -3.59770  -1.04373  -5.21272  1.000 13.55744  ? 23  ALA A CB   1 
ATOM   366  H  H    . ALA A 1 24 ? -2.17335  -1.72163  -3.11466  1.000 18.08250  ? 23  ALA A H    1 
ATOM   367  H  HA   . ALA A 1 24 ? -3.45557  0.54020   -3.94289  1.000 13.41106  ? 23  ALA A HA   1 
ATOM   368  H  HB1  . ALA A 1 24 ? -4.53434  -1.08932  -5.46080  1.000 16.29260  ? 23  ALA A HB1  1 
ATOM   369  H  HB2  . ALA A 1 24 ? -3.11391  -0.49222  -5.84729  1.000 16.29260  ? 23  ALA A HB2  1 
ATOM   370  H  HB3  . ALA A 1 24 ? -3.21715  -1.93573  -5.19221  1.000 16.29260  ? 23  ALA A HB3  1 
ATOM   371  N  N    . TYR A 1 25 ? -5.68339  0.13444   -3.07193  1.000 13.92347  ? 24  TYR A N    1 
ATOM   372  C  CA   . TYR A 1 25 ? -6.96756  -0.03846  -2.41391  1.000 15.68974  ? 24  TYR A CA   1 
ATOM   373  C  C    . TYR A 1 25 ? -8.02525  0.60206   -3.29880  1.000 15.14194  ? 24  TYR A C    1 
ATOM   374  O  O    . TYR A 1 25 ? -7.97025  1.81420   -3.53986  1.000 13.08418  ? 24  TYR A O    1 
ATOM   375  C  CB   . TYR A 1 25 ? -6.96760  0.58744   -1.02620  1.000 11.62913  ? 24  TYR A CB   1 
ATOM   376  C  CG   . TYR A 1 25 ? -8.30328  0.47410   -0.32017  1.000 10.88045  ? 24  TYR A CG   1 
ATOM   377  C  CD1  . TYR A 1 25 ? -8.67990  -0.70867  0.26546   1.000 15.70087  ? 24  TYR A CD1  1 
ATOM   378  C  CD2  . TYR A 1 25 ? -9.17973  1.55186   -0.24708  1.000 16.01328  ? 24  TYR A CD2  1 
ATOM   379  C  CE1  . TYR A 1 25 ? -9.88090  -0.82972  0.93309   1.000 19.00635  ? 24  TYR A CE1  1 
ATOM   380  C  CE2  . TYR A 1 25 ? -10.41180 1.44334   0.42214   1.000 13.69950  ? 24  TYR A CE2  1 
ATOM   381  C  CZ   . TYR A 1 25 ? -10.74539 0.22325   0.99743   1.000 19.95536  ? 24  TYR A CZ   1 
ATOM   382  O  OH   . TYR A 1 25 ? -11.91678 0.05232   1.67522   1.000 22.29262  ? 24  TYR A OH   1 
ATOM   383  H  H    . TYR A 1 25 ? -5.62893  0.86403   -3.52397  1.000 16.73184  ? 24  TYR A H    1 
ATOM   384  H  HA   . TYR A 1 25 ? -7.16610  -0.98257  -2.31321  1.000 18.85136  ? 24  TYR A HA   1 
ATOM   385  H  HB2  . TYR A 1 25 ? -6.30242  0.14011   -0.47999  1.000 13.97863  ? 24  TYR A HB2  1 
ATOM   386  H  HB3  . TYR A 1 25 ? -6.75162  1.52966   -1.10673  1.000 13.97863  ? 24  TYR A HB3  1 
ATOM   387  H  HD1  . TYR A 1 25 ? -8.11334  -1.44415  0.21100   1.000 18.86472  ? 24  TYR A HD1  1 
ATOM   388  H  HD2  . TYR A 1 25 ? -8.94685  2.35816   -0.64774  1.000 19.23961  ? 24  TYR A HD2  1 
ATOM   389  H  HE1  . TYR A 1 25 ? -10.10268 -1.63492  1.34217   1.000 22.83129  ? 24  TYR A HE1  1 
ATOM   390  H  HE2  . TYR A 1 25 ? -10.98912 2.17029   0.47830   1.000 16.46307  ? 24  TYR A HE2  1 
ATOM   391  H  HH   . TYR A 1 25 ? -12.35762 0.76733   1.67187   1.000 26.77481  ? 24  TYR A HH   1 
ATOM   392  N  N    . LYS A 1 26 ? -8.94480  -0.22115  -3.82751  1.000 13.48741  ? 25  LYS A N    1 
ATOM   393  C  CA   . LYS A 1 26 ? -10.02442 0.27535   -4.67196  1.000 15.18979  ? 25  LYS A CA   1 
ATOM   394  C  C    . LYS A 1 26 ? -9.49321  1.20899   -5.75440  1.000 16.47662  ? 25  LYS A C    1 
ATOM   395  O  O    . LYS A 1 26 ? -9.94790  2.33997   -5.92113  1.000 13.32540  ? 25  LYS A O    1 
ATOM   396  C  CB   . LYS A 1 26 ? -11.08962 0.95335   -3.79331  1.000 16.15254  ? 25  LYS A CB   1 
ATOM   397  C  CG   . LYS A 1 26 ? -11.76122 -0.08826  -2.85007  1.000 19.84354  ? 25  LYS A CG   1 
ATOM   398  C  CD   . LYS A 1 26 ? -12.93241 0.48028   -2.07510  1.000 27.06263  ? 25  LYS A CD   1 
ATOM   399  C  CE   . LYS A 1 26 ? -13.72140 -0.62802  -1.35179  1.000 28.39764  ? 25  LYS A CE   1 
ATOM   400  N  NZ   . LYS A 1 26 ? -14.61521 -0.06804  -0.31905  1.000 43.63221  ? 25  LYS A NZ   1 
ATOM   401  H  H    . LYS A 1 26 ? -8.95712  -1.07246  -3.70611  1.000 16.20857  ? 25  LYS A H    1 
ATOM   402  H  HA   . LYS A 1 26 ? -10.44074 -0.46653  -5.13800  1.000 18.25142  ? 25  LYS A HA   1 
ATOM   403  H  HB2  . LYS A 1 26 ? -10.67268 1.64016   -3.24984  1.000 19.40671  ? 25  LYS A HB2  1 
ATOM   404  H  HB3  . LYS A 1 26 ? -11.77345 1.34659   -4.35779  1.000 19.40671  ? 25  LYS A HB3  1 
ATOM   405  H  HG2  . LYS A 1 26 ? -12.08795 -0.83065  -3.38203  1.000 23.83593  ? 25  LYS A HG2  1 
ATOM   406  H  HG3  . LYS A 1 26 ? -11.10440 -0.40292  -2.20939  1.000 23.83593  ? 25  LYS A HG3  1 
ATOM   407  H  HD2  . LYS A 1 26 ? -12.60450 1.10515   -1.40959  1.000 32.49883  ? 25  LYS A HD2  1 
ATOM   408  H  HD3  . LYS A 1 26 ? -13.53362 0.93274   -2.68726  1.000 32.49883  ? 25  LYS A HD3  1 
ATOM   409  H  HE2  . LYS A 1 26 ? -14.26347 -1.10943  -1.99623  1.000 34.10084  ? 25  LYS A HE2  1 
ATOM   410  H  HE3  . LYS A 1 26 ? -13.10020 -1.23579  -0.92094  1.000 34.10084  ? 25  LYS A HE3  1 
ATOM   411  H  HZ1  . LYS A 1 26 ? -15.07081 -0.72230  0.07651   1.000 52.38233  ? 25  LYS A HZ1  1 
ATOM   412  H  HZ2  . LYS A 1 26 ? -14.13752 0.36370   0.29537   1.000 52.38233  ? 25  LYS A HZ2  1 
ATOM   413  H  HZ3  . LYS A 1 26 ? -15.19025 0.50093   -0.69015  1.000 52.38233  ? 25  LYS A HZ3  1 
ATOM   414  N  N    . GLY A 1 27 ? -8.48559  0.72397   -6.48151  1.000 15.02330  ? 26  GLY A N    1 
ATOM   415  C  CA   . GLY A 1 27 ? -7.93586  1.43039   -7.60847  1.000 16.65544  ? 26  GLY A CA   1 
ATOM   416  C  C    . GLY A 1 27 ? -6.90730  2.47449   -7.29705  1.000 18.11819  ? 26  GLY A C    1 
ATOM   417  O  O    . GLY A 1 27 ? -6.21274  2.92531   -8.22728  1.000 16.88380  ? 26  GLY A O    1 
ATOM   418  H  H    . GLY A 1 27 ? -8.10316  -0.03091  -6.32821  1.000 18.05163  ? 26  GLY A H    1 
ATOM   419  H  HA2  . GLY A 1 27 ? -7.52249  0.78390   -8.20182  1.000 20.01020  ? 26  GLY A HA2  1 
ATOM   420  H  HA3  . GLY A 1 27 ? -8.66254  1.86982   -8.07724  1.000 20.01020  ? 26  GLY A HA3  1 
ATOM   421  N  N    . LYS A 1 28 ? -6.77744  2.88838   -6.03553  1.000 13.68852  ? 27  LYS A N    1 
ATOM   422  C  CA   . LYS A 1 28 ? -5.85800  3.95633   -5.64012  1.000 15.52721  ? 27  LYS A CA   1 
ATOM   423  C  C    . LYS A 1 28 ? -4.56235  3.35567   -5.10572  1.000 14.40658  ? 27  LYS A C    1 
ATOM   424  O  O    . LYS A 1 28 ? -4.59324  2.37970   -4.34935  1.000 13.51150  ? 27  LYS A O    1 
ATOM   425  C  CB   . LYS A 1 28 ? -6.47722  4.84319   -4.55897  1.000 14.78334  ? 27  LYS A CB   1 
ATOM   426  C  CG   . LYS A 1 28 ? -7.78782  5.47381   -4.95153  1.000 16.08999  ? 27  LYS A CG   1 
ATOM   427  C  CD   . LYS A 1 28 ? -8.52330  6.00767   -3.73913  1.000 15.61843  ? 27  LYS A CD   1 
ATOM   428  C  CE   . LYS A 1 28 ? -9.29706  4.91265   -3.00903  1.000 16.83583  ? 27  LYS A CE   1 
ATOM   429  N  NZ   . LYS A 1 28 ? -10.51024 4.43137   -3.75743  1.000 29.63955  ? 27  LYS A NZ   1 
ATOM   430  H  H    . LYS A 1 28 ? -7.22165  2.55762   -5.37760  1.000 16.44989  ? 27  LYS A H    1 
ATOM   431  H  HA   . LYS A 1 28 ? -5.65825  4.50403   -6.41538  1.000 18.65632  ? 27  LYS A HA   1 
ATOM   432  H  HB2  . LYS A 1 28 ? -6.63564  4.30351   -3.76869  1.000 17.76368  ? 27  LYS A HB2  1 
ATOM   433  H  HB3  . LYS A 1 28 ? -5.85644  5.55941   -4.35263  1.000 17.76368  ? 27  LYS A HB3  1 
ATOM   434  H  HG2  . LYS A 1 28 ? -7.62157  6.21201   -5.55841  1.000 19.33166  ? 27  LYS A HG2  1 
ATOM   435  H  HG3  . LYS A 1 28 ? -8.34888  4.81007   -5.38230  1.000 19.33166  ? 27  LYS A HG3  1 
ATOM   436  H  HD2  . LYS A 1 28 ? -7.88206  6.38934   -3.11942  1.000 18.76578  ? 27  LYS A HD2  1 
ATOM   437  H  HD3  . LYS A 1 28 ? -9.15526  6.68671   -4.02274  1.000 18.76578  ? 27  LYS A HD3  1 
ATOM   438  H  HE2  . LYS A 1 28 ? -8.71086  4.15162   -2.87450  1.000 20.22666  ? 27  LYS A HE2  1 
ATOM   439  H  HE3  . LYS A 1 28 ? -9.59485  5.25751   -2.15270  1.000 20.22666  ? 27  LYS A HE3  1 
ATOM   440  H  HZ1  . LYS A 1 28 ? -10.92687 3.80027   -3.28814  1.000 35.59113  ? 27  LYS A HZ1  1 
ATOM   441  H  HZ2  . LYS A 1 28 ? -11.07200 5.10806   -3.89391  1.000 35.59113  ? 27  LYS A HZ2  1 
ATOM   442  H  HZ3  . LYS A 1 28 ? -10.26822 4.09366   -4.54450  1.000 35.59113  ? 27  LYS A HZ3  1 
ATOM   443  N  N    . VAL A 1 29 ? -3.42770  3.95112   -5.47229  1.000 13.62314  ? 28  VAL A N    1 
ATOM   444  C  CA   . VAL A 1 29 ? -2.12835  3.54160   -4.94198  1.000 14.34755  ? 28  VAL A CA   1 
ATOM   445  C  C    . VAL A 1 29 ? -1.72966  4.53836   -3.85654  1.000 15.86108  ? 28  VAL A C    1 
ATOM   446  O  O    . VAL A 1 29 ? -1.63124  5.74229   -4.10762  1.000 16.69142  ? 28  VAL A O    1 
ATOM   447  C  CB   . VAL A 1 29 ? -1.07635  3.45380   -6.05374  1.000 17.18339  ? 28  VAL A CB   1 
ATOM   448  C  CG1  . VAL A 1 29 ? 0.30046   3.18114   -5.47135  1.000 17.18535  ? 28  VAL A CG1  1 
ATOM   449  C  CG2  . VAL A 1 29 ? -1.44187  2.37613   -7.07326  1.000 15.38820  ? 28  VAL A CG2  1 
ATOM   450  H  H    . VAL A 1 29 ? -3.38716  4.60173   -6.03325  1.000 16.37144  ? 28  VAL A H    1 
ATOM   451  H  HA   . VAL A 1 29 ? -2.20048  2.66561   -4.53170  1.000 17.24073  ? 28  VAL A HA   1 
ATOM   452  H  HB   . VAL A 1 29 ? -1.05152  4.30726   -6.51407  1.000 20.64374  ? 28  VAL A HB   1 
ATOM   453  H  HG11 . VAL A 1 29 ? 0.90298   2.93061   -6.18905  1.000 20.64609  ? 28  VAL A HG11 1 
ATOM   454  H  HG12 . VAL A 1 29 ? 0.62307   3.98455   -5.03390  1.000 20.64609  ? 28  VAL A HG12 1 
ATOM   455  H  HG13 . VAL A 1 29 ? 0.23371   2.45827   -4.82799  1.000 20.64609  ? 28  VAL A HG13 1 
ATOM   456  H  HG21 . VAL A 1 29 ? -0.74447  2.32804   -7.74573  1.000 18.48951  ? 28  VAL A HG21 1 
ATOM   457  H  HG22 . VAL A 1 29 ? -1.52091  1.52372   -6.61714  1.000 18.48951  ? 28  VAL A HG22 1 
ATOM   458  H  HG23 . VAL A 1 29 ? -2.28688  2.60839   -7.48908  1.000 18.48951  ? 28  VAL A HG23 1 
ATOM   459  N  N    . TYR A 1 30 ? -1.57960  4.03978   -2.63741  1.000 14.37127  ? 29  TYR A N    1 
ATOM   460  C  CA   . TYR A 1 30 ? -1.24004  4.83696   -1.47417  1.000 14.77292  ? 29  TYR A CA   1 
ATOM   461  C  C    . TYR A 1 30 ? 0.23146   4.66974   -1.15597  1.000 16.10200  ? 29  TYR A C    1 
ATOM   462  O  O    . TYR A 1 30 ? 0.79091   3.57048   -1.30542  1.000 13.46871  ? 29  TYR A O    1 
ATOM   463  C  CB   . TYR A 1 30 ? -2.03279  4.41735   -0.22106  1.000 15.82598  ? 29  TYR A CB   1 
ATOM   464  C  CG   . TYR A 1 30 ? -3.47379  4.86845   -0.20009  1.000 14.18112  ? 29  TYR A CG   1 
ATOM   465  C  CD1  . TYR A 1 30 ? -3.89283  5.95418   0.54782   1.000 14.36135  ? 29  TYR A CD1  1 
ATOM   466  C  CD2  . TYR A 1 30 ? -4.42323  4.18169   -0.94418  1.000 11.86338  ? 29  TYR A CD2  1 
ATOM   467  C  CE1  . TYR A 1 30 ? -5.24424  6.33866   0.53444   1.000 12.28536  ? 29  TYR A CE1  1 
ATOM   468  C  CE2  . TYR A 1 30 ? -5.80266  4.57359   -0.93645  1.000 16.20122  ? 29  TYR A CE2  1 
ATOM   469  C  CZ   . TYR A 1 30 ? -6.16541  5.64374   -0.21849  1.000 9.64176   ? 29  TYR A CZ   1 
ATOM   470  O  OH   . TYR A 1 30 ? -7.49849  5.98721   -0.23695  1.000 14.43928  ? 29  TYR A OH   1 
ATOM   471  H  H    . TYR A 1 30 ? -1.67435  3.20481   -2.45451  1.000 17.26920  ? 29  TYR A H    1 
ATOM   472  H  HA   . TYR A 1 30 ? -1.44900  5.76268   -1.67486  1.000 17.75117  ? 29  TYR A HA   1 
ATOM   473  H  HB2  . TYR A 1 30 ? -2.02992  3.44896   -0.16539  1.000 19.01484  ? 29  TYR A HB2  1 
ATOM   474  H  HB3  . TYR A 1 30 ? -1.59777  4.79579   0.55897   1.000 19.01484  ? 29  TYR A HB3  1 
ATOM   475  H  HD1  . TYR A 1 30 ? -3.27950  6.43004   1.05995   1.000 17.25729  ? 29  TYR A HD1  1 
ATOM   476  H  HD2  . TYR A 1 30 ? -4.15948  3.45278   -1.45803  1.000 14.25973  ? 29  TYR A HD2  1 
ATOM   477  H  HE1  . TYR A 1 30 ? -5.51976  7.06972   1.03897   1.000 14.76611  ? 29  TYR A HE1  1 
ATOM   478  H  HE2  . TYR A 1 30 ? -6.43398  4.09294   -1.42153  1.000 19.46513  ? 29  TYR A HE2  1 
ATOM   479  H  HH   . TYR A 1 30 ? -7.62953  6.65656   0.25335   1.000 17.35081  ? 29  TYR A HH   1 
ATOM   480  N  N    . ASP A 1 31 ? 0.83597   5.74794   -0.64360  1.000 19.80269  ? 30  ASP A N    1 
ATOM   481  C  CA   . ASP A 1 31 ? 2.22375   5.71414   -0.15816  1.000 13.32241  ? 30  ASP A CA   1 
ATOM   482  C  C    . ASP A 1 31 ? 2.21034   5.71931   1.36559   1.000 15.95923  ? 30  ASP A C    1 
ATOM   483  O  O    . ASP A 1 31 ? 1.85580   6.73814   1.96969   1.000 14.62420  ? 30  ASP A O    1 
ATOM   484  C  CB   . ASP A 1 31 ? 3.00842   6.91719   -0.68494  1.000 17.17266  ? 30  ASP A CB   1 
ATOM   485  C  CG   . ASP A 1 31 ? 4.44796   6.92715   -0.21932  1.000 17.98288  ? 30  ASP A CG   1 
ATOM   486  O  OD1  . ASP A 1 31 ? 4.84755   6.00505   0.53057   1.000 16.72183  ? 30  ASP A OD1  1 
ATOM   487  O  OD2  . ASP A 1 31 ? 5.18860   7.85411   -0.62214  1.000 22.45372  ? 30  ASP A OD2  1 
ATOM   488  H  H    . ASP A 1 31 ? 0.45804   6.51661   -0.56671  1.000 23.78690  ? 30  ASP A H    1 
ATOM   489  H  HA   . ASP A 1 31 ? 2.64597   4.89597   -0.46349  1.000 16.01057  ? 30  ASP A HA   1 
ATOM   490  H  HB2  . ASP A 1 31 ? 3.00711   6.89528   -1.65469  1.000 20.63086  ? 30  ASP A HB2  1 
ATOM   491  H  HB3  . ASP A 1 31 ? 2.58608   7.73202   -0.37094  1.000 20.63086  ? 30  ASP A HB3  1 
ATOM   492  N  N    . VAL A 1 32 ? 2.57007   4.59036   1.99067   1.000 14.69767  ? 31  VAL A N    1 
ATOM   493  C  CA   . VAL A 1 32 ? 2.59169   4.51473   3.45119   1.000 15.30690  ? 31  VAL A CA   1 
ATOM   494  C  C    . VAL A 1 32 ? 4.01814   4.37052   3.97608   1.000 16.95333  ? 31  VAL A C    1 
ATOM   495  O  O    . VAL A 1 32 ? 4.21120   3.96192   5.10132   1.000 15.36021  ? 31  VAL A O    1 
ATOM   496  C  CB   . VAL A 1 32 ? 1.68884   3.38851   3.99587   1.000 15.68270  ? 31  VAL A CB   1 
ATOM   497  C  CG1  . VAL A 1 32 ? 0.25568   3.70749   3.69828   1.000 17.31823  ? 31  VAL A CG1  1 
ATOM   498  C  CG2  . VAL A 1 32 ? 2.09653   2.04241   3.40778   1.000 17.13533  ? 31  VAL A CG2  1 
ATOM   499  H  H    . VAL A 1 32 ? 2.80242   3.86555   1.59034   1.000 17.66088  ? 31  VAL A H    1 
ATOM   500  H  HA   . VAL A 1 32 ? 2.23393   5.35355   3.78178   1.000 18.39195  ? 31  VAL A HA   1 
ATOM   501  H  HB   . VAL A 1 32 ? 1.79125   3.32205   4.95815   1.000 18.84291  ? 31  VAL A HB   1 
ATOM   502  H  HG11 . VAL A 1 32 ? -0.30372  2.98891   4.03236   1.000 20.80555  ? 31  VAL A HG11 1 
ATOM   503  H  HG12 . VAL A 1 32 ? 0.02020   4.54066   4.13563   1.000 20.80555  ? 31  VAL A HG12 1 
ATOM   504  H  HG13 . VAL A 1 32 ? 0.14424   3.79462   2.73866   1.000 20.80555  ? 31  VAL A HG13 1 
ATOM   505  H  HG21 . VAL A 1 32 ? 1.50905   1.35418   3.75721   1.000 20.58606  ? 31  VAL A HG21 1 
ATOM   506  H  HG22 . VAL A 1 32 ? 2.01983   2.08360   2.44169   1.000 20.58606  ? 31  VAL A HG22 1 
ATOM   507  H  HG23 . VAL A 1 32 ? 3.01408   1.85292   3.65897   1.000 20.58606  ? 31  VAL A HG23 1 
ATOM   508  N  N    . THR A 1 33 ? 5.01757   4.72615   3.16929   1.000 15.38973  ? 32  THR A N    1 
ATOM   509  C  CA   . THR A 1 33 ? 6.42186   4.51834   3.55211   1.000 18.48108  ? 32  THR A CA   1 
ATOM   510  C  C    . THR A 1 33 ? 6.71502   5.07198   4.94618   1.000 19.78737  ? 32  THR A C    1 
ATOM   511  O  O    . THR A 1 33 ? 7.52316   4.49548   5.69040   1.000 19.56303  ? 32  THR A O    1 
ATOM   512  C  CB   . THR A 1 33 ? 7.34406   5.21446   2.52589   1.000 21.54887  ? 32  THR A CB   1 
ATOM   513  O  OG1  . THR A 1 33 ? 7.06555   4.73179   1.22055   1.000 18.93047  ? 32  THR A OG1  1 
ATOM   514  C  CG2  . THR A 1 33 ? 8.81172   5.00023   2.84344   1.000 22.75562  ? 32  THR A CG2  1 
ATOM   515  H  H    . THR A 1 33 ? 4.91720   5.08900   2.39607   1.000 18.49135  ? 32  THR A H    1 
ATOM   516  H  HA   . THR A 1 33 ? 6.60766   3.56630   3.55316   1.000 22.20097  ? 32  THR A HA   1 
ATOM   517  H  HB   . THR A 1 33 ? 7.17665   6.16918   2.56333   1.000 25.88232  ? 32  THR A HB   1 
ATOM   518  H  HG1  . THR A 1 33 ? 6.28630   4.94883   0.99418   1.000 22.74024  ? 32  THR A HG1  1 
ATOM   519  H  HG21 . THR A 1 33 ? 9.35868   5.29317   2.09783   1.000 27.33042  ? 32  THR A HG21 1 
ATOM   520  H  HG22 . THR A 1 33 ? 9.05784   5.50743   3.63280   1.000 27.33042  ? 32  THR A HG22 1 
ATOM   521  H  HG23 . THR A 1 33 ? 8.98166   4.05953   3.00806   1.000 27.33042  ? 32  THR A HG23 1 
ATOM   522  N  N    . GLU A 1 34 ? 6.02944   6.16640   5.30136   1.000 18.54370  ? 33  GLU A N    1 
ATOM   523  C  CA   . GLU A 1 34 ? 6.22337   6.91450   6.53145   1.000 28.28493  ? 33  GLU A CA   1 
ATOM   524  C  C    . GLU A 1 34 ? 5.53171   6.30462   7.73131   1.000 29.77013  ? 33  GLU A C    1 
ATOM   525  O  O    . GLU A 1 34 ? 5.83639   6.67804   8.85825   1.000 30.74883  ? 33  GLU A O    1 
ATOM   526  C  CB   . GLU A 1 34 ? 5.62828   8.33075   6.36880   1.000 28.93625  ? 33  GLU A CB   1 
ATOM   527  C  CG   . GLU A 1 34 ? 4.12115   8.35642   5.80805   1.000 58.46658  ? 33  GLU A CG   1 
ATOM   528  C  CD   . GLU A 1 34 ? 4.00295   8.27573   4.25815   1.000 70.22281  ? 33  GLU A CD   1 
ATOM   529  O  OE1  . GLU A 1 34 ? 3.79116   9.29179   3.58170   1.000 60.24771  ? 33  GLU A OE1  1 
ATOM   530  O  OE2  . GLU A 1 34 ? 4.08253   7.20323   3.69938   1.000 57.51546  ? 33  GLU A OE2  1 
ATOM   531  H  H    . GLU A 1 34 ? 5.41087   6.51126   4.81346   1.000 22.27611  ? 33  GLU A H    1 
ATOM   532  H  HA   . GLU A 1 34 ? 7.17830   6.95082   6.69786   1.000 33.96559  ? 33  GLU A HA   1 
ATOM   533  H  HB2  . GLU A 1 34 ? 5.62670   8.76715   7.23509   1.000 34.74718  ? 33  GLU A HB2  1 
ATOM   534  H  HB3  . GLU A 1 34 ? 6.18136   8.82932   5.74717   1.000 34.74718  ? 33  GLU A HB3  1 
ATOM   535  H  HG2  . GLU A 1 34 ? 3.64155   7.59833   6.17706   1.000 70.18357  ? 33  GLU A HG2  1 
ATOM   536  H  HG3  . GLU A 1 34 ? 3.70095   9.18398   6.08998   1.000 70.18357  ? 33  GLU A HG3  1 
ATOM   537  N  N    . SER A 1 35 ? 4.59853   5.38621   7.53849   1.000 25.83760  ? 34  SER A N    1 
ATOM   538  C  CA   . SER A 1 35 ? 3.83555   4.87356   8.65660   1.000 20.07618  ? 34  SER A CA   1 
ATOM   539  C  C    . SER A 1 35 ? 4.71358   4.00147   9.55103   1.000 20.93683  ? 34  SER A C    1 
ATOM   540  O  O    . SER A 1 35 ? 5.42863   3.09994   9.08203   1.000 19.97003  ? 34  SER A O    1 
ATOM   541  C  CB   . SER A 1 35 ? 2.64805   4.05638   8.15806   1.000 24.04433  ? 34  SER A CB   1 
ATOM   542  O  OG   . SER A 1 35 ? 2.13386   3.25030   9.21346   1.000 22.20504  ? 34  SER A OG   1 
ATOM   543  H  H    . SER A 1 35 ? 4.39036   5.04697   6.77614   1.000 31.02879  ? 34  SER A H    1 
ATOM   544  H  HA   . SER A 1 35 ? 3.50492   5.62142   9.17841   1.000 24.11509  ? 34  SER A HA   1 
ATOM   545  H  HB2  . SER A 1 35 ? 1.95336   4.65876   7.84914   1.000 28.87687  ? 34  SER A HB2  1 
ATOM   546  H  HB3  . SER A 1 35 ? 2.93775   3.48337   7.43100   1.000 28.87687  ? 34  SER A HB3  1 
ATOM   547  H  HG   . SER A 1 35 ? 1.79826   3.73754   9.80976   1.000 26.66973  ? 34  SER A HG   1 
ATOM   548  N  N    . MET A 1 36 ? 4.62613   4.24523   10.85140  1.000 22.73805  ? 35  MET A N    1 
ATOM   549  C  CA   . MET A 1 36 ? 5.30456   3.38622   11.80948  1.000 29.43059  ? 35  MET A CA   1 
ATOM   550  C  C    . MET A 1 36 ? 4.74030   1.97479   11.82306  1.000 28.50729  ? 35  MET A C    1 
ATOM   551  O  O    . MET A 1 36 ? 5.39277   1.08289   12.36026  1.000 25.59348  ? 35  MET A O    1 
ATOM   552  C  CB   . MET A 1 36 ? 5.19924   3.98180   13.22089  1.000 40.94697  ? 35  MET A CB   1 
ATOM   553  C  CG   . MET A 1 36 ? 5.99910   5.27609   13.44975  1.000 55.37780  ? 35  MET A CG   1 
ATOM   554  S  SD   . MET A 1 36 ? 5.99481   5.84005   15.17966  1.000 124.88675 ? 35  MET A SD   1 
ATOM   555  C  CE   . MET A 1 36 ? 4.72028   4.81460   15.92436  1.000 67.36167  ? 35  MET A CE   1 
ATOM   556  H  H    . MET A 1 36 ? 4.18525   4.89450   11.20307  1.000 27.30934  ? 35  MET A H    1 
ATOM   557  H  HA   . MET A 1 36 ? 6.24246   3.34840   11.56489  1.000 35.34038  ? 35  MET A HA   1 
ATOM   558  H  HB2  . MET A 1 36 ? 4.26709   4.18208   13.39950  1.000 49.16004  ? 35  MET A HB2  1 
ATOM   559  H  HB3  . MET A 1 36 ? 5.52476   3.32424   13.85535  1.000 49.16004  ? 35  MET A HB3  1 
ATOM   560  H  HG2  . MET A 1 36 ? 6.92122   5.12383   13.19010  1.000 66.47703  ? 35  MET A HG2  1 
ATOM   561  H  HG3  . MET A 1 36 ? 5.61385   5.98183   12.90714  1.000 66.47703  ? 35  MET A HG3  1 
ATOM   562  H  HE1  . MET A 1 36 ? 4.61615   5.06653   16.85526  1.000 80.85768  ? 35  MET A HE1  1 
ATOM   563  H  HE2  . MET A 1 36 ? 3.88609   4.95269   15.44900  1.000 80.85768  ? 35  MET A HE2  1 
ATOM   564  H  HE3  . MET A 1 36 ? 4.98679   3.88406   15.86133  1.000 80.85768  ? 35  MET A HE3  1 
ATOM   565  N  N    . LEU A 1 37 ? 3.54309   1.74723   11.26762  1.000 20.10977  ? 36  LEU A N    1 
ATOM   566  C  CA   . LEU A 1 37 ? 2.97973   0.40287   11.18472  1.000 14.99016  ? 36  LEU A CA   1 
ATOM   567  C  C    . LEU A 1 37 ? 3.25735   -0.29792  9.86761   1.000 19.34300  ? 36  LEU A C    1 
ATOM   568  O  O    . LEU A 1 37 ? 2.79831   -1.43741  9.67264   1.000 18.09268  ? 36  LEU A O    1 
ATOM   569  C  CB   . LEU A 1 37 ? 1.47787   0.43979   11.42623  1.000 19.53386  ? 36  LEU A CB   1 
ATOM   570  C  CG   . LEU A 1 37 ? 1.05706   1.14959   12.70863  1.000 31.83955  ? 36  LEU A CG   1 
ATOM   571  C  CD1  . LEU A 1 37 ? -0.40788  1.07740   13.00507  1.000 25.74900  ? 36  LEU A CD1  1 
ATOM   572  C  CD2  . LEU A 1 37 ? 1.83004   0.55005   13.89204  1.000 38.29267  ? 36  LEU A CD2  1 
ATOM   573  H  H    . LEU A 1 37 ? 3.04189   2.36070   10.93286  1.000 24.15540  ? 36  LEU A H    1 
ATOM   574  H  HA   . LEU A 1 37 ? 3.38673   -0.12750  11.88755  1.000 18.01187  ? 36  LEU A HA   1 
ATOM   575  H  HB2  . LEU A 1 37 ? 1.05819   0.90239   10.68409  1.000 23.46431  ? 36  LEU A HB2  1 
ATOM   576  H  HB3  . LEU A 1 37 ? 1.15170   -0.47238  11.47572  1.000 23.46431  ? 36  LEU A HB3  1 
ATOM   577  H  HG   . LEU A 1 37 ? 1.26064   2.08991   12.58514  1.000 38.23114  ? 36  LEU A HG   1 
ATOM   578  H  HD11 . LEU A 1 37 ? -0.58854  1.56350   13.82481  1.000 30.92247  ? 36  LEU A HD11 1 
ATOM   579  H  HD12 . LEU A 1 37 ? -0.89895  1.47548   12.26937  1.000 30.92247  ? 36  LEU A HD12 1 
ATOM   580  H  HD13 . LEU A 1 37 ? -0.66365  0.14748   13.10874  1.000 30.92247  ? 36  LEU A HD13 1 
ATOM   581  H  HD21 . LEU A 1 37 ? 1.42340   0.85081   14.71975  1.000 45.97487  ? 36  LEU A HD21 1 
ATOM   582  H  HD22 . LEU A 1 37 ? 1.79119   -0.41760  13.83693  1.000 45.97487  ? 36  LEU A HD22 1 
ATOM   583  H  HD23 . LEU A 1 37 ? 2.75250   0.84701   13.84969  1.000 45.97487  ? 36  LEU A HD23 1 
ATOM   584  N  N    . TRP A 1 38 ? 4.01289   0.32327   8.97216   1.000 15.11019  ? 37  TRP A N    1 
ATOM   585  C  CA   . TRP A 1 38 ? 4.40187   -0.29324  7.71141   1.000 15.97477  ? 37  TRP A CA   1 
ATOM   586  C  C    . TRP A 1 38 ? 5.91799   -0.35089  7.57657   1.000 22.01033  ? 37  TRP A C    1 
ATOM   587  O  O    . TRP A 1 38 ? 6.44716   -0.32409  6.46751   1.000 22.84346  ? 37  TRP A O    1 
ATOM   588  C  CB   . TRP A 1 38 ? 3.77656   0.44566   6.52406   1.000 13.29484  ? 37  TRP A CB   1 
ATOM   589  C  CG   . TRP A 1 38 ? 2.32748   0.10218   6.38684   1.000 14.93747  ? 37  TRP A CG   1 
ATOM   590  C  CD1  . TRP A 1 38 ? 1.29503   0.73033   6.99655   1.000 17.42237  ? 37  TRP A CD1  1 
ATOM   591  C  CD2  . TRP A 1 38 ? 1.75624   -0.96422  5.61333   1.000 13.50405  ? 37  TRP A CD2  1 
ATOM   592  N  NE1  . TRP A 1 38 ? 0.10127   0.13531   6.64751   1.000 19.53839  ? 37  TRP A NE1  1 
ATOM   593  C  CE2  . TRP A 1 38 ? 0.36049   -0.91496  5.80763   1.000 16.80248  ? 37  TRP A CE2  1 
ATOM   594  C  CE3  . TRP A 1 38 ? 2.28793   -1.93838  4.74937   1.000 16.70853  ? 37  TRP A CE3  1 
ATOM   595  C  CZ2  . TRP A 1 38 ? -0.51663  -1.82778  5.21235   1.000 14.97800  ? 37  TRP A CZ2  1 
ATOM   596  C  CZ3  . TRP A 1 38 ? 1.40589   -2.85027  4.15170   1.000 15.71098  ? 37  TRP A CZ3  1 
ATOM   597  C  CH2  . TRP A 1 38 ? 0.02405   -2.77789  4.37159   1.000 15.41742  ? 37  TRP A CH2  1 
ATOM   598  H  H    . TRP A 1 38 ? 4.31863   1.12035   9.07595   1.000 18.15590  ? 37  TRP A H    1 
ATOM   599  H  HA   . TRP A 1 38 ? 4.06741   -1.20360  7.69458   1.000 19.19340  ? 37  TRP A HA   1 
ATOM   600  H  HB2  . TRP A 1 38 ? 3.85487   1.40268   6.66147   1.000 15.97748  ? 37  TRP A HB2  1 
ATOM   601  H  HB3  . TRP A 1 38 ? 4.23283   0.18934   5.70735   1.000 15.97748  ? 37  TRP A HB3  1 
ATOM   602  H  HD1  . TRP A 1 38 ? 1.37887   1.45867   7.56873   1.000 20.93052  ? 37  TRP A HD1  1 
ATOM   603  H  HE1  . TRP A 1 38 ? -0.67815  0.38301   6.91351   1.000 23.46973  ? 37  TRP A HE1  1 
ATOM   604  H  HE3  . TRP A 1 38 ? 3.20134   -1.97685  4.57875   1.000 20.07391  ? 37  TRP A HE3  1 
ATOM   605  H  HZ2  . TRP A 1 38 ? -1.43125  -1.79511  5.37760   1.000 17.99727  ? 37  TRP A HZ2  1 
ATOM   606  H  HZ3  . TRP A 1 38 ? 1.74498   -3.51637  3.59832   1.000 18.87685  ? 37  TRP A HZ3  1 
ATOM   607  H  HH2  . TRP A 1 38 ? -0.53875  -3.38148  3.94282   1.000 18.52458  ? 37  TRP A HH2  1 
ATOM   608  N  N    . GLU A 1 39 ? 6.62086   -0.49836  8.69411   1.000 22.09503  ? 38  GLU A N    1 
ATOM   609  C  CA   . GLU A 1 39 ? 8.07238   -0.50175  8.66576   1.000 27.15870  ? 38  GLU A CA   1 
ATOM   610  C  C    . GLU A 1 39 ? 8.56377   -1.69961  7.87672   1.000 18.49460  ? 38  GLU A C    1 
ATOM   611  O  O    . GLU A 1 39 ? 8.06209   -2.82263  8.03048   1.000 24.08303  ? 38  GLU A O    1 
ATOM   612  C  CB   . GLU A 1 39 ? 8.64696   -0.53977  10.08958  1.000 35.47442  ? 38  GLU A CB   1 
ATOM   613  C  CG   . GLU A 1 39 ? 8.51173   0.79141   10.84142  1.000 64.66137  ? 38  GLU A CG   1 
ATOM   614  C  CD   . GLU A 1 39 ? 9.36258   0.87342   12.11204  1.000 74.28406  ? 38  GLU A CD   1 
ATOM   615  O  OE1  . GLU A 1 39 ? 9.54656   -0.15518  12.80530  1.000 68.56540  ? 38  GLU A OE1  1 
ATOM   616  O  OE2  . GLU A 1 39 ? 9.84486   1.98280   12.41673  1.000 69.49668  ? 38  GLU A OE2  1 
ATOM   617  H  H    . GLU A 1 39 ? 6.28192   -0.59780  9.47823   1.000 26.53771  ? 38  GLU A H    1 
ATOM   618  H  HA   . GLU A 1 39 ? 8.38946   0.31179   8.24327   1.000 32.61411  ? 38  GLU A HA   1 
ATOM   619  H  HB2  . GLU A 1 39 ? 8.17572   -1.21765  10.59880  1.000 42.59298  ? 38  GLU A HB2  1 
ATOM   620  H  HB3  . GLU A 1 39 ? 9.59071   -0.75833  10.04004  1.000 42.59298  ? 38  GLU A HB3  1 
ATOM   621  H  HG2  . GLU A 1 39 ? 8.78883   1.51138   10.25339  1.000 77.61732  ? 38  GLU A HG2  1 
ATOM   622  H  HG3  . GLU A 1 39 ? 7.58423   0.91157   11.09873  1.000 77.61732  ? 38  GLU A HG3  1 
ATOM   623  N  N    . ASP A 1 40 ? 9.54080   -1.45010  7.01500   1.000 23.45885  ? 39  ASP A N    1 
ATOM   624  C  CA   . ASP A 1 40 ? 10.10632  -2.46408  6.13614   1.000 25.82696  ? 39  ASP A CA   1 
ATOM   625  C  C    . ASP A 1 40 ? 9.04322   -3.11757  5.26938   1.000 26.73675  ? 39  ASP A C    1 
ATOM   626  O  O    . ASP A 1 40 ? 9.25182   -4.22383  4.75195   1.000 24.87622  ? 39  ASP A O    1 
ATOM   627  C  CB   . ASP A 1 40 ? 10.87434  -3.52025  6.94731   1.000 33.70076  ? 39  ASP A CB   1 
ATOM   628  C  CG   . ASP A 1 40 ? 11.89632  -4.28205  6.10984   1.000 51.49997  ? 39  ASP A CG   1 
ATOM   629  O  OD1  . ASP A 1 40 ? 12.62632  -3.64739  5.29808   1.000 56.54010  ? 39  ASP A OD1  1 
ATOM   630  O  OD2  . ASP A 1 40 ? 11.95748  -5.52485  6.25839   1.000 57.19810  ? 39  ASP A OD2  1 
ATOM   631  H  H    . ASP A 1 40 ? 9.90241   -0.67564  6.91986   1.000 28.17429  ? 39  ASP A H    1 
ATOM   632  H  HA   . ASP A 1 40 ? 10.73811  -2.03981  5.53469   1.000 31.01603  ? 39  ASP A HA   1 
ATOM   633  H  HB2  . ASP A 1 40 ? 11.34792  -3.08013  7.67044   1.000 40.46458  ? 39  ASP A HB2  1 
ATOM   634  H  HB3  . ASP A 1 40 ? 10.24294  -4.16284  7.30691   1.000 40.46458  ? 39  ASP A HB3  1 
ATOM   635  N  N    . GLY A 1 41 ? 7.90921   -2.43971  5.07821   1.000 23.67216  ? 40  GLY A N    1 
ATOM   636  C  CA   . GLY A 1 41 ? 6.87136   -2.94214  4.19590   1.000 24.35816  ? 40  GLY A CA   1 
ATOM   637  C  C    . GLY A 1 41 ? 6.08668   -4.10467  4.77097   1.000 24.29149  ? 40  GLY A C    1 
ATOM   638  O  O    . GLY A 1 41 ? 5.45763   -4.84868  4.01357   1.000 21.64460  ? 40  GLY A O    1 
ATOM   639  H  H    . GLY A 1 41 ? 7.72049   -1.68723  5.44938   1.000 28.43027  ? 40  GLY A H    1 
ATOM   640  H  HA2  . GLY A 1 41 ? 6.24732   -2.22479  4.00389   1.000 29.25347  ? 40  GLY A HA2  1 
ATOM   641  H  HA3  . GLY A 1 41 ? 7.27906   -3.23652  3.36642   1.000 29.25347  ? 40  GLY A HA3  1 
ATOM   642  N  N    A ASP A 1 42 ? 6.10966   -4.28283  6.08850   0.553 20.68383  ? 41  ASP A N    1 
ATOM   643  N  N    B ASP A 1 42 ? 6.15130   -4.30602  6.08688   0.447 20.75098  ? 41  ASP A N    1 
ATOM   644  C  CA   A ASP A 1 42 ? 5.43544   -5.39115  6.75674   0.553 21.17692  ? 41  ASP A CA   1 
ATOM   645  C  CA   B ASP A 1 42 ? 5.42815   -5.36671  6.77868   0.447 21.16245  ? 41  ASP A CA   1 
ATOM   646  C  C    A ASP A 1 42 ? 4.43582   -4.79301  7.74001   0.553 22.89077  ? 41  ASP A C    1 
ATOM   647  C  C    B ASP A 1 42 ? 4.40750   -4.72263  7.70089   0.447 22.90962  ? 41  ASP A C    1 
ATOM   648  O  O    A ASP A 1 42 ? 4.82105   -4.02592  8.62474   0.553 24.41678  ? 41  ASP A O    1 
ATOM   649  O  O    B ASP A 1 42 ? 4.75372   -3.85096  8.50107   0.447 24.48966  ? 41  ASP A O    1 
ATOM   650  C  CB   A ASP A 1 42 ? 6.44181   -6.29265  7.47524   0.553 29.05034  ? 41  ASP A CB   1 
ATOM   651  C  CB   B ASP A 1 42 ? 6.36585   -6.26246  7.60017   0.447 29.02434  ? 41  ASP A CB   1 
ATOM   652  C  CG   A ASP A 1 42 ? 7.39336   -7.03560  6.51396   0.553 33.38314  ? 41  ASP A CG   1 
ATOM   653  C  CG   B ASP A 1 42 ? 5.62944   -7.04680  8.72137   0.447 29.33352  ? 41  ASP A CG   1 
ATOM   654  O  OD1  A ASP A 1 42 ? 6.92112   -7.59262  5.48998   0.553 31.27128  ? 41  ASP A OD1  1 
ATOM   655  O  OD1  B ASP A 1 42 ? 5.96463   -6.87034  9.91628   0.447 36.59514  ? 41  ASP A OD1  1 
ATOM   656  O  OD2  A ASP A 1 42 ? 8.61917   -7.07622  6.80340   0.553 31.68345  ? 41  ASP A OD2  1 
ATOM   657  O  OD2  B ASP A 1 42 ? 4.72893   -7.85326  8.41078   0.447 27.44009  ? 41  ASP A OD2  1 
ATOM   658  H  H    A ASP A 1 42 ? 6.52221   -3.75786  6.63055   0.553 24.84427  ? 41  ASP A H    1 
ATOM   659  H  H    B ASP A 1 42 ? 6.62583   -3.82117  6.61541   0.447 24.92484  ? 41  ASP A H    1 
ATOM   660  H  HA   A ASP A 1 42 ? 4.95740   -5.93696  6.11294   0.553 25.43597  ? 41  ASP A HA   1 
ATOM   661  H  HA   B ASP A 1 42 ? 4.98051   -5.92775  6.12619   0.447 25.41862  ? 41  ASP A HA   1 
ATOM   662  H  HB2  A ASP A 1 42 ? 6.98338   -5.74829  8.06793   0.553 34.88409  ? 41  ASP A HB2  1 
ATOM   663  H  HB2  B ASP A 1 42 ? 6.78319   -6.90803  7.00860   0.447 34.85288  ? 41  ASP A HB2  1 
ATOM   664  H  HB3  A ASP A 1 42 ? 5.95678   -6.95867  7.98719   0.553 34.88409  ? 41  ASP A HB3  1 
ATOM   665  H  HB3  B ASP A 1 42 ? 7.04379   -5.70904  8.01851   0.447 34.85288  ? 41  ASP A HB3  1 
ATOM   666  N  N    . HIS A 1 43 ? 3.15711   -5.14738  7.59076   1.000 20.09693  ? 42  HIS A N    1 
ATOM   667  C  CA   . HIS A 1 43 ? 2.08143   -4.60549  8.40950   1.000 17.85748  ? 42  HIS A CA   1 
ATOM   668  C  C    . HIS A 1 43 ? 1.55564   -5.70648  9.32437   1.000 19.35927  ? 42  HIS A C    1 
ATOM   669  O  O    . HIS A 1 43 ? 0.86728   -6.62715  8.86559   1.000 14.93262  ? 42  HIS A O    1 
ATOM   670  C  CB   . HIS A 1 43 ? 0.98927   -4.06069  7.50462   1.000 14.95654  ? 42  HIS A CB   1 
ATOM   671  C  CG   . HIS A 1 43 ? -0.10061  -3.32518  8.21798   1.000 17.40812  ? 42  HIS A CG   1 
ATOM   672  N  ND1  . HIS A 1 43 ? 0.13478   -2.26730  9.06555   1.000 16.64682  ? 42  HIS A ND1  1 
ATOM   673  C  CD2  . HIS A 1 43 ? -1.44953  -3.43998  8.13258   1.000 16.51747  ? 42  HIS A CD2  1 
ATOM   674  C  CE1  . HIS A 1 43 ? -1.01684  -1.78127  9.50033   1.000 19.07155  ? 42  HIS A CE1  1 
ATOM   675  N  NE2  . HIS A 1 43 ? -1.99662  -2.49382  8.96653   1.000 15.72950  ? 42  HIS A NE2  1 
ATOM   676  H  H    A HIS A 1 43 ? 2.88793   -5.71579  7.00421   0.553 24.13998  ? 42  HIS A H    1 
ATOM   677  H  H    B HIS A 1 43 ? 2.90507   -5.75794  7.04004   0.447 24.13998  ? 42  HIS A H    1 
ATOM   678  H  HA   . HIS A 1 43 ? 2.41389   -3.89385  8.97865   1.000 21.45264  ? 42  HIS A HA   1 
ATOM   679  H  HB2  . HIS A 1 43 ? 1.39132   -3.44568  6.87137   1.000 17.97152  ? 42  HIS A HB2  1 
ATOM   680  H  HB3  . HIS A 1 43 ? 0.58075   -4.80304  7.03248   1.000 17.97152  ? 42  HIS A HB3  1 
ATOM   681  H  HD1  . HIS A 1 43 ? 0.91178   -1.96757  9.28012   1.000 19.99985  ? 42  HIS A HD1  1 
ATOM   682  H  HD2  . HIS A 1 43 ? -1.91812  -4.04714  7.60657   1.000 19.84464  ? 42  HIS A HD2  1 
ATOM   683  H  HE1  . HIS A 1 43 ? -1.12013  -1.06240  10.08124  1.000 22.90953  ? 42  HIS A HE1  1 
ATOM   684  N  N    . GLN A 1 44 ? 1.89026   -5.60866  10.60829  1.000 18.05748  ? 43  GLN A N    1 
ATOM   685  C  CA   . GLN A 1 44 ? 1.34220   -6.48683  11.64155  1.000 21.85881  ? 43  GLN A CA   1 
ATOM   686  C  C    . GLN A 1 44 ? 1.60062   -7.96518  11.37228  1.000 20.22679  ? 43  GLN A C    1 
ATOM   687  O  O    . GLN A 1 44 ? 0.80268   -8.81715  11.77260  1.000 22.76115  ? 43  GLN A O    1 
ATOM   688  C  CB   . GLN A 1 44 ? -0.17326  -6.27057  11.78683  1.000 19.79155  ? 43  GLN A CB   1 
ATOM   689  C  CG   . GLN A 1 44 ? -0.56266  -4.84663  12.16152  1.000 21.55630  ? 43  GLN A CG   1 
ATOM   690  C  CD   . GLN A 1 44 ? -0.14496  -4.48633  13.57595  1.000 30.80070  ? 43  GLN A CD   1 
ATOM   691  O  OE1  . GLN A 1 44 ? -0.72854  -4.97986  14.55413  1.000 32.29773  ? 43  GLN A OE1  1 
ATOM   692  N  NE2  . GLN A 1 44 ? 0.87315   -3.64234  13.69593  1.000 35.40860  ? 43  GLN A NE2  1 
ATOM   693  H  H    . GLN A 1 44 ? 2.44617   -5.02765  10.91325  1.000 21.69265  ? 43  GLN A H    1 
ATOM   694  H  HA   . GLN A 1 44 ? 1.79244   -6.26190  12.47078  1.000 26.25425  ? 43  GLN A HA   1 
ATOM   695  H  HB2  . GLN A 1 44 ? -0.59966  -6.48032  10.94119  1.000 23.77353  ? 43  GLN A HB2  1 
ATOM   696  H  HB3  . GLN A 1 44 ? -0.50620  -6.86007  12.48147  1.000 23.77353  ? 43  GLN A HB3  1 
ATOM   697  H  HG2  . GLN A 1 44 ? -0.12957  -4.22827  11.55246  1.000 25.89123  ? 43  GLN A HG2  1 
ATOM   698  H  HG3  . GLN A 1 44 ? -1.52618  -4.75397  12.09881  1.000 25.89123  ? 43  GLN A HG3  1 
ATOM   699  H  HE21 . GLN A 1 44 ? 1.25842   -3.33064  12.99307  1.000 42.51400  ? 43  GLN A HE21 1 
ATOM   700  H  HE22 . GLN A 1 44 ? 1.14725   -3.40742  14.47650  1.000 42.51400  ? 43  GLN A HE22 1 
ATOM   701  N  N    . GLY A 1 45 ? 2.67936   -8.28296  10.67019  1.000 20.81887  ? 44  GLY A N    1 
ATOM   702  C  CA   . GLY A 1 45 ? 3.03978   -9.66247  10.40342  1.000 21.17070  ? 44  GLY A CA   1 
ATOM   703  C  C    . GLY A 1 45 ? 2.13381   -10.37309 9.44021   1.000 20.11466  ? 44  GLY A C    1 
ATOM   704  O  O    . GLY A 1 45 ? 2.29076   -11.57800 9.24093   1.000 22.72835  ? 44  GLY A O    1 
ATOM   705  H  H    . GLY A 1 45 ? 3.22534   -7.71017  10.33339  1.000 25.00632  ? 44  GLY A H    1 
ATOM   706  H  HA2  . GLY A 1 45 ? 3.93762   -9.68413  10.03692  1.000 25.42851  ? 44  GLY A HA2  1 
ATOM   707  H  HA3  . GLY A 1 45 ? 3.02798   -10.15432 11.23940  1.000 25.42851  ? 44  GLY A HA3  1 
ATOM   708  N  N    . MET A 1 46 ? 1.17437   -9.66757  8.84079   1.000 21.48632  ? 45  MET A N    1 
ATOM   709  C  CA   . MET A 1 46 ? 0.17762   -10.29788 7.99849   1.000 18.43470  ? 45  MET A CA   1 
ATOM   710  C  C    . MET A 1 46 ? 0.07771   -9.71922  6.61105   1.000 24.66789  ? 45  MET A C    1 
ATOM   711  O  O    . MET A 1 46 ? -0.40377  -10.42051 5.72427   1.000 21.08593  ? 45  MET A O    1 
ATOM   712  C  CB   . MET A 1 46 ? -1.20954  -10.18547 8.64368   1.000 29.87754  ? 45  MET A CB   1 
ATOM   713  C  CG   . MET A 1 46 ? -1.39253  -11.09723 9.87588   1.000 24.31388  ? 45  MET A CG   1 
ATOM   714  S  SD   . MET A 1 46 ? -3.03646  -10.90995 10.45385  1.000 24.56165  ? 45  MET A SD   1 
ATOM   715  C  CE   . MET A 1 46 ? -3.95472  -11.56984 9.07839   1.000 21.17208  ? 45  MET A CE   1 
ATOM   716  H  H    . MET A 1 46 ? 1.08506   -8.81517  8.91171   1.000 25.80726  ? 45  MET A H    1 
ATOM   717  H  HA   . MET A 1 46 ? 0.40817   -11.23721 7.92496   1.000 22.14531  ? 45  MET A HA   1 
ATOM   718  H  HB2  . MET A 1 46 ? -1.34810  -9.26887  8.92924   1.000 35.87673  ? 45  MET A HB2  1 
ATOM   719  H  HB3  . MET A 1 46 ? -1.88015  -10.43376 7.98828   1.000 35.87673  ? 45  MET A HB3  1 
ATOM   720  H  HG2  . MET A 1 46 ? -1.24408  -12.02381 9.63029   1.000 29.20033  ? 45  MET A HG2  1 
ATOM   721  H  HG3  . MET A 1 46 ? -0.77573  -10.83717 10.57788  1.000 29.20033  ? 45  MET A HG3  1 
ATOM   722  H  HE1  . MET A 1 46 ? -4.85661  -11.77548 9.37032   1.000 25.43017  ? 45  MET A HE1  1 
ATOM   723  H  HE2  . MET A 1 46 ? -3.97933  -10.90887 8.36888   1.000 25.43017  ? 45  MET A HE2  1 
ATOM   724  H  HE3  . MET A 1 46 ? -3.51681  -12.37630 8.76413   1.000 25.43017  ? 45  MET A HE3  1 
ATOM   725  N  N    . HIS A 1 47 ? 0.49817   -8.47046  6.38567   1.000 21.86550  ? 46  HIS A N    1 
ATOM   726  C  CA   . HIS A 1 47 ? 0.35589   -7.83403  5.09130   1.000 21.51094  ? 46  HIS A CA   1 
ATOM   727  C  C    . HIS A 1 47 ? 1.66169   -7.22419  4.63724   1.000 21.05492  ? 46  HIS A C    1 
ATOM   728  O  O    . HIS A 1 47 ? 2.48057   -6.77292  5.44208   1.000 19.03054  ? 46  HIS A O    1 
ATOM   729  C  CB   . HIS A 1 47 ? -0.71385  -6.75274  5.15792   1.000 20.62017  ? 46  HIS A CB   1 
ATOM   730  C  CG   . HIS A 1 47 ? -1.93779  -7.18289  5.89781   1.000 19.18570  ? 46  HIS A CG   1 
ATOM   731  N  ND1  . HIS A 1 47 ? -2.92974  -7.94856  5.31668   1.000 19.91849  ? 46  HIS A ND1  1 
ATOM   732  C  CD2  . HIS A 1 47 ? -2.30171  -7.01869  7.18682   1.000 22.12954  ? 46  HIS A CD2  1 
ATOM   733  C  CE1  . HIS A 1 47 ? -3.87303  -8.20428  6.20175   1.000 16.64628  ? 46  HIS A CE1  1 
ATOM   734  N  NE2  . HIS A 1 47 ? -3.51705  -7.64287  7.34248   1.000 21.88389  ? 46  HIS A NE2  1 
ATOM   735  H  H    . HIS A 1 47 ? 0.87206   -7.97433  6.98036   1.000 26.26228  ? 46  HIS A H    1 
ATOM   736  H  HA   . HIS A 1 47 ? 0.11254   -8.50051  4.42987   1.000 25.83680  ? 46  HIS A HA   1 
ATOM   737  H  HB2  . HIS A 1 47 ? -0.34843  -5.97661  5.61069   1.000 24.76788  ? 46  HIS A HB2  1 
ATOM   738  H  HB3  . HIS A 1 47 ? -0.97827  -6.51620  4.25512   1.000 24.76788  ? 46  HIS A HB3  1 
ATOM   739  H  HD1  . HIS A 1 47 ? -2.93178  -8.21809  4.50002   1.000 23.92586  ? 46  HIS A HD1  1 
ATOM   740  H  HD2  . HIS A 1 47 ? -1.82199  -6.56908  7.84456   1.000 26.57912  ? 46  HIS A HD2  1 
ATOM   741  H  HE1  . HIS A 1 47 ? -4.64981  -8.69255  6.04974   1.000 19.99920  ? 46  HIS A HE1  1 
ATOM   742  N  N    . GLU A 1 48 ? 1.83510   -7.20230  3.32239   1.000 18.84388  ? 47  GLU A N    1 
ATOM   743  C  CA   . GLU A 1 48 ? 3.02195   -6.60719  2.74112   1.000 30.19542  ? 47  GLU A CA   1 
ATOM   744  C  C    . GLU A 1 48 ? 2.64717   -5.60633  1.65568   1.000 17.95854  ? 47  GLU A C    1 
ATOM   745  O  O    . GLU A 1 48 ? 1.62759   -5.73713  0.97095   1.000 17.28565  ? 47  GLU A O    1 
ATOM   746  C  CB   . GLU A 1 48 ? 3.94753   -7.67747  2.16092   1.000 35.46390  ? 47  GLU A CB   1 
ATOM   747  C  CG   . GLU A 1 48 ? 3.91169   -9.01575  2.87697   1.000 66.98532  ? 47  GLU A CG   1 
ATOM   748  C  CD   . GLU A 1 48 ? 4.58858   -10.12808 2.06301   1.000 90.19534  ? 47  GLU A CD   1 
ATOM   749  O  OE1  . GLU A 1 48 ? 5.01023   -9.86888  0.90724   1.000 67.51256  ? 47  GLU A OE1  1 
ATOM   750  O  OE2  . GLU A 1 48 ? 4.68841   -11.26514 2.57768   1.000 81.56933  ? 47  GLU A OE2  1 
ATOM   751  H  H    . GLU A 1 48 ? 1.27843   -7.52599  2.75235   1.000 22.63633  ? 47  GLU A H    1 
ATOM   752  H  HA   . GLU A 1 48 ? 3.49997   -6.11939  3.42993   1.000 36.25818  ? 47  GLU A HA   1 
ATOM   753  H  HB2  . GLU A 1 48 ? 3.69378   -7.83486  1.23802   1.000 42.58036  ? 47  GLU A HB2  1 
ATOM   754  H  HB3  . GLU A 1 48 ? 4.85954   -7.34979  2.20296   1.000 42.58036  ? 47  GLU A HB3  1 
ATOM   755  H  HG2  . GLU A 1 48 ? 4.37672   -8.93570  3.72445   1.000 80.40605  ? 47  GLU A HG2  1 
ATOM   756  H  HG3  . GLU A 1 48 ? 2.98819   -9.27109  3.02810   1.000 80.40605  ? 47  GLU A HG3  1 
ATOM   757  N  N    . GLY A 1 49 ? 3.50132   -4.59953  1.48821   1.000 21.12746  ? 48  GLY A N    1 
ATOM   758  C  CA   . GLY A 1 49 ? 3.31659   -3.61858  0.45480   1.000 16.41612  ? 48  GLY A CA   1 
ATOM   759  C  C    . GLY A 1 49 ? 3.54628   -4.24866  -0.89604  1.000 20.11489  ? 48  GLY A C    1 
ATOM   760  O  O    . GLY A 1 49 ? 3.94614   -5.40491  -1.02436  1.000 16.61290  ? 48  GLY A O    1 
ATOM   761  H  H    . GLY A 1 49 ? 4.20070   -4.47082  1.97183   1.000 25.37662  ? 48  GLY A H    1 
ATOM   762  H  HA2  . GLY A 1 49 ? 2.41342   -3.26654  0.49028   1.000 19.72301  ? 48  GLY A HA2  1 
ATOM   763  H  HA3  . GLY A 1 49 ? 3.94475   -2.88924  0.57468   1.000 19.72301  ? 48  GLY A HA3  1 
ATOM   764  N  N    . GLY A 1 50 ? 3.29535   -3.44638  -1.93648  1.000 15.40542  ? 49  GLY A N    1 
ATOM   765  C  CA   . GLY A 1 50 ? 3.47929   -3.86106  -3.31526  1.000 19.01200  ? 49  GLY A CA   1 
ATOM   766  C  C    . GLY A 1 50 ? 2.30196   -4.56931  -3.96070  1.000 19.50277  ? 49  GLY A C    1 
ATOM   767  O  O    . GLY A 1 50 ? 2.43394   -5.05184  -5.09707  1.000 12.74849  ? 49  GLY A O    1 
ATOM   768  H  H    . GLY A 1 50 ? 3.01084   -2.63846  -1.85961  1.000 18.51018  ? 49  GLY A H    1 
ATOM   769  H  HA2  . GLY A 1 50 ? 3.67287   -3.07399  -3.84813  1.000 22.83807  ? 49  GLY A HA2  1 
ATOM   770  H  HA3  . GLY A 1 50 ? 4.23837   -4.46368  -3.35472  1.000 22.83807  ? 49  GLY A HA3  1 
ATOM   771  N  N    . ILE A 1 51 ? 1.14520   -4.59547  -3.29703  1.000 14.98075  ? 50  ILE A N    1 
ATOM   772  C  CA   . ILE A 1 51 ? 0.01431   -5.45077  -3.64906  1.000 19.71223  ? 50  ILE A CA   1 
ATOM   773  C  C    . ILE A 1 51 ? -1.27102  -4.63465  -3.56557  1.000 15.93543  ? 50  ILE A C    1 
ATOM   774  O  O    . ILE A 1 51 ? -1.37765  -3.69005  -2.77069  1.000 14.86401  ? 50  ILE A O    1 
ATOM   775  C  CB   . ILE A 1 51 ? -0.10604  -6.64825  -2.64686  1.000 24.77366  ? 50  ILE A CB   1 
ATOM   776  C  CG1  . ILE A 1 51 ? 1.19620   -7.45859  -2.61198  1.000 35.47579  ? 50  ILE A CG1  1 
ATOM   777  C  CG2  . ILE A 1 51 ? -1.26451  -7.55930  -2.98131  1.000 35.08192  ? 50  ILE A CG2  1 
ATOM   778  C  CD1  . ILE A 1 51 ? 1.63855   -7.90312  -3.98211  1.000 43.86920  ? 50  ILE A CD1  1 
ATOM   779  H  H    . ILE A 1 51 ? 0.98701   -4.10408  -2.60920  1.000 18.00058  ? 50  ILE A H    1 
ATOM   780  H  HA   . ILE A 1 51 ? 0.13424   -5.77204  -4.55641  1.000 23.67835  ? 50  ILE A HA   1 
ATOM   781  H  HB   . ILE A 1 51 ? -0.27111  -6.26272  -1.77220  1.000 29.75207  ? 50  ILE A HB   1 
ATOM   782  H  HG12 . ILE A 1 51 ? 1.90004   -6.91003  -2.23173  1.000 42.59462  ? 50  ILE A HG12 1 
ATOM   783  H  HG13 . ILE A 1 51 ? 1.06177   -8.25010  -2.06760  1.000 42.59462  ? 50  ILE A HG13 1 
ATOM   784  H  HG21 . ILE A 1 51 ? -1.26700  -8.30689  -2.36324  1.000 42.12197  ? 50  ILE A HG21 1 
ATOM   785  H  HG22 . ILE A 1 51 ? -2.09234  -7.06028  -2.90017  1.000 42.12197  ? 50  ILE A HG22 1 
ATOM   786  H  HG23 . ILE A 1 51 ? -1.16043  -7.88186  -3.89017  1.000 42.12197  ? 50  ILE A HG23 1 
ATOM   787  H  HD11 . ILE A 1 51 ? 2.45792   -8.41552  -3.89864  1.000 52.66671  ? 50  ILE A HD11 1 
ATOM   788  H  HD12 . ILE A 1 51 ? 0.94310   -8.45310  -4.37551  1.000 52.66671  ? 50  ILE A HD12 1 
ATOM   789  H  HD13 . ILE A 1 51 ? 1.79273   -7.12021  -4.53364  1.000 52.66671  ? 50  ILE A HD13 1 
ATOM   790  N  N    . ASP A 1 52 ? -2.28085  -5.07904  -4.31941  1.000 13.94976  ? 51  ASP A N    1 
ATOM   791  C  CA   . ASP A 1 52 ? -3.63875  -4.58020  -4.17428  1.000 13.03483  ? 51  ASP A CA   1 
ATOM   792  C  C    . ASP A 1 52 ? -4.24865  -5.23540  -2.94572  1.000 16.28931  ? 51  ASP A C    1 
ATOM   793  O  O    . ASP A 1 52 ? -4.53160  -6.44448  -2.94433  1.000 14.82035  ? 51  ASP A O    1 
ATOM   794  C  CB   . ASP A 1 52 ? -4.44229  -4.91178  -5.42022  1.000 16.29849  ? 51  ASP A CB   1 
ATOM   795  C  CG   . ASP A 1 52 ? -5.84843  -4.37790  -5.35861  1.000 14.60354  ? 51  ASP A CG   1 
ATOM   796  O  OD1  . ASP A 1 52 ? -6.32918  -3.98500  -4.24794  1.000 12.43403  ? 51  ASP A OD1  1 
ATOM   797  O  OD2  . ASP A 1 52 ? -6.46108  -4.36346  -6.45219  1.000 15.62588  ? 51  ASP A OD2  1 
ATOM   798  H  H    . ASP A 1 52 ? -2.19704  -5.67895  -4.92989  1.000 16.76338  ? 51  ASP A H    1 
ATOM   799  H  HA   . ASP A 1 52 ? -3.63613  -3.61770  -4.05394  1.000 15.66547  ? 51  ASP A HA   1 
ATOM   800  H  HB2  . ASP A 1 52 ? -4.00536  -4.52031  -6.19270  1.000 19.58186  ? 51  ASP A HB2  1 
ATOM   801  H  HB3  . ASP A 1 52 ? -4.49039  -5.87552  -5.51923  1.000 19.58186  ? 51  ASP A HB3  1 
ATOM   802  N  N    . LEU A 1 53 ? -4.42994  -4.45394  -1.88212  1.000 12.17348  ? 52  LEU A N    1 
ATOM   803  C  CA   . LEU A 1 53 ? -4.89229  -4.99360  -0.60927  1.000 12.24978  ? 52  LEU A CA   1 
ATOM   804  C  C    . LEU A 1 53 ? -6.40709  -4.80917  -0.40602  1.000 15.46447  ? 52  LEU A C    1 
ATOM   805  O  O    . LEU A 1 53 ? -6.90244  -4.89035  0.73580   1.000 12.65211  ? 52  LEU A O    1 
ATOM   806  C  CB   . LEU A 1 53 ? -4.08820  -4.35482  0.52752   1.000 16.04994  ? 52  LEU A CB   1 
ATOM   807  C  CG   . LEU A 1 53 ? -2.62479  -4.77586  0.59224   1.000 13.40695  ? 52  LEU A CG   1 
ATOM   808  C  CD1  . LEU A 1 53 ? -1.91185  -4.04059  1.69102   1.000 15.33137  ? 52  LEU A CD1  1 
ATOM   809  C  CD2  . LEU A 1 53 ? -2.52070  -6.28547  0.81884   1.000 16.34528  ? 52  LEU A CD2  1 
ATOM   810  H  H    . LEU A 1 53 ? -4.29023  -3.60539  -1.87706  1.000 14.63185  ? 52  LEU A H    1 
ATOM   811  H  HA   . LEU A 1 53 ? -4.73014  -5.94963  -0.58479  1.000 14.72341  ? 52  LEU A HA   1 
ATOM   812  H  HB2  . LEU A 1 53 ? -4.11035  -3.39157  0.41550   1.000 19.28360  ? 52  LEU A HB2  1 
ATOM   813  H  HB3  . LEU A 1 53 ? -4.50036  -4.60034  1.37059   1.000 19.28360  ? 52  LEU A HB3  1 
ATOM   814  H  HG   . LEU A 1 53 ? -2.19509  -4.55655  -0.24929  1.000 16.11201  ? 52  LEU A HG   1 
ATOM   815  H  HD11 . LEU A 1 53 ? -0.99341  -4.34971  1.73365   1.000 18.42131  ? 52  LEU A HD11 1 
ATOM   816  H  HD12 . LEU A 1 53 ? -1.93233  -3.08985  1.49981   1.000 18.42131  ? 52  LEU A HD12 1 
ATOM   817  H  HD13 . LEU A 1 53 ? -2.36013  -4.21848  2.53263   1.000 18.42131  ? 52  LEU A HD13 1 
ATOM   818  H  HD21 . LEU A 1 53 ? -1.60006  -6.51115  1.02479   1.000 19.63801  ? 52  LEU A HD21 1 
ATOM   819  H  HD22 . LEU A 1 53 ? -3.09581  -6.53405  1.55935   1.000 19.63801  ? 52  LEU A HD22 1 
ATOM   820  H  HD23 . LEU A 1 53 ? -2.80175  -6.74594  0.01270   1.000 19.63801  ? 52  LEU A HD23 1 
ATOM   821  N  N    . THR A 1 54 ? -7.15698  -4.60091  -1.49470  1.000 13.20675  ? 53  THR A N    1 
ATOM   822  C  CA   . THR A 1 54 ? -8.59438  -4.36256  -1.35613  1.000 17.85236  ? 53  THR A CA   1 
ATOM   823  C  C    . THR A 1 54 ? -9.27460  -5.52984  -0.63737  1.000 17.13541  ? 53  THR A C    1 
ATOM   824  O  O    . THR A 1 54 ? -9.99784  -5.34231  0.34377   1.000 14.37447  ? 53  THR A O    1 
ATOM   825  C  CB   . THR A 1 54 ? -9.24007  -4.13421  -2.72171  1.000 13.57595  ? 53  THR A CB   1 
ATOM   826  O  OG1  . THR A 1 54 ? -8.63392  -3.05789  -3.42949  1.000 17.64929  ? 53  THR A OG1  1 
ATOM   827  C  CG2  . THR A 1 54 ? -10.76244 -3.80790  -2.57072  1.000 13.97803  ? 53  THR A CG2  1 
ATOM   828  H  H    . THR A 1 54 ? -6.86608  -4.59268  -2.30397  1.000 15.87178  ? 53  THR A H    1 
ATOM   829  H  HA   . THR A 1 54 ? -8.71938  -3.55687  -0.83065  1.000 21.44650  ? 53  THR A HA   1 
ATOM   830  H  HB   . THR A 1 54 ? -9.12214  -4.95140  -3.23080  1.000 16.31482  ? 53  THR A HB   1 
ATOM   831  H  HG1  . THR A 1 54 ? -7.83690  -3.24824  -3.61426  1.000 21.20282  ? 53  THR A HG1  1 
ATOM   832  H  HG21 . THR A 1 54 ? -11.12388 -3.51065  -3.42037  1.000 16.79731  ? 53  THR A HG21 1 
ATOM   833  H  HG22 . THR A 1 54 ? -11.24438 -4.59905  -2.28310  1.000 16.79731  ? 53  THR A HG22 1 
ATOM   834  H  HG23 . THR A 1 54 ? -10.88769 -3.10639  -1.91263  1.000 16.79731  ? 53  THR A HG23 1 
ATOM   835  N  N    . ALA A 1 55 ? -9.03146  -6.75037  -1.09133  1.000 13.59587  ? 54  ALA A N    1 
ATOM   836  C  CA   . ALA A 1 55 ? -9.67331  -7.90654  -0.46478  1.000 17.96936  ? 54  ALA A CA   1 
ATOM   837  C  C    . ALA A 1 55 ? -9.23150  -8.04360  0.99135   1.000 19.36514  ? 54  ALA A C    1 
ATOM   838  O  O    . ALA A 1 55 ? -10.03713 -8.30592  1.88109   1.000 14.14310  ? 54  ALA A O    1 
ATOM   839  C  CB   . ALA A 1 55 ? -9.33581  -9.17972  -1.24844  1.000 15.14133  ? 54  ALA A CB   1 
ATOM   840  H  H    . ALA A 1 55 ? -8.50991  -6.94095  -1.74803  1.000 16.33871  ? 54  ALA A H    1 
ATOM   841  H  HA   . ALA A 1 55 ? -10.63582 -7.78798  -0.48470  1.000 21.58691  ? 54  ALA A HA   1 
ATOM   842  H  HB1  . ALA A 1 55 ? -9.76923  -9.93634  -0.82351  1.000 18.19327  ? 54  ALA A HB1  1 
ATOM   843  H  HB2  . ALA A 1 55 ? -9.65552  -9.08403  -2.15923  1.000 18.19327  ? 54  ALA A HB2  1 
ATOM   844  H  HB3  . ALA A 1 55 ? -8.37403  -9.30581  -1.24702  1.000 18.19327  ? 54  ALA A HB3  1 
ATOM   845  N  N    . ASP A 1 56 ? -7.95303  -7.82057  1.26005   1.000 14.58990  ? 55  ASP A N    1 
ATOM   846  C  CA   . ASP A 1 56 ? -7.43584  -8.05995  2.59932   1.000 17.08114  ? 55  ASP A CA   1 
ATOM   847  C  C    . ASP A 1 56 ? -8.00403  -7.07678  3.59675   1.000 18.62822  ? 55  ASP A C    1 
ATOM   848  O  O    . ASP A 1 56 ? -8.12933  -7.40683  4.77842   1.000 20.87263  ? 55  ASP A O    1 
ATOM   849  C  CB   . ASP A 1 56 ? -5.91705  -8.01322  2.56117   1.000 22.34641  ? 55  ASP A CB   1 
ATOM   850  C  CG   . ASP A 1 56 ? -5.35611  -8.94068  1.49566   1.000 30.40415  ? 55  ASP A CG   1 
ATOM   851  O  OD1  . ASP A 1 56 ? -4.99443  -10.06724 1.85870   1.000 31.75462  ? 55  ASP A OD1  1 
ATOM   852  O  OD2  . ASP A 1 56 ? -5.31986  -8.55621  0.27236   1.000 41.41173  ? 55  ASP A OD2  1 
ATOM   853  H  H    . ASP A 1 56 ? -7.37013  -7.53495  0.69591   1.000 17.53155  ? 55  ASP A H    1 
ATOM   854  H  HA   . ASP A 1 56 ? -7.69430  -8.94433  2.90258   1.000 20.52104  ? 55  ASP A HA   1 
ATOM   855  H  HB2  . ASP A 1 56 ? -5.62899  -7.10893  2.36072   1.000 26.83936  ? 55  ASP A HB2  1 
ATOM   856  H  HB3  . ASP A 1 56 ? -5.56600  -8.29008  3.42199   1.000 26.83936  ? 55  ASP A HB3  1 
ATOM   857  N  N    . HIS A 1 57 ? -8.39493  -5.89157  3.13981   1.000 15.27429  ? 56  HIS A N    1 
ATOM   858  C  CA   . HIS A 1 57 ? -8.93229  -4.91840  4.07118   1.000 21.13991  ? 56  HIS A CA   1 
ATOM   859  C  C    . HIS A 1 57 ? -10.22651 -5.40221  4.71110   1.000 25.83122  ? 56  HIS A C    1 
ATOM   860  O  O    . HIS A 1 57 ? -10.61305 -4.91930  5.79433   1.000 20.37376  ? 56  HIS A O    1 
ATOM   861  C  CB   . HIS A 1 57 ? -9.15302  -3.55890  3.38368   1.000 19.42808  ? 56  HIS A CB   1 
ATOM   862  C  CG   . HIS A 1 57 ? -9.27734  -2.45939  4.37100   1.000 22.05528  ? 56  HIS A CG   1 
ATOM   863  N  ND1  . HIS A 1 57 ? -10.48467 -2.13968  4.95873   1.000 25.04839  ? 56  HIS A ND1  1 
ATOM   864  C  CD2  . HIS A 1 57 ? -8.34335  -1.68465  4.97529   1.000 23.69315  ? 56  HIS A CD2  1 
ATOM   865  C  CE1  . HIS A 1 57 ? -10.29169 -1.19080  5.86113   1.000 25.31492  ? 56  HIS A CE1  1 
ATOM   866  N  NE2  . HIS A 1 57 ? -9.00130  -0.90817  5.89816   1.000 26.42623  ? 56  HIS A NE2  1 
ATOM   867  H  H    . HIS A 1 57 ? -8.35990  -5.63550  2.31956   1.000 18.35281  ? 56  HIS A H    1 
ATOM   868  H  HA   . HIS A 1 57 ? -8.27998  -4.77575  4.77478   1.000 25.39156  ? 56  HIS A HA   1 
ATOM   869  H  HB2  . HIS A 1 57 ? -8.39786  -3.36613  2.80623   1.000 23.33737  ? 56  HIS A HB2  1 
ATOM   870  H  HB3  . HIS A 1 57 ? -9.96970  -3.59342  2.86145   1.000 23.33737  ? 56  HIS A HB3  1 
ATOM   871  H  HD2  . HIS A 1 57 ? -7.43030  -1.67972  4.79862   1.000 28.45546  ? 56  HIS A HD2  1 
ATOM   872  H  HE1  . HIS A 1 57 ? -10.95160 -0.79118  6.38049   1.000 30.40157  ? 56  HIS A HE1  1 
ATOM   873  H  HE2  . HIS A 1 57 ? -8.63221  -0.33028  6.41721   1.000 31.73515  ? 56  HIS A HE2  1 
ATOM   874  N  N    . GLU A 1 58 ? -10.90282 -6.35349  4.07548   1.000 19.99055  ? 57  GLU A N    1 
ATOM   875  C  CA   . GLU A 1 58 ? -12.16799 -6.82757  4.62886   1.000 26.88191  ? 57  GLU A CA   1 
ATOM   876  C  C    . GLU A 1 58 ? -11.94669 -7.43067  6.00024   1.000 23.74275  ? 57  GLU A C    1 
ATOM   877  O  O    . GLU A 1 58 ? -12.81575 -7.33525  6.86121   1.000 26.14557  ? 57  GLU A O    1 
ATOM   878  C  CB   . GLU A 1 58 ? -12.82184 -7.84094  3.67476   1.000 20.08494  ? 57  GLU A CB   1 
ATOM   879  C  CG   . GLU A 1 58 ? -13.61014 -7.16517  2.56709   1.000 40.51367  ? 57  GLU A CG   1 
ATOM   880  C  CD   . GLU A 1 58 ? -14.20674 -8.15419  1.58822   1.000 50.69485  ? 57  GLU A CD   1 
ATOM   881  O  OE1  . GLU A 1 58 ? -15.38174 -8.54419  1.76814   1.000 52.53166  ? 57  GLU A OE1  1 
ATOM   882  O  OE2  . GLU A 1 58 ? -13.48355 -8.55443  0.64911   1.000 52.11718  ? 57  GLU A OE2  1 
ATOM   883  H  H    . GLU A 1 58 ? -10.66115 -6.73288  3.34250   1.000 24.01234  ? 57  GLU A H    1 
ATOM   884  H  HA   . GLU A 1 58 ? -12.78705 -6.08595  4.71637   1.000 32.28197  ? 57  GLU A HA   1 
ATOM   885  H  HB2  . GLU A 1 58 ? -12.12978 -8.38349  3.26538   1.000 24.12559  ? 57  GLU A HB2  1 
ATOM   886  H  HB3  . GLU A 1 58 ? -13.43029 -8.40399  4.17842   1.000 24.12559  ? 57  GLU A HB3  1 
ATOM   887  H  HG2  . GLU A 1 58 ? -14.33650 -6.65674  2.96053   1.000 48.64008  ? 57  GLU A HG2  1 
ATOM   888  H  HG3  . GLU A 1 58 ? -13.02003 -6.57372  2.07429   1.000 48.64008  ? 57  GLU A HG3  1 
ATOM   889  N  N    . ASP A 1 59 ? -10.77226 -8.00858  6.23807   1.000 17.76724  ? 58  ASP A N    1 
ATOM   890  C  CA   . ASP A 1 59 ? -10.50021 -8.63762  7.52962   1.000 23.24213  ? 58  ASP A CA   1 
ATOM   891  C  C    . ASP A 1 59 ? -9.76592  -7.72911  8.49173   1.000 21.88113  ? 58  ASP A C    1 
ATOM   892  O  O    . ASP A 1 59 ? -9.50173  -8.12880  9.62012   1.000 22.15304  ? 58  ASP A O    1 
ATOM   893  C  CB   . ASP A 1 59 ? -9.68237  -9.91357  7.32705   1.000 31.45976  ? 58  ASP A CB   1 
ATOM   894  C  CG   . ASP A 1 59 ? -10.37215 -10.88509 6.39784   1.000 43.31118  ? 58  ASP A CG   1 
ATOM   895  O  OD1  . ASP A 1 59 ? -11.57421 -11.11814 6.62025   1.000 32.64172  ? 58  ASP A OD1  1 
ATOM   896  O  OD2  . ASP A 1 59 ? -9.72251  -11.37633 5.43938   1.000 46.68818  ? 58  ASP A OD2  1 
ATOM   897  H  H    . ASP A 1 59 ? -10.12485 -8.04849  5.67339   1.000 21.34436  ? 58  ASP A H    1 
ATOM   898  H  HA   . ASP A 1 59 ? -11.34859 -8.87694  7.93444   1.000 27.91423  ? 58  ASP A HA   1 
ATOM   899  H  HB2  . ASP A 1 59 ? -8.82244  -9.68367  6.94160   1.000 37.77539  ? 58  ASP A HB2  1 
ATOM   900  H  HB3  . ASP A 1 59 ? -9.55576  -10.35089 8.18357   1.000 37.77539  ? 58  ASP A HB3  1 
ATOM   901  N  N    . ALA A 1 60 ? -9.38216  -6.53697  8.06542   1.000 17.87135  ? 59  ALA A N    1 
ATOM   902  C  CA   . ALA A 1 60 ? -8.61149  -5.66513  8.93885   1.000 18.66694  ? 59  ALA A CA   1 
ATOM   903  C  C    . ALA A 1 60 ? -9.44956  -5.28357  10.15041  1.000 17.81881  ? 59  ALA A C    1 
ATOM   904  O  O    . ALA A 1 60 ? -10.67612 -5.18068  10.05337  1.000 16.43080  ? 59  ALA A O    1 
ATOM   905  C  CB   . ALA A 1 60 ? -8.16988  -4.40406  8.21447   1.000 21.53802  ? 59  ALA A CB   1 
ATOM   906  H  H    . ALA A 1 60 ? -9.55049  -6.21080  7.28768   1.000 21.46929  ? 59  ALA A H    1 
ATOM   907  H  HA   . ALA A 1 60 ? -7.81500  -6.13528  9.23120   1.000 22.42400  ? 59  ALA A HA   1 
ATOM   908  H  HB1  . ALA A 1 60 ? -7.65032  -3.85580  8.82307   1.000 25.86929  ? 59  ALA A HB1  1 
ATOM   909  H  HB2  . ALA A 1 60 ? -7.62842  -4.65272  7.44904   1.000 25.86929  ? 59  ALA A HB2  1 
ATOM   910  H  HB3  . ALA A 1 60 ? -8.95561  -3.91756  7.91979   1.000 25.86929  ? 59  ALA A HB3  1 
ATOM   911  N  N    . PRO A 1 61 ? -8.81488  -5.06598  11.29470  1.000 14.53808  ? 60  PRO A N    1 
ATOM   912  C  CA   . PRO A 1 61 ? -9.55915  -4.61008  12.47138  1.000 22.03663  ? 60  PRO A CA   1 
ATOM   913  C  C    . PRO A 1 61 ? -9.80131  -3.11590  12.47516  1.000 25.70037  ? 60  PRO A C    1 
ATOM   914  O  O    . PRO A 1 61 ? -9.85357  -2.50155  13.53207  1.000 31.84220  ? 60  PRO A O    1 
ATOM   915  C  CB   . PRO A 1 61 ? -8.65336  -5.03083  13.62325  1.000 19.79643  ? 60  PRO A CB   1 
ATOM   916  C  CG   . PRO A 1 61 ? -7.30115  -4.86062  13.03559  1.000 20.31430  ? 60  PRO A CG   1 
ATOM   917  C  CD   . PRO A 1 61 ? -7.39078  -5.27246  11.60472  1.000 17.41031  ? 60  PRO A CD   1 
ATOM   918  H  HA   . PRO A 1 61 ? -10.41162 -5.06884  12.53251  1.000 26.46763  ? 60  PRO A HA   1 
ATOM   919  H  HB2  . PRO A 1 61 ? -8.78513  -4.45203  14.39040  1.000 23.77939  ? 60  PRO A HB2  1 
ATOM   920  H  HB3  . PRO A 1 61 ? -8.82191  -5.95342  13.87090  1.000 23.77939  ? 60  PRO A HB3  1 
ATOM   921  H  HG2  . PRO A 1 61 ? -7.03456  -3.93054  13.10466  1.000 24.40083  ? 60  PRO A HG2  1 
ATOM   922  H  HG3  . PRO A 1 61 ? -6.66996  -5.42287  13.51137  1.000 24.40083  ? 60  PRO A HG3  1 
ATOM   923  H  HD2  . PRO A 1 61 ? -6.82920  -4.71225  11.04642  1.000 20.91604  ? 60  PRO A HD2  1 
ATOM   924  H  HD3  . PRO A 1 61 ? -7.14323  -6.20396  11.49544  1.000 20.91604  ? 60  PRO A HD3  1 
ATOM   925  N  N    . HIS A 1 62 ? -9.95003  -2.51853  11.30435  1.000 21.31682  ? 61  HIS A N    1 
ATOM   926  C  CA   . HIS A 1 62 ? -10.23577 -1.10072  11.18056  1.000 18.18278  ? 61  HIS A CA   1 
ATOM   927  C  C    . HIS A 1 62 ? -11.04260 -0.89432  9.91909   1.000 17.52651  ? 61  HIS A C    1 
ATOM   928  O  O    . HIS A 1 62 ? -11.10698 -1.77765  9.05764   1.000 18.80813  ? 61  HIS A O    1 
ATOM   929  C  CB   . HIS A 1 62 ? -8.95156  -0.26889  11.15888  1.000 16.15637  ? 61  HIS A CB   1 
ATOM   930  C  CG   . HIS A 1 62 ? -7.87702  -0.78525  10.24402  1.000 16.02594  ? 61  HIS A CG   1 
ATOM   931  N  ND1  . HIS A 1 62 ? -7.98555  -0.73085  8.87272   1.000 21.92428  ? 61  HIS A ND1  1 
ATOM   932  C  CD2  . HIS A 1 62 ? -6.64934  -1.30148  10.49333  1.000 17.24992  ? 61  HIS A CD2  1 
ATOM   933  C  CE1  . HIS A 1 62 ? -6.88032  -1.20117  8.30919   1.000 18.40704  ? 61  HIS A CE1  1 
ATOM   934  N  NE2  . HIS A 1 62 ? -6.04782  -1.55115  9.27126   1.000 15.25868  ? 61  HIS A NE2  1 
ATOM   935  H  H    . HIS A 1 62 ? -9.88860  -2.92285  10.54781  1.000 25.60385  ? 61  HIS A H    1 
ATOM   936  H  HA   . HIS A 1 62 ? -10.76535 -0.79829  11.93488  1.000 21.84301  ? 61  HIS A HA   1 
ATOM   937  H  HB2  . HIS A 1 62 ? -9.17271  0.63015   10.86956  1.000 19.41131  ? 61  HIS A HB2  1 
ATOM   938  H  HB3  . HIS A 1 62 ? -8.58411  -0.24764  12.05633  1.000 19.41131  ? 61  HIS A HB3  1 
ATOM   939  H  HD1  . HIS A 1 62 ? -8.66988  -0.43517  8.44392   1.000 26.33280  ? 61  HIS A HD1  1 
ATOM   940  H  HD2  . HIS A 1 62 ? -6.27861  -1.45921  11.33153  1.000 20.72358  ? 61  HIS A HD2  1 
ATOM   941  H  HE1  . HIS A 1 62 ? -6.72033  -1.27182  7.39579   1.000 22.11212  ? 61  HIS A HE1  1 
ATOM   942  N  N    . ASP A 1 63 ? -11.73654 0.23961   9.86543   1.000 21.00013  ? 62  ASP A N    1 
ATOM   943  C  CA   . ASP A 1 63 ? -12.34303 0.74158   8.62944   1.000 32.38129  ? 62  ASP A CA   1 
ATOM   944  C  C    . ASP A 1 63 ? -11.25980 1.40429   7.76827   1.000 17.53715  ? 62  ASP A C    1 
ATOM   945  O  O    . ASP A 1 63 ? -10.13145 1.61998   8.22450   1.000 15.54964  ? 62  ASP A O    1 
ATOM   946  C  CB   . ASP A 1 63 ? -13.43973 1.76630   8.91810   1.000 27.76745  ? 62  ASP A CB   1 
ATOM   947  C  CG   . ASP A 1 63 ? -14.66151 1.15555   9.59588   1.000 49.96800  ? 62  ASP A CG   1 
ATOM   948  O  OD1  . ASP A 1 63 ? -14.91371 -0.05427  9.43474   1.000 43.52058  ? 62  ASP A OD1  1 
ATOM   949  O  OD2  . ASP A 1 63 ? -15.37760 1.90519   10.28491  1.000 52.25838  ? 62  ASP A OD2  1 
ATOM   950  H  H    . ASP A 1 63 ? -11.87538 0.74982   10.54367  1.000 25.22382  ? 62  ASP A H    1 
ATOM   951  H  HA   . ASP A 1 63 ? -12.74529 -0.00305  8.15551   1.000 38.88122  ? 62  ASP A HA   1 
ATOM   952  H  HB2  . ASP A 1 63 ? -13.08395 2.45206   9.50466   1.000 33.34461  ? 62  ASP A HB2  1 
ATOM   953  H  HB3  . ASP A 1 63 ? -13.72890 2.16275   8.08137   1.000 33.34461  ? 62  ASP A HB3  1 
ATOM   954  N  N    . ASP A 1 64 ? -11.61193 1.73848   6.52441   1.000 14.80975  ? 63  ASP A N    1 
ATOM   955  C  CA   . ASP A 1 64 ? -10.63323 2.29683   5.59957   1.000 18.49753  ? 63  ASP A CA   1 
ATOM   956  C  C    . ASP A 1 64 ? -10.37594 3.77947   5.85626   1.000 23.13704  ? 63  ASP A C    1 
ATOM   957  O  O    . ASP A 1 64 ? -9.55015  4.38453   5.15567   1.000 16.20836  ? 63  ASP A O    1 
ATOM   958  C  CB   . ASP A 1 64 ? -11.03992 2.03422   4.13467   1.000 20.56988  ? 63  ASP A CB   1 
ATOM   959  C  CG   . ASP A 1 64 ? -12.34299 2.69264   3.71605   1.000 20.44317  ? 63  ASP A CG   1 
ATOM   960  O  OD1  . ASP A 1 64 ? -12.80943 3.59643   4.40915   1.000 20.63620  ? 63  ASP A OD1  1 
ATOM   961  O  OD2  . ASP A 1 64 ? -12.88043 2.28638   2.64669   1.000 17.98529  ? 63  ASP A OD2  1 
ATOM   962  H  H    . ASP A 1 64 ? -12.40351 1.65090   6.19988   1.000 17.79537  ? 63  ASP A H    1 
ATOM   963  H  HA   . ASP A 1 64 ? -9.78820  1.83517   5.71669   1.000 22.22071  ? 63  ASP A HA   1 
ATOM   964  H  HB2  . ASP A 1 64 ? -10.34092 2.37324   3.55384   1.000 24.70753  ? 63  ASP A HB2  1 
ATOM   965  H  HB3  . ASP A 1 64 ? -11.14145 1.07786   4.00831   1.000 24.70753  ? 63  ASP A HB3  1 
ATOM   966  N  N    . ASP A 1 65 ? -10.98595 4.34832   6.90802   1.000 22.04598  ? 64  ASP A N    1 
ATOM   967  C  CA   . ASP A 1 65 ? -10.67496 5.71968   7.31262   1.000 22.81202  ? 64  ASP A CA   1 
ATOM   968  C  C    . ASP A 1 65 ? -9.21080  5.88392   7.71121   1.000 21.70615  ? 64  ASP A C    1 
ATOM   969  O  O    . ASP A 1 65 ? -8.67537  6.99429   7.63342   1.000 20.54470  ? 64  ASP A O    1 
ATOM   970  C  CB   . ASP A 1 65 ? -11.59073 6.12983   8.47078   1.000 36.13812  ? 64  ASP A CB   1 
ATOM   971  C  CG   . ASP A 1 65 ? -11.39202 5.26041   9.70340   1.000 47.31596  ? 64  ASP A CG   1 
ATOM   972  O  OD1  . ASP A 1 65 ? -11.46323 4.01504   9.57963   1.000 54.77484  ? 64  ASP A OD1  1 
ATOM   973  O  OD2  . ASP A 1 65 ? -11.16845 5.81537   10.79966  1.000 60.97606  ? 64  ASP A OD2  1 
ATOM   974  H  H    . ASP A 1 65 ? -11.57826 3.96324   7.39841   1.000 26.47885  ? 64  ASP A H    1 
ATOM   975  H  HA   . ASP A 1 65 ? -10.84274 6.31855   6.56823   1.000 27.39810  ? 64  ASP A HA   1 
ATOM   976  H  HB2  . ASP A 1 65 ? -11.40001 7.04870   8.71615   1.000 43.38942  ? 64  ASP A HB2  1 
ATOM   977  H  HB3  . ASP A 1 65 ? -12.51522 6.04669   8.18918   1.000 43.38942  ? 64  ASP A HB3  1 
ATOM   978  N  N    . VAL A 1 66 ? -8.54196  4.79595   8.09929   1.000 15.82317  ? 65  VAL A N    1 
ATOM   979  C  CA   . VAL A 1 66 ? -7.12958  4.89224   8.43155   1.000 17.75060  ? 65  VAL A CA   1 
ATOM   980  C  C    . VAL A 1 66 ? -6.27174  5.23306   7.21352   1.000 18.39758  ? 65  VAL A C    1 
ATOM   981  O  O    . VAL A 1 66 ? -5.11465  5.66540   7.36875   1.000 17.73975  ? 65  VAL A O    1 
ATOM   982  C  CB   . VAL A 1 66 ? -6.64730  3.58746   9.08874   1.000 21.46225  ? 65  VAL A CB   1 
ATOM   983  C  CG1  . VAL A 1 66 ? -7.48086  3.29836   10.31187  1.000 25.56280  ? 65  VAL A CG1  1 
ATOM   984  C  CG2  . VAL A 1 66 ? -6.70839  2.45339   8.10494   1.000 18.70442  ? 65  VAL A CG2  1 
ATOM   985  H  H    . VAL A 1 66 ? -8.87821  4.00813   8.17589   1.000 19.01148  ? 65  VAL A H    1 
ATOM   986  H  HA   . VAL A 1 66 ? -7.02238  5.61391   9.07078   1.000 21.32439  ? 65  VAL A HA   1 
ATOM   987  H  HB   . VAL A 1 66 ? -5.72291  3.68160   9.36716   1.000 25.77837  ? 65  VAL A HB   1 
ATOM   988  H  HG11 . VAL A 1 66 ? -7.14298  2.49738   10.74220  1.000 30.69904  ? 65  VAL A HG11 1 
ATOM   989  H  HG12 . VAL A 1 66 ? -7.42046  4.05133   10.92039  1.000 30.69904  ? 65  VAL A HG12 1 
ATOM   990  H  HG13 . VAL A 1 66 ? -8.40276  3.16475   10.04141  1.000 30.69904  ? 65  VAL A HG13 1 
ATOM   991  H  HG21 . VAL A 1 66 ? -6.50113  1.62487   8.56483   1.000 22.46898  ? 65  VAL A HG21 1 
ATOM   992  H  HG22 . VAL A 1 66 ? -7.60168  2.40879   7.72951   1.000 22.46898  ? 65  VAL A HG22 1 
ATOM   993  H  HG23 . VAL A 1 66 ? -6.06091  2.61145   7.40020   1.000 22.46898  ? 65  VAL A HG23 1 
ATOM   994  N  N    . LEU A 1 67 ? -6.79861  5.04551   6.00019   1.000 18.58590  ? 66  LEU A N    1 
ATOM   995  C  CA   . LEU A 1 67 ? -6.05141  5.40568   4.79667   1.000 16.60718  ? 66  LEU A CA   1 
ATOM   996  C  C    . LEU A 1 67 ? -6.02798  6.91036   4.54210   1.000 18.36699  ? 66  LEU A C    1 
ATOM   997  O  O    . LEU A 1 67 ? -5.17077  7.39958   3.79688   1.000 19.64300  ? 66  LEU A O    1 
ATOM   998  C  CB   . LEU A 1 67 ? -6.68313  4.75355   3.55250   1.000 18.14778  ? 66  LEU A CB   1 
ATOM   999  C  CG   . LEU A 1 67 ? -6.62226  3.23528   3.49913   1.000 22.55205  ? 66  LEU A CG   1 
ATOM   1000 C  CD1  . LEU A 1 67 ? -7.30861  2.79945   2.23367   1.000 24.22102  ? 66  LEU A CD1  1 
ATOM   1001 C  CD2  . LEU A 1 67 ? -5.19713  2.77988   3.55132   1.000 25.95130  ? 66  LEU A CD2  1 
ATOM   1002 H  H    . LEU A 1 67 ? -7.57816  4.71506   5.84953   1.000 22.32676  ? 66  LEU A H    1 
ATOM   1003 H  HA   . LEU A 1 67 ? -5.14553  5.07851   4.91176   1.000 19.95229  ? 66  LEU A HA   1 
ATOM   1004 H  HB2  . LEU A 1 67 ? -7.61921  5.00576   3.52012   1.000 21.80100  ? 66  LEU A HB2  1 
ATOM   1005 H  HB3  . LEU A 1 67 ? -6.22202  5.08824   2.76748   1.000 21.80100  ? 66  LEU A HB3  1 
ATOM   1006 H  HG   . LEU A 1 67 ? -7.06973  2.82755   4.25703   1.000 27.08613  ? 66  LEU A HG   1 
ATOM   1007 H  HD11 . LEU A 1 67 ? -7.28476  1.83129   2.17881   1.000 29.08890  ? 66  LEU A HD11 1 
ATOM   1008 H  HD12 . LEU A 1 67 ? -8.22833  3.10720   2.25114   1.000 29.08890  ? 66  LEU A HD12 1 
ATOM   1009 H  HD13 . LEU A 1 67 ? -6.84506  3.18532   1.47398   1.000 29.08890  ? 66  LEU A HD13 1 
ATOM   1010 H  HD21 . LEU A 1 67 ? -5.15335  1.84822   3.28485   1.000 31.16524  ? 66  LEU A HD21 1 
ATOM   1011 H  HD22 . LEU A 1 67 ? -4.66973  3.32261   2.94451   1.000 31.16524  ? 66  LEU A HD22 1 
ATOM   1012 H  HD23 . LEU A 1 67 ? -4.86640  2.88059   4.45762   1.000 31.16524  ? 66  LEU A HD23 1 
ATOM   1013 N  N    . GLU A 1 68 ? -6.97549  7.65327   5.09904   1.000 16.87990  ? 67  GLU A N    1 
ATOM   1014 C  CA   . GLU A 1 68 ? -7.18372  9.02887   4.66276   1.000 19.10422  ? 67  GLU A CA   1 
ATOM   1015 C  C    . GLU A 1 68 ? -6.01208  9.92205   4.96570   1.000 16.88042  ? 67  GLU A C    1 
ATOM   1016 O  O    . GLU A 1 68 ? -5.81683  10.91307  4.26176   1.000 19.45612  ? 67  GLU A O    1 
ATOM   1017 C  CB   . GLU A 1 68 ? -8.43747  9.59787   5.31006   1.000 22.63957  ? 67  GLU A CB   1 
ATOM   1018 C  CG   . GLU A 1 68 ? -9.67548  8.81539   4.88610   1.000 32.95507  ? 67  GLU A CG   1 
ATOM   1019 C  CD   . GLU A 1 68 ? -10.98533 9.49629   5.27474   1.000 32.56556  ? 67  GLU A CD   1 
ATOM   1020 O  OE1  . GLU A 1 68 ? -10.95269 10.60196  5.86431   1.000 46.22041  ? 67  GLU A OE1  1 
ATOM   1021 O  OE2  . GLU A 1 68 ? -12.03857 8.90744   4.98333   1.000 34.93696  ? 67  GLU A OE2  1 
ATOM   1022 H  H    . GLU A 1 68 ? -7.50580  7.39100   5.72322   1.000 20.27955  ? 67  GLU A H    1 
ATOM   1023 H  HA   . GLU A 1 68 ? -7.31030  9.02440   3.70107   1.000 22.94874  ? 67  GLU A HA   1 
ATOM   1024 H  HB2  . GLU A 1 68 ? -8.35487  9.54382   6.27503   1.000 27.19115  ? 67  GLU A HB2  1 
ATOM   1025 H  HB3  . GLU A 1 68 ? -8.54957  10.52214  5.03793   1.000 27.19115  ? 67  GLU A HB3  1 
ATOM   1026 H  HG2  . GLU A 1 68 ? -9.66769  8.71460   3.92139   1.000 39.56976  ? 67  GLU A HG2  1 
ATOM   1027 H  HG3  . GLU A 1 68 ? -9.65621  7.94357   5.31093   1.000 39.56976  ? 67  GLU A HG3  1 
ATOM   1028 N  N    . ASP A 1 69 ? -5.21048  9.57363   5.95040   1.000 17.32473  ? 68  ASP A N    1 
ATOM   1029 C  CA   . ASP A 1 69 ? -4.02274  10.33554  6.28372   1.000 17.02773  ? 68  ASP A CA   1 
ATOM   1030 C  C    . ASP A 1 69 ? -2.84655  10.07731  5.36091   1.000 20.93712  ? 68  ASP A C    1 
ATOM   1031 O  O    . ASP A 1 69 ? -1.79590  10.65266  5.59557   1.000 20.86378  ? 68  ASP A O    1 
ATOM   1032 C  CB   . ASP A 1 69 ? -3.58864  10.00897  7.73314   1.000 29.74512  ? 68  ASP A CB   1 
ATOM   1033 C  CG   . ASP A 1 69 ? -4.56965  10.55162  8.78824   1.000 42.96390  ? 68  ASP A CG   1 
ATOM   1034 O  OD1  . ASP A 1 69 ? -5.19110  11.61865  8.56291   1.000 40.62750  ? 68  ASP A OD1  1 
ATOM   1035 O  OD2  . ASP A 1 69 ? -4.72951  9.89485   9.84054   1.000 49.42430  ? 68  ASP A OD2  1 
ATOM   1036 H  H    . ASP A 1 69 ? -5.33374  8.88592   6.45187   1.000 20.81335  ? 68  ASP A H    1 
ATOM   1037 H  HA   . ASP A 1 69 ? -4.24725  11.27690  6.21787   1.000 20.45695  ? 68  ASP A HA   1 
ATOM   1038 H  HB2  . ASP A 1 69 ? -3.53837  9.04599   7.83821   1.000 35.71782  ? 68  ASP A HB2  1 
ATOM   1039 H  HB3  . ASP A 1 69 ? -2.71971  10.40667  7.89959   1.000 35.71782  ? 68  ASP A HB3  1 
ATOM   1040 N  N    . PHE A 1 70 ? -2.95824  9.21060   4.36821   1.000 19.19595  ? 69  PHE A N    1 
ATOM   1041 C  CA   . PHE A 1 70 ? -1.81856  8.91283   3.50486   1.000 14.41796  ? 69  PHE A CA   1 
ATOM   1042 C  C    . PHE A 1 70 ? -2.10496  9.33704   2.07757   1.000 13.56396  ? 69  PHE A C    1 
ATOM   1043 O  O    . PHE A 1 70 ? -3.23998  9.28121   1.62647   1.000 16.16390  ? 69  PHE A O    1 
ATOM   1044 C  CB   . PHE A 1 70 ? -1.43983  7.42393   3.56934   1.000 11.69968  ? 69  PHE A CB   1 
ATOM   1045 C  CG   . PHE A 1 70 ? -0.92185  7.05758   4.93434   1.000 16.00011  ? 69  PHE A CG   1 
ATOM   1046 C  CD1  . PHE A 1 70 ? 0.42439   7.24597   5.25257   1.000 24.73110  ? 69  PHE A CD1  1 
ATOM   1047 C  CD2  . PHE A 1 70 ? -1.78802  6.67275   5.93390   1.000 18.24694  ? 69  PHE A CD2  1 
ATOM   1048 C  CE1  . PHE A 1 70 ? 0.90684   6.99137   6.53061   1.000 19.58937  ? 69  PHE A CE1  1 
ATOM   1049 C  CE2  . PHE A 1 70 ? -1.31747  6.41666   7.23111   1.000 23.33250  ? 69  PHE A CE2  1 
ATOM   1050 C  CZ   . PHE A 1 70 ? 0.01950   6.58930   7.52158   1.000 18.43593  ? 69  PHE A CZ   1 
ATOM   1051 H  H    . PHE A 1 70 ? -3.67837  8.78286   4.17316   1.000 23.05881  ? 69  PHE A H    1 
ATOM   1052 H  HA   . PHE A 1 70 ? -1.04378  9.41496   3.80231   1.000 17.32522  ? 69  PHE A HA   1 
ATOM   1053 H  HB2  . PHE A 1 70 ? -2.22333  6.88351   3.38232   1.000 14.06329  ? 69  PHE A HB2  1 
ATOM   1054 H  HB3  . PHE A 1 70 ? -0.74597  7.23916   2.91716   1.000 14.06329  ? 69  PHE A HB3  1 
ATOM   1055 H  HD1  . PHE A 1 70 ? 1.00993   7.54788   4.59615   1.000 29.70099  ? 69  PHE A HD1  1 
ATOM   1056 H  HD2  . PHE A 1 70 ? -2.69450  6.58162   5.74713   1.000 21.92000  ? 69  PHE A HD2  1 
ATOM   1057 H  HE1  . PHE A 1 70 ? 1.81205   7.08880   6.72033   1.000 23.53091  ? 69  PHE A HE1  1 
ATOM   1058 H  HE2  . PHE A 1 70 ? -1.90549  6.13142   7.89276   1.000 28.02267  ? 69  PHE A HE2  1 
ATOM   1059 H  HZ   . PHE A 1 70 ? 0.32887   6.43587   8.38509   1.000 22.14679  ? 69  PHE A HZ   1 
ATOM   1060 N  N    . PRO A 1 71 ? -1.09224  9.81194   1.36911   1.000 13.65946  ? 70  PRO A N    1 
ATOM   1061 C  CA   . PRO A 1 71 ? -1.32034  10.34588  0.02831   1.000 14.50235  ? 70  PRO A CA   1 
ATOM   1062 C  C    . PRO A 1 71 ? -1.55932  9.24976   -1.00011  1.000 13.90370  ? 70  PRO A C    1 
ATOM   1063 O  O    . PRO A 1 71 ? -0.95577  8.16399   -0.97462  1.000 16.17472  ? 70  PRO A O    1 
ATOM   1064 C  CB   . PRO A 1 71 ? -0.04234  11.12901  -0.26706  1.000 11.14769  ? 70  PRO A CB   1 
ATOM   1065 C  CG   . PRO A 1 71 ? 1.02833   10.37818  0.50102   1.000 13.59885  ? 70  PRO A CG   1 
ATOM   1066 C  CD   . PRO A 1 71 ? 0.32317   9.89580   1.77018   1.000 17.89822  ? 70  PRO A CD   1 
ATOM   1067 H  HA   . PRO A 1 71 ? -2.07948  10.94971  0.02829   1.000 17.42649  ? 70  PRO A HA   1 
ATOM   1068 H  HB2  . PRO A 1 71 ? 0.14037   11.12485  -1.21969  1.000 13.40090  ? 70  PRO A HB2  1 
ATOM   1069 H  HB3  . PRO A 1 71 ? -0.12786  12.04160  0.05036   1.000 13.40090  ? 70  PRO A HB3  1 
ATOM   1070 H  HG2  . PRO A 1 71 ? 1.35104   9.62930   -0.02429  1.000 16.34230  ? 70  PRO A HG2  1 
ATOM   1071 H  HG3  . PRO A 1 71 ? 1.76310   10.97392  0.71573   1.000 16.34230  ? 70  PRO A HG3  1 
ATOM   1072 H  HD2  . PRO A 1 71 ? 0.65664   9.02567   2.03956   1.000 21.50153  ? 70  PRO A HD2  1 
ATOM   1073 H  HD3  . PRO A 1 71 ? 0.43915   10.53351  2.49182   1.000 21.50153  ? 70  PRO A HD3  1 
ATOM   1074 N  N    . VAL A 1 72 ? -2.49604  9.54478   -1.89965  1.000 13.99337  ? 71  VAL A N    1 
ATOM   1075 C  CA   . VAL A 1 72 ? -2.69396  8.74797   -3.10360  1.000 13.12623  ? 71  VAL A CA   1 
ATOM   1076 C  C    . VAL A 1 72 ? -1.75006  9.28829   -4.17516  1.000 18.75136  ? 71  VAL A C    1 
ATOM   1077 O  O    . VAL A 1 72 ? -1.80083  10.47014  -4.52260  1.000 16.87729  ? 71  VAL A O    1 
ATOM   1078 C  CB   . VAL A 1 72 ? -4.15782  8.79864   -3.54929  1.000 16.09002  ? 71  VAL A CB   1 
ATOM   1079 C  CG1  . VAL A 1 72 ? -4.32837  8.13665   -4.93440  1.000 11.97231  ? 71  VAL A CG1  1 
ATOM   1080 C  CG2  . VAL A 1 72 ? -5.02978  8.12176   -2.46768  1.000 15.23939  ? 71  VAL A CG2  1 
ATOM   1081 H  H    . VAL A 1 72 ? -3.03516  10.21132  -1.83116  1.000 16.81572  ? 71  VAL A H    1 
ATOM   1082 H  HA   . VAL A 1 72 ? -2.46450  7.81985   -2.93977  1.000 15.77515  ? 71  VAL A HA   1 
ATOM   1083 H  HB   . VAL A 1 72 ? -4.45199  9.71772   -3.64758  1.000 19.33169  ? 71  VAL A HB   1 
ATOM   1084 H  HG11 . VAL A 1 72 ? -5.27316  7.99555   -5.10281  1.000 14.39044  ? 71  VAL A HG11 1 
ATOM   1085 H  HG12 . VAL A 1 72 ? -3.95534  8.72180   -5.61216  1.000 14.39044  ? 71  VAL A HG12 1 
ATOM   1086 H  HG13 . VAL A 1 72 ? -3.86120  7.28657   -4.93782  1.000 14.39044  ? 71  VAL A HG13 1 
ATOM   1087 H  HG21 . VAL A 1 72 ? -5.96020  8.16711   -2.73815  1.000 18.31094  ? 71  VAL A HG21 1 
ATOM   1088 H  HG22 . VAL A 1 72 ? -4.75672  7.19551   -2.37597  1.000 18.31094  ? 71  VAL A HG22 1 
ATOM   1089 H  HG23 . VAL A 1 72 ? -4.90695  8.58773   -1.62584  1.000 18.31094  ? 71  VAL A HG23 1 
ATOM   1090 N  N    . VAL A 1 73 ? -0.84806  8.43430   -4.65810  1.000 16.67504  ? 72  VAL A N    1 
ATOM   1091 C  CA   . VAL A 1 73 ? 0.20997   8.80352   -5.60739  1.000 13.47676  ? 72  VAL A CA   1 
ATOM   1092 C  C    . VAL A 1 73 ? -0.02753  8.23061   -6.99623  1.000 20.74234  ? 72  VAL A C    1 
ATOM   1093 O  O    . VAL A 1 73 ? 0.74035   8.51746   -7.93283  1.000 17.05943  ? 72  VAL A O    1 
ATOM   1094 C  CB   . VAL A 1 73 ? 1.57890   8.37960   -5.06230  1.000 14.15558  ? 72  VAL A CB   1 
ATOM   1095 C  CG1  . VAL A 1 73 ? 1.83182   9.03640   -3.71204  1.000 19.64585  ? 72  VAL A CG1  1 
ATOM   1096 C  CG2  . VAL A 1 73 ? 1.70609   6.83956   -4.86098  1.000 16.84061  ? 72  VAL A CG2  1 
ATOM   1097 H  H    . VAL A 1 73 ? -0.82629  7.60189   -4.44309  1.000 20.03372  ? 72  VAL A H    1 
ATOM   1098 H  HA   . VAL A 1 73 ? 0.21618   9.76770   -5.71329  1.000 16.19578  ? 72  VAL A HA   1 
ATOM   1099 H  HB   . VAL A 1 73 ? 2.23230   8.65906   -5.72251  1.000 17.01037  ? 72  VAL A HB   1 
ATOM   1100 H  HG11 . VAL A 1 73 ? 2.72457   8.80572   -3.41092  1.000 23.59870  ? 72  VAL A HG11 1 
ATOM   1101 H  HG12 . VAL A 1 73 ? 1.75376   9.99836   -3.80922  1.000 23.59870  ? 72  VAL A HG12 1 
ATOM   1102 H  HG13 . VAL A 1 73 ? 1.17447   8.71379   -3.07586  1.000 23.59870  ? 72  VAL A HG13 1 
ATOM   1103 H  HG21 . VAL A 1 73 ? 2.60469   6.63365   -4.55928  1.000 20.23240  ? 72  VAL A HG21 1 
ATOM   1104 H  HG22 . VAL A 1 73 ? 1.06027   6.55358   -4.19612  1.000 20.23240  ? 72  VAL A HG22 1 
ATOM   1105 H  HG23 . VAL A 1 73 ? 1.53063   6.39516   -5.70515  1.000 20.23240  ? 72  VAL A HG23 1 
ATOM   1106 N  N    . GLY A 1 74 ? -1.10021  7.47680   -7.17656  1.000 19.61519  ? 73  GLY A N    1 
ATOM   1107 C  CA   . GLY A 1 74 ? -1.42910  6.98297   -8.49890  1.000 21.34393  ? 73  GLY A CA   1 
ATOM   1108 C  C    . GLY A 1 74 ? -2.60466  6.03432   -8.49265  1.000 13.77918  ? 73  GLY A C    1 
ATOM   1109 O  O    . GLY A 1 74 ? -3.39205  5.96869   -7.54073  1.000 13.03512  ? 73  GLY A O    1 
ATOM   1110 H  H    . GLY A 1 74 ? -1.64819  7.23909   -6.55784  1.000 23.56190  ? 73  GLY A H    1 
ATOM   1111 H  HA2  . GLY A 1 74 ? -1.64653  7.73216   -9.07537  1.000 25.63639  ? 73  GLY A HA2  1 
ATOM   1112 H  HA3  . GLY A 1 74 ? -0.66281  6.51453   -8.86532  1.000 25.63639  ? 73  GLY A HA3  1 
ATOM   1113 N  N    . THR A 1 75 ? -2.68671  5.29221   -9.57569  1.000 16.39052  ? 74  THR A N    1 
ATOM   1114 C  CA   . THR A 1 75 ? -3.82547  4.43414   -9.88400  1.000 19.75223  ? 74  THR A CA   1 
ATOM   1115 C  C    . THR A 1 75 ? -3.30688  3.09159   -10.34130 1.000 16.91343  ? 74  THR A C    1 
ATOM   1116 O  O    . THR A 1 75 ? -2.34521  3.02622   -11.10893 1.000 18.26116  ? 74  THR A O    1 
ATOM   1117 C  CB   . THR A 1 75 ? -4.70104  5.03668   -10.98458 1.000 20.24714  ? 74  THR A CB   1 
ATOM   1118 O  OG1  . THR A 1 75 ? -5.26342  6.24791   -10.50235 1.000 23.16525  ? 74  THR A OG1  1 
ATOM   1119 C  CG2  . THR A 1 75 ? -5.87655  4.10201   -11.33431 1.000 31.07049  ? 74  THR A CG2  1 
ATOM   1120 H  H    . THR A 1 75 ? -2.07181  5.26365   -10.17625 1.000 19.69229  ? 74  THR A H    1 
ATOM   1121 H  HA   . THR A 1 75 ? -4.37164  4.31692   -9.09100  1.000 23.72635  ? 74  THR A HA   1 
ATOM   1122 H  HB   . THR A 1 75 ? -4.15933  5.17931   -11.77648 1.000 24.32024  ? 74  THR A HB   1 
ATOM   1123 H  HG1  . THR A 1 75 ? -4.65508  6.80732   -10.35210 1.000 27.82197  ? 74  THR A HG1  1 
ATOM   1124 H  HG21 . THR A 1 75 ? -6.52624  4.57504   -11.87750 1.000 37.30826  ? 74  THR A HG21 1 
ATOM   1125 H  HG22 . THR A 1 75 ? -5.55303  3.33286   -11.82891 1.000 37.30826  ? 74  THR A HG22 1 
ATOM   1126 H  HG23 . THR A 1 75 ? -6.30913  3.79486   -10.52224 1.000 37.30826  ? 74  THR A HG23 1 
ATOM   1127 N  N    . LEU A 1 76 ? -3.93927  2.02220   -9.88769  1.000 18.00083  ? 75  LEU A N    1 
ATOM   1128 C  CA   . LEU A 1 76 ? -3.55326  0.67136   -10.29044 1.000 15.83335  ? 75  LEU A CA   1 
ATOM   1129 C  C    . LEU A 1 76 ? -4.30917  0.34825   -11.57429 1.000 21.80211  ? 75  LEU A C    1 
ATOM   1130 O  O    . LEU A 1 76 ? -5.53805  0.19175   -11.54664 1.000 21.76374  ? 75  LEU A O    1 
ATOM   1131 C  CB   . LEU A 1 76 ? -3.85595  -0.35121  -9.20350  1.000 18.81786  ? 75  LEU A CB   1 
ATOM   1132 C  CG   . LEU A 1 76 ? -3.57606  -1.81375  -9.58433  1.000 19.08460  ? 75  LEU A CG   1 
ATOM   1133 C  CD1  . LEU A 1 76 ? -2.10077  -1.95936  -9.97598  1.000 20.29243  ? 75  LEU A CD1  1 
ATOM   1134 C  CD2  . LEU A 1 76 ? -3.96337  -2.69528  -8.40728  1.000 17.20203  ? 75  LEU A CD2  1 
ATOM   1135 H  H    . LEU A 1 76 ? -4.60194  2.04965   -9.34024  1.000 21.62467  ? 75  LEU A H    1 
ATOM   1136 H  HA   . LEU A 1 76 ? -2.59748  0.64127   -10.45317 1.000 19.02369  ? 75  LEU A HA   1 
ATOM   1137 H  HB2  . LEU A 1 76 ? -3.31114  -0.14341  -8.42832  1.000 22.60510  ? 75  LEU A HB2  1 
ATOM   1138 H  HB3  . LEU A 1 76 ? -4.79643  -0.28522  -8.97534  1.000 22.60510  ? 75  LEU A HB3  1 
ATOM   1139 H  HG   . LEU A 1 76 ? -4.09776  -2.09937  -10.35058 1.000 22.92519  ? 75  LEU A HG   1 
ATOM   1140 H  HD11 . LEU A 1 76 ? -1.87872  -2.90232  -10.02534 1.000 24.37459  ? 75  LEU A HD11 1 
ATOM   1141 H  HD12 . LEU A 1 76 ? -1.96055  -1.54087  -10.83975 1.000 24.37459  ? 75  LEU A HD12 1 
ATOM   1142 H  HD13 . LEU A 1 76 ? -1.55150  -1.52488  -9.30485  1.000 24.37459  ? 75  LEU A HD13 1 
ATOM   1143 H  HD21 . LEU A 1 76 ? -3.82000  -3.62402  -8.64766  1.000 20.66610  ? 75  LEU A HD21 1 
ATOM   1144 H  HD22 . LEU A 1 76 ? -3.41247  -2.46242  -7.64361  1.000 20.66610  ? 75  LEU A HD22 1 
ATOM   1145 H  HD23 . LEU A 1 76 ? -4.89892  -2.54858  -8.19726  1.000 20.66610  ? 75  LEU A HD23 1 
ATOM   1146 N  N    . LYS A 1 77 ? -3.54275  0.21245   -12.66395 1.000 33.11624  ? 76  LYS A N    1 
ATOM   1147 C  CA   . LYS A 1 77 ? -3.92195  0.10242   -14.08154 1.000 43.99074  ? 76  LYS A CA   1 
ATOM   1148 C  C    . LYS A 1 77 ? -5.35901  0.36881   -14.37980 1.000 38.44077  ? 76  LYS A C    1 
ATOM   1149 O  O    . LYS A 1 77 ? -5.64743  1.14715   -15.29290 1.000 61.06799  ? 76  LYS A O    1 
ATOM   1150 C  CB   . LYS A 1 77 ? -3.52891  -1.30234  -14.62734 1.000 30.87995  ? 76  LYS A CB   1 
ATOM   1151 C  CG   . LYS A 1 77 ? -4.41353  -2.41323  -14.07084 1.000 42.02627  ? 76  LYS A CG   1 
ATOM   1152 C  CD   . LYS A 1 77 ? -4.12951  -3.77517  -14.69625 1.000 50.78206  ? 76  LYS A CD   1 
ATOM   1153 C  CE   . LYS A 1 77 ? -2.97157  -4.48438  -13.96569 1.000 41.15241  ? 76  LYS A CE   1 
ATOM   1154 N  NZ   . LYS A 1 77 ? -2.00620  -5.08724  -14.95584 1.000 49.90825  ? 76  LYS A NZ   1 
ATOM   1155 H  H    . LYS A 1 77 ? -2.68567  0.17648   -12.60286 1.000 39.76316  ? 76  LYS A H    1 
ATOM   1156 H  HA   . LYS A 1 77 ? -3.43312  0.79833   -14.54805 1.000 52.81256  ? 76  LYS A HA   1 
ATOM   1157 H  HB2  . LYS A 1 77 ? -3.61654  -1.30257  -15.59337 1.000 37.07961  ? 76  LYS A HB2  1 
ATOM   1158 H  HB3  . LYS A 1 77 ? -2.61143  -1.49380  -14.37740 1.000 37.07961  ? 76  LYS A HB3  1 
ATOM   1159 H  HG2  . LYS A 1 77 ? -4.26320  -2.48693  -13.11539 1.000 50.45520  ? 76  LYS A HG2  1 
ATOM   1160 H  HG3  . LYS A 1 77 ? -5.34217  -2.19339  -14.24458 1.000 50.45520  ? 76  LYS A HG3  1 
ATOM   1161 H  HD2  . LYS A 1 77 ? -4.92091  -4.33234  -14.63180 1.000 60.96215  ? 76  LYS A HD2  1 
ATOM   1162 H  HD3  . LYS A 1 77 ? -3.88069  -3.65862  -15.62652 1.000 60.96215  ? 76  LYS A HD3  1 
ATOM   1163 H  HE2  . LYS A 1 77 ? -2.49190  -3.84272  -13.41882 1.000 49.40657  ? 76  LYS A HE2  1 
ATOM   1164 H  HE3  . LYS A 1 77 ? -3.32639  -5.19511  -13.40901 1.000 49.40657  ? 76  LYS A HE3  1 
ATOM   1165 H  HZ1  . LYS A 1 77 ? -1.35581  -5.51538  -14.52482 1.000 59.91357  ? 76  LYS A HZ1  1 
ATOM   1166 H  HZ2  . LYS A 1 77 ? -2.43175  -5.66420  -15.48322 1.000 59.91357  ? 76  LYS A HZ2  1 
ATOM   1167 H  HZ3  . LYS A 1 77 ? -1.64668  -4.44707  -15.45886 1.000 59.91357  ? 76  LYS A HZ3  1 
HETATM 1168 C  CHA  . HEM B 2 .  ? -3.61435  0.76249   10.98977  1.000 21.02755  ? 101 HEM A CHA  1 
HETATM 1169 C  CHB  . HEM B 2 .  ? -3.88409  -3.91465  11.91097  1.000 15.97272  ? 101 HEM A CHB  1 
HETATM 1170 C  CHC  . HEM B 2 .  ? -4.75523  -4.86322  7.28976   1.000 15.67945  ? 101 HEM A CHC  1 
HETATM 1171 C  CHD  . HEM B 2 .  ? -3.80684  -0.22781  6.29008   1.000 13.29015  ? 101 HEM A CHD  1 
HETATM 1172 C  C1A  . HEM B 2 .  ? -3.72071  -0.41470  11.66137  1.000 21.24708  ? 101 HEM A C1A  1 
HETATM 1173 C  C2A  . HEM B 2 .  ? -3.80845  -0.56140  13.09228  1.000 22.00785  ? 101 HEM A C2A  1 
HETATM 1174 C  C3A  . HEM B 2 .  ? -3.86193  -1.88194  13.34149  1.000 23.61511  ? 101 HEM A C3A  1 
HETATM 1175 C  C4A  . HEM B 2 .  ? -3.82033  -2.57157  12.07110  1.000 18.29791  ? 101 HEM A C4A  1 
HETATM 1176 C  CMA  . HEM B 2 .  ? -3.96951  -2.62801  14.68651  1.000 20.71039  ? 101 HEM A CMA  1 
HETATM 1177 C  CAA  . HEM B 2 .  ? -3.80716  0.64423   14.07074  1.000 22.62361  ? 101 HEM A CAA  1 
HETATM 1178 C  CBA  . HEM B 2 .  ? -4.82617  0.52036   15.18975  1.000 58.44655  ? 101 HEM A CBA  1 
HETATM 1179 C  CGA  . HEM B 2 .  ? -6.13699  0.94161   14.63194  1.000 48.43210  ? 101 HEM A CGA  1 
HETATM 1180 O  O1A  . HEM B 2 .  ? -6.08631  1.80224   13.73093  1.000 53.66206  ? 101 HEM A O1A  1 
HETATM 1181 O  O2A  . HEM B 2 .  ? -7.19877  0.41744   15.07921  1.000 52.87224  ? 101 HEM A O2A  1 
HETATM 1182 C  C1B  . HEM B 2 .  ? -4.13865  -4.54969  10.73896  1.000 19.91348  ? 101 HEM A C1B  1 
HETATM 1183 C  C2B  . HEM B 2 .  ? -4.24766  -5.94754  10.65683  1.000 23.13260  ? 101 HEM A C2B  1 
HETATM 1184 C  C3B  . HEM B 2 .  ? -4.50476  -6.27529  9.40078   1.000 20.04831  ? 101 HEM A C3B  1 
HETATM 1185 C  C4B  . HEM B 2 .  ? -4.52537  -5.04895  8.62381   1.000 17.75250  ? 101 HEM A C4B  1 
HETATM 1186 C  CMB  . HEM B 2 .  ? -4.14828  -6.90538  11.85150  1.000 22.46287  ? 101 HEM A CMB  1 
HETATM 1187 C  CAB  . HEM B 2 .  ? -4.81011  -7.74857  9.06141   1.000 24.59031  ? 101 HEM A CAB  1 
HETATM 1188 C  CBB  . HEM B 2 .  ? -5.78374  -8.02434  8.18490   1.000 19.15110  ? 101 HEM A CBB  1 
HETATM 1189 C  C1C  . HEM B 2 .  ? -4.59729  -3.68041  6.61184   1.000 17.51982  ? 101 HEM A C1C  1 
HETATM 1190 C  C2C  . HEM B 2 .  ? -4.81661  -3.47928  5.18629   1.000 19.40154  ? 101 HEM A C2C  1 
HETATM 1191 C  C3C  . HEM B 2 .  ? -4.53890  -2.19046  4.90778   1.000 14.85551  ? 101 HEM A C3C  1 
HETATM 1192 C  C4C  . HEM B 2 .  ? -4.15442  -1.54491  6.15145   1.000 14.61277  ? 101 HEM A C4C  1 
HETATM 1193 C  CMC  . HEM B 2 .  ? -5.24935  -4.60764  4.23221   1.000 14.74301  ? 101 HEM A CMC  1 
HETATM 1194 C  CAC  . HEM B 2 .  ? -4.56909  -1.38038  3.57308   1.000 20.22288  ? 101 HEM A CAC  1 
HETATM 1195 C  CBC  . HEM B 2 .  ? -5.40278  -1.63061  2.58160   1.000 23.63851  ? 101 HEM A CBC  1 
HETATM 1196 C  C1D  . HEM B 2 .  ? -3.59776  0.43851   7.46873   1.000 19.73091  ? 101 HEM A C1D  1 
HETATM 1197 C  C2D  . HEM B 2 .  ? -3.14683  1.81313   7.62404   1.000 17.98115  ? 101 HEM A C2D  1 
HETATM 1198 C  C3D  . HEM B 2 .  ? -3.12001  2.09816   8.92257   1.000 16.47798  ? 101 HEM A C3D  1 
HETATM 1199 C  C4D  . HEM B 2 .  ? -3.51178  0.89900   9.61686   1.000 17.07279  ? 101 HEM A C4D  1 
HETATM 1200 C  CMD  . HEM B 2 .  ? -2.81916  2.77547   6.45569   1.000 17.48632  ? 101 HEM A CMD  1 
HETATM 1201 C  CAD  . HEM B 2 .  ? -2.71039  3.42272   9.62148   1.000 15.33353  ? 101 HEM A CAD  1 
HETATM 1202 C  CBD  . HEM B 2 .  ? -1.18921  3.43668   9.75408   1.000 18.22483  ? 101 HEM A CBD  1 
HETATM 1203 C  CGD  . HEM B 2 .  ? -0.67654  4.64560   10.51071  1.000 21.43037  ? 101 HEM A CGD  1 
HETATM 1204 O  O1D  . HEM B 2 .  ? 0.55330   4.84985   10.57323  1.000 17.19704  ? 101 HEM A O1D  1 
HETATM 1205 O  O2D  . HEM B 2 .  ? -1.50185  5.45207   10.98434  1.000 19.97478  ? 101 HEM A O2D  1 
HETATM 1206 N  NA   . HEM B 2 .  ? -3.74645  -1.64269  11.06325  1.000 19.33629  ? 101 HEM A NA   1 
HETATM 1207 N  NB   . HEM B 2 .  ? -4.28076  -4.01815  9.47869   1.000 17.81976  ? 101 HEM A NB   1 
HETATM 1208 N  NC   . HEM B 2 .  ? -4.22040  -2.47296  7.17227   1.000 17.13613  ? 101 HEM A NC   1 
HETATM 1209 N  ND   . HEM B 2 .  ? -3.79671  -0.09671  8.71073   1.000 17.39276  ? 101 HEM A ND   1 
HETATM 1210 FE FE   . HEM B 2 .  ? -4.02839  -2.03824  9.14529   1.000 15.96117  ? 101 HEM A FE   1 
HETATM 1211 H  HHB  . HEM B 2 .  ? -3.73475  -4.47162  12.70335  1.000 19.19093  ? 101 HEM A HHB  1 
HETATM 1212 H  HHC  . HEM B 2 .  ? -5.05817  -5.63946  6.77394   1.000 18.83901  ? 101 HEM A HHC  1 
HETATM 1213 H  HHD  . HEM B 2 .  ? -3.69681  0.28920   5.46486   1.000 15.97185  ? 101 HEM A HHD  1 
HETATM 1214 H  HMA  . HEM B 2 .  ? -3.32726  -2.24969  15.32274  1.000 24.87614  ? 101 HEM A HMA  1 
HETATM 1215 H  HMAA . HEM B 2 .  ? -3.77246  -3.57826  14.55017  1.000 24.87614  ? 101 HEM A HMAA 1 
HETATM 1216 H  HMAB . HEM B 2 .  ? -4.87731  -2.53096  15.04273  1.000 24.87614  ? 101 HEM A HMAB 1 
HETATM 1217 H  HAA  . HEM B 2 .  ? -4.00274  1.44901   13.56578  1.000 27.17200  ? 101 HEM A HAA  1 
HETATM 1218 H  HAAA . HEM B 2 .  ? -2.92458  0.71680   14.46656  1.000 27.17200  ? 101 HEM A HAAA 1 
HETATM 1219 H  HBA  . HEM B 2 .  ? -4.57901  1.09586   15.93043  1.000 70.15953  ? 101 HEM A HBA  1 
HETATM 1220 H  HBAA . HEM B 2 .  ? -4.87445  -0.39877  15.49597  1.000 70.15953  ? 101 HEM A HBAA 1 
HETATM 1221 H  HMB  . HEM B 2 .  ? -4.10344  -7.81967  11.53061  1.000 26.97911  ? 101 HEM A HMB  1 
HETATM 1222 H  HMBA . HEM B 2 .  ? -4.92916  -6.79963  12.41712  1.000 26.97911  ? 101 HEM A HMBA 1 
HETATM 1223 H  HMBB . HEM B 2 .  ? -3.34931  -6.70319  12.36303  1.000 26.97911  ? 101 HEM A HMBB 1 
HETATM 1224 H  HAB  . HEM B 2 .  ? -4.30955  -8.45711  9.47251   1.000 29.53205  ? 101 HEM A HAB  1 
HETATM 1225 H  HBB  . HEM B 2 .  ? -5.98798  -8.94576  7.96088   1.000 23.00500  ? 101 HEM A HBB  1 
HETATM 1226 H  HBBA . HEM B 2 .  ? -6.28496  -7.30273  7.77384   1.000 23.00500  ? 101 HEM A HBBA 1 
HETATM 1227 H  HMC  . HEM B 2 .  ? -5.36603  -4.24906  3.33851   1.000 17.71528  ? 101 HEM A HMC  1 
HETATM 1228 H  HMCA . HEM B 2 .  ? -6.08714  -4.98795  4.53944   1.000 17.71528  ? 101 HEM A HMCA 1 
HETATM 1229 H  HMCB . HEM B 2 .  ? -4.56790  -5.29778  4.21678   1.000 17.71528  ? 101 HEM A HMCB 1 
HETATM 1230 H  HAC  . HEM B 2 .  ? -3.94496  -0.65859  3.46791   1.000 24.29113  ? 101 HEM A HAC  1 
HETATM 1231 H  HBC  . HEM B 2 .  ? -5.37360  -1.09165  1.77564   1.000 28.38988  ? 101 HEM A HBC  1 
HETATM 1232 H  HBCA . HEM B 2 .  ? -6.04491  -2.35355  2.65860   1.000 28.38988  ? 101 HEM A HBCA 1 
HETATM 1233 H  HMD  . HEM B 2 .  ? -2.47703  2.26149   5.69466   1.000 21.00725  ? 101 HEM A HMD  1 
HETATM 1234 H  HMDA . HEM B 2 .  ? -2.14108  3.42146   6.74432   1.000 21.00725  ? 101 HEM A HMDA 1 
HETATM 1235 H  HMDB . HEM B 2 .  ? -3.63174  3.25328   6.18773   1.000 21.00725  ? 101 HEM A HMDB 1 
HETATM 1236 H  HAD  . HEM B 2 .  ? -3.11762  3.47032   10.50058  1.000 18.42391  ? 101 HEM A HAD  1 
HETATM 1237 H  HADA . HEM B 2 .  ? -3.00105  4.17932   9.08859   1.000 18.42391  ? 101 HEM A HADA 1 
HETATM 1238 H  HBD  . HEM B 2 .  ? -0.80079  3.43993   8.86524   1.000 21.89347  ? 101 HEM A HBD  1 
HETATM 1239 H  HBDA . HEM B 2 .  ? -0.91200  2.63564   10.22565  1.000 21.89347  ? 101 HEM A HBDA 1 
HETATM 1240 H  HHA  . HEM B 2 .  ? -3.60995  1.58433   11.52358  1.000 25.25673  ? 101 HEM A HHA  1 
HETATM 1241 O  O    . HOH C 3 .  ? 4.55451   -9.45919  6.54860   1.000 40.89491  ? 201 HOH A O    1 
HETATM 1242 O  O    . HOH C 3 .  ? 1.09732   -5.93657  -7.11904  1.000 18.31342  ? 202 HOH A O    1 
HETATM 1243 O  O    . HOH C 3 .  ? 1.95883   1.88538   -15.93086 1.000 33.74081  ? 203 HOH A O    1 
HETATM 1244 O  O    . HOH C 3 .  ? -8.43334  -6.07811  -6.23683  1.000 14.89823  ? 204 HOH A O    1 
HETATM 1245 O  O    . HOH C 3 .  ? 2.44408   6.23396   11.78262  1.000 38.27781  ? 205 HOH A O    1 
HETATM 1246 O  O    . HOH C 3 .  ? -7.81607  8.12988   1.33102   1.000 16.24023  ? 206 HOH A O    1 
HETATM 1247 O  O    . HOH C 3 .  ? -2.63837  -11.81824 5.23564   1.000 35.60935  ? 207 HOH A O    1 
HETATM 1248 O  O    . HOH C 3 .  ? -7.30591  -1.67450  -6.76645  1.000 14.10789  ? 208 HOH A O    1 
HETATM 1249 O  O    . HOH C 3 .  ? 7.96358   3.34586   8.20983   1.000 34.34572  ? 209 HOH A O    1 
HETATM 1250 O  O    . HOH C 3 .  ? -6.47889  8.24123   8.62680   1.000 41.16740  ? 210 HOH A O    1 
HETATM 1251 O  O    . HOH C 3 .  ? -5.67786  -5.75995  -8.63140  1.000 15.93662  ? 211 HOH A O    1 
HETATM 1252 O  O    . HOH C 3 .  ? -2.60019  -9.61067  3.04051   1.000 29.30552  ? 212 HOH A O    1 
HETATM 1253 O  O    . HOH C 3 .  ? 6.01434   8.42188   -3.18771  1.000 23.44981  ? 213 HOH A O    1 
HETATM 1254 O  O    . HOH C 3 .  ? 10.30760  0.69070   4.30015   1.000 22.51342  ? 214 HOH A O    1 
HETATM 1255 O  O    . HOH C 3 .  ? 7.31839   8.74724   0.87576   1.000 30.20937  ? 215 HOH A O    1 
HETATM 1256 O  O    . HOH C 3 .  ? -4.23364  -10.41673 -1.44739  1.000 29.51184  ? 216 HOH A O    1 
HETATM 1257 O  O    . HOH C 3 .  ? 13.02650  0.01300   1.24633   1.000 31.95548  ? 217 HOH A O    1 
HETATM 1258 O  O    . HOH C 3 .  ? 5.71565   7.10697   -7.48476  1.000 25.94394  ? 218 HOH A O    1 
HETATM 1259 O  O    . HOH C 3 .  ? 0.05883   -9.30447  14.41173  1.000 26.71489  ? 219 HOH A O    1 
HETATM 1260 O  O    . HOH C 3 .  ? 7.86879   1.53624   4.95582   1.000 24.32537  ? 220 HOH A O    1 
HETATM 1261 O  O    . HOH C 3 .  ? 3.46944   8.85592   -8.39414  1.000 32.47994  ? 221 HOH A O    1 
HETATM 1262 O  O    . HOH C 3 .  ? 3.10221   -3.19916  11.81658  1.000 29.66680  ? 222 HOH A O    1 
HETATM 1263 O  O    . HOH C 3 .  ? 11.20925  3.03250   -10.06179 1.000 26.54804  ? 223 HOH A O    1 
HETATM 1264 O  O    . HOH C 3 .  ? -12.35596 -3.95591  7.81130   1.000 28.88118  ? 224 HOH A O    1 
HETATM 1265 O  O    . HOH C 3 .  ? -12.57525 3.48522   -5.40945  1.000 43.67484  ? 225 HOH A O    1 
HETATM 1266 O  O    . HOH C 3 .  ? -0.02361  -8.95964  2.14867   1.000 32.38159  ? 226 HOH A O    1 
HETATM 1267 O  O    . HOH C 3 .  ? -11.50441 6.75471   -5.04225  1.000 38.54544  ? 227 HOH A O    1 
HETATM 1268 O  O    . HOH C 3 .  ? -5.91928  10.20683  1.46829   1.000 17.02990  ? 228 HOH A O    1 
HETATM 1269 O  O    . HOH C 3 .  ? -3.30892  -6.62761  -8.82023  1.000 16.38500  ? 229 HOH A O    1 
HETATM 1270 O  O    . HOH C 3 .  ? -12.24833 3.97146   -1.55515  1.000 22.39518  ? 230 HOH A O    1 
HETATM 1271 O  O    . HOH C 3 .  ? 10.91271  1.04011   6.95692   1.000 33.75125  ? 231 HOH A O    1 
HETATM 1272 O  O    . HOH C 3 .  ? -12.36558 -3.81692  0.75197   1.000 37.08747  ? 232 HOH A O    1 
HETATM 1273 O  O    . HOH C 3 .  ? -13.97515 0.38556   5.63876   1.000 27.47300  ? 233 HOH A O    1 
HETATM 1274 O  O    . HOH C 3 .  ? 5.00845   -7.95962  -1.80506  1.000 35.90863  ? 234 HOH A O    1 
HETATM 1275 O  O    . HOH C 3 .  ? -11.57573 -10.68165 1.04407   1.000 34.60976  ? 235 HOH A O    1 
HETATM 1276 O  O    . HOH C 3 .  ? 14.65187  -4.14310  3.30412   1.000 41.66952  ? 236 HOH A O    1 
HETATM 1277 O  O    . HOH C 3 .  ? -2.15743  -7.41593  15.14304  0.50  30.57672  ? 237 HOH A O    1 
HETATM 1278 O  O    . HOH C 3 .  ? -7.20652  13.02752  7.03008   1.000 38.42722  ? 238 HOH A O    1 
HETATM 1279 O  O    . HOH C 3 .  ? -9.68543  13.08891  6.64760   1.000 37.82866  ? 239 HOH A O    1 
HETATM 1280 O  O    . HOH C 3 .  ? 11.74708  -4.09183  -3.55035  1.000 31.10927  ? 240 HOH A O    1 
HETATM 1281 O  O    . HOH C 3 .  ? -1.58568  -6.66423  -6.66872  1.000 12.99335  ? 241 HOH A O    1 
HETATM 1282 O  O    . HOH C 3 .  ? -4.37187  6.75647   9.97590   1.000 34.49623  ? 242 HOH A O    1 
HETATM 1283 O  O    . HOH C 3 .  ? -11.13827 2.44542   12.03563  1.000 31.09410  ? 243 HOH A O    1 
HETATM 1284 O  O    . HOH C 3 .  ? 4.27326   -3.90686  -16.42017 1.000 32.44092  ? 244 HOH A O    1 
HETATM 1285 O  O    . HOH C 3 .  ? -11.12483 -10.06101 11.17955  1.000 42.82787  ? 245 HOH A O    1 
HETATM 1286 O  O    . HOH C 3 .  ? 3.92082   -11.14056 5.44589   1.000 47.82170  ? 246 HOH A O    1 
HETATM 1287 O  O    . HOH C 3 .  ? 1.11249   -6.40092  -14.62823 1.000 24.92051  ? 247 HOH A O    1 
HETATM 1288 O  O    . HOH C 3 .  ? 5.63888   -7.50965  -3.95469  1.000 38.47335  ? 248 HOH A O    1 
HETATM 1289 O  O    . HOH C 3 .  ? -7.26509  -11.88171 0.96308   1.000 32.07679  ? 249 HOH A O    1 
HETATM 1290 O  O    . HOH C 3 .  ? 11.92419  -7.44523  -1.98267  1.000 39.37196  ? 250 HOH A O    1 
HETATM 1291 O  O    . HOH C 3 .  ? 5.57877   -1.86448  11.23601  1.000 31.78756  ? 251 HOH A O    1 
HETATM 1292 O  O    . HOH C 3 .  ? 1.75315   6.94864   -15.72285 1.000 29.74247  ? 252 HOH A O    1 
HETATM 1293 O  O    . HOH C 3 .  ? 13.67951  -0.92052  4.30169   1.000 41.20626  ? 253 HOH A O    1 
HETATM 1294 O  O    . HOH C 3 .  ? -7.30528  -1.52394  -9.62786  1.000 26.68588  ? 254 HOH A O    1 
HETATM 1295 O  O    . HOH C 3 .  ? 8.13902   -0.80444  -11.13447 1.000 47.38598  ? 255 HOH A O    1 
HETATM 1296 O  O    . HOH C 3 .  ? 4.67271   -13.18848 10.64521  1.000 41.66499  ? 256 HOH A O    1 
HETATM 1297 O  O    . HOH C 3 .  ? -3.05896  8.27518   -11.75497 1.000 35.83087  ? 257 HOH A O    1 
HETATM 1298 O  O    . HOH C 3 .  ? -13.75051 -11.25961 2.55917   1.000 38.29388  ? 258 HOH A O    1 
HETATM 1299 O  O    . HOH C 3 .  ? 16.33208  -2.50517  3.23806   1.000 51.15637  ? 259 HOH A O    1 
HETATM 1300 O  O    . HOH C 3 .  ? -9.31988  2.57560   13.49595  1.000 40.00021  ? 260 HOH A O    1 
HETATM 1301 O  O    . HOH C 3 .  ? -4.83054  -4.17149  -11.72181 1.000 45.77752  ? 261 HOH A O    1 
HETATM 1302 O  O    . HOH C 3 .  ? -12.33732 -7.98312  11.81637  1.000 43.86636  ? 262 HOH A O    1 
HETATM 1303 O  O    . HOH C 3 .  ? -11.11574 5.44948   -7.35310  1.000 41.93894  ? 263 HOH A O    1 
HETATM 1304 O  O    . HOH C 3 .  ? -14.30180 -2.05930  6.40146   1.000 35.74034  ? 264 HOH A O    1 
HETATM 1305 O  O    . HOH C 3 .  ? -13.98360 -5.00736  -0.47592  1.000 44.97343  ? 265 HOH A O    1 
HETATM 1306 O  O    . HOH C 3 .  ? -5.25998  5.63839   12.34715  1.000 44.52402  ? 266 HOH A O    1 
# 
loop_
_pdbx_poly_seq_scheme.asym_id 
_pdbx_poly_seq_scheme.entity_id 
_pdbx_poly_seq_scheme.seq_id 
_pdbx_poly_seq_scheme.mon_id 
_pdbx_poly_seq_scheme.ndb_seq_num 
_pdbx_poly_seq_scheme.pdb_seq_num 
_pdbx_poly_seq_scheme.auth_seq_num 
_pdbx_poly_seq_scheme.pdb_mon_id 
_pdbx_poly_seq_scheme.auth_mon_id 
_pdbx_poly_seq_scheme.pdb_strand_id 
_pdbx_poly_seq_scheme.pdb_ins_code 
_pdbx_poly_seq_scheme.hetero 
A 1 1  ALA 1  0  0  ALA ALA A . n 
A 1 2  MET 2  1  1  MET MET A . n 
A 1 3  GLU 3  2  2  GLU GLU A . n 
A 1 4  GLU 4  3  3  GLU GLU A . n 
A 1 5  PHE 5  4  4  PHE PHE A . n 
A 1 6  THR 6  5  5  THR THR A . n 
A 1 7  THR 7  6  6  THR THR A . n 
A 1 8  GLU 8  7  7  GLU GLU A . n 
A 1 9  GLU 9  8  8  GLU GLU A . n 
A 1 10 LEU 10 9  9  LEU LEU A . n 
A 1 11 ALA 11 10 10 ALA ALA A . n 
A 1 12 LYS 12 11 11 LYS LYS A . n 
A 1 13 TYR 13 12 12 TYR TYR A . n 
A 1 14 ASN 14 13 13 ASN ASN A . n 
A 1 15 GLY 15 14 14 GLY GLY A . n 
A 1 16 LYS 16 15 15 LYS LYS A . n 
A 1 17 ASP 17 16 16 ASP ASP A . n 
A 1 18 GLY 18 17 17 GLY GLY A . n 
A 1 19 GLU 19 18 18 GLU GLU A . n 
A 1 20 LYS 20 19 19 LYS LYS A . n 
A 1 21 CYS 21 20 20 CYS CYS A . n 
A 1 22 TYR 22 21 21 TYR TYR A . n 
A 1 23 PHE 23 22 22 PHE PHE A . n 
A 1 24 ALA 24 23 23 ALA ALA A . n 
A 1 25 TYR 25 24 24 TYR TYR A . n 
A 1 26 LYS 26 25 25 LYS LYS A . n 
A 1 27 GLY 27 26 26 GLY GLY A . n 
A 1 28 LYS 28 27 27 LYS LYS A . n 
A 1 29 VAL 29 28 28 VAL VAL A . n 
A 1 30 TYR 30 29 29 TYR TYR A . n 
A 1 31 ASP 31 30 30 ASP ASP A . n 
A 1 32 VAL 32 31 31 VAL VAL A . n 
A 1 33 THR 33 32 32 THR THR A . n 
A 1 34 GLU 34 33 33 GLU GLU A . n 
A 1 35 SER 35 34 34 SER SER A . n 
A 1 36 MET 36 35 35 MET MET A . n 
A 1 37 LEU 37 36 36 LEU LEU A . n 
A 1 38 TRP 38 37 37 TRP TRP A . n 
A 1 39 GLU 39 38 38 GLU GLU A . n 
A 1 40 ASP 40 39 39 ASP ASP A . n 
A 1 41 GLY 41 40 40 GLY GLY A . n 
A 1 42 ASP 42 41 41 ASP ASP A . n 
A 1 43 HIS 43 42 42 HIS HIS A . n 
A 1 44 GLN 44 43 43 GLN GLN A . n 
A 1 45 GLY 45 44 44 GLY GLY A . n 
A 1 46 MET 46 45 45 MET MET A . n 
A 1 47 HIS 47 46 46 HIS HIS A . n 
A 1 48 GLU 48 47 47 GLU GLU A . n 
A 1 49 GLY 49 48 48 GLY GLY A . n 
A 1 50 GLY 50 49 49 GLY GLY A . n 
A 1 51 ILE 51 50 50 ILE ILE A . n 
A 1 52 ASP 52 51 51 ASP ASP A . n 
A 1 53 LEU 53 52 52 LEU LEU A . n 
A 1 54 THR 54 53 53 THR THR A . n 
A 1 55 ALA 55 54 54 ALA ALA A . n 
A 1 56 ASP 56 55 55 ASP ASP A . n 
A 1 57 HIS 57 56 56 HIS HIS A . n 
A 1 58 GLU 58 57 57 GLU GLU A . n 
A 1 59 ASP 59 58 58 ASP ASP A . n 
A 1 60 ALA 60 59 59 ALA ALA A . n 
A 1 61 PRO 61 60 60 PRO PRO A . n 
A 1 62 HIS 62 61 61 HIS HIS A . n 
A 1 63 ASP 63 62 62 ASP ASP A . n 
A 1 64 ASP 64 63 63 ASP ASP A . n 
A 1 65 ASP 65 64 64 ASP ASP A . n 
A 1 66 VAL 66 65 65 VAL VAL A . n 
A 1 67 LEU 67 66 66 LEU LEU A . n 
A 1 68 GLU 68 67 67 GLU GLU A . n 
A 1 69 ASP 69 68 68 ASP ASP A . n 
A 1 70 PHE 70 69 69 PHE PHE A . n 
A 1 71 PRO 71 70 70 PRO PRO A . n 
A 1 72 VAL 72 71 71 VAL VAL A . n 
A 1 73 VAL 73 72 72 VAL VAL A . n 
A 1 74 GLY 74 73 73 GLY GLY A . n 
A 1 75 THR 75 74 74 THR THR A . n 
A 1 76 LEU 76 75 75 LEU LEU A . n 
A 1 77 LYS 77 76 76 LYS LYS A . n 
A 1 78 ALA 78 77 ?  ?   ?   A . n 
# 
loop_
_pdbx_nonpoly_scheme.asym_id 
_pdbx_nonpoly_scheme.entity_id 
_pdbx_nonpoly_scheme.mon_id 
_pdbx_nonpoly_scheme.ndb_seq_num 
_pdbx_nonpoly_scheme.pdb_seq_num 
_pdbx_nonpoly_scheme.auth_seq_num 
_pdbx_nonpoly_scheme.pdb_mon_id 
_pdbx_nonpoly_scheme.auth_mon_id 
_pdbx_nonpoly_scheme.pdb_strand_id 
_pdbx_nonpoly_scheme.pdb_ins_code 
B 2 HEM 1  101 101 HEM HEM A . 
C 3 HOH 1  201 40  HOH HOH A . 
C 3 HOH 2  202 10  HOH HOH A . 
C 3 HOH 3  203 50  HOH HOH A . 
C 3 HOH 4  204 2   HOH HOH A . 
C 3 HOH 5  205 45  HOH HOH A . 
C 3 HOH 6  206 4   HOH HOH A . 
C 3 HOH 7  207 57  HOH HOH A . 
C 3 HOH 8  208 7   HOH HOH A . 
C 3 HOH 9  209 33  HOH HOH A . 
C 3 HOH 10 210 49  HOH HOH A . 
C 3 HOH 11 211 9   HOH HOH A . 
C 3 HOH 12 212 19  HOH HOH A . 
C 3 HOH 13 213 14  HOH HOH A . 
C 3 HOH 14 214 5   HOH HOH A . 
C 3 HOH 15 215 24  HOH HOH A . 
C 3 HOH 16 216 32  HOH HOH A . 
C 3 HOH 17 217 29  HOH HOH A . 
C 3 HOH 18 218 12  HOH HOH A . 
C 3 HOH 19 219 21  HOH HOH A . 
C 3 HOH 20 220 6   HOH HOH A . 
C 3 HOH 21 221 36  HOH HOH A . 
C 3 HOH 22 222 25  HOH HOH A . 
C 3 HOH 23 223 17  HOH HOH A . 
C 3 HOH 24 224 23  HOH HOH A . 
C 3 HOH 25 225 63  HOH HOH A . 
C 3 HOH 26 226 37  HOH HOH A . 
C 3 HOH 27 227 60  HOH HOH A . 
C 3 HOH 28 228 11  HOH HOH A . 
C 3 HOH 29 229 3   HOH HOH A . 
C 3 HOH 30 230 8   HOH HOH A . 
C 3 HOH 31 231 39  HOH HOH A . 
C 3 HOH 32 232 13  HOH HOH A . 
C 3 HOH 33 233 30  HOH HOH A . 
C 3 HOH 34 234 16  HOH HOH A . 
C 3 HOH 35 235 28  HOH HOH A . 
C 3 HOH 36 236 56  HOH HOH A . 
C 3 HOH 37 237 38  HOH HOH A . 
C 3 HOH 38 238 42  HOH HOH A . 
C 3 HOH 39 239 51  HOH HOH A . 
C 3 HOH 40 240 27  HOH HOH A . 
C 3 HOH 41 241 1   HOH HOH A . 
C 3 HOH 42 242 20  HOH HOH A . 
C 3 HOH 43 243 26  HOH HOH A . 
C 3 HOH 44 244 31  HOH HOH A . 
C 3 HOH 45 245 58  HOH HOH A . 
C 3 HOH 46 246 44  HOH HOH A . 
C 3 HOH 47 247 47  HOH HOH A . 
C 3 HOH 48 248 34  HOH HOH A . 
C 3 HOH 49 249 48  HOH HOH A . 
C 3 HOH 50 250 35  HOH HOH A . 
C 3 HOH 51 251 22  HOH HOH A . 
C 3 HOH 52 252 18  HOH HOH A . 
C 3 HOH 53 253 64  HOH HOH A . 
C 3 HOH 54 254 15  HOH HOH A . 
C 3 HOH 55 255 66  HOH HOH A . 
C 3 HOH 56 256 52  HOH HOH A . 
C 3 HOH 57 257 61  HOH HOH A . 
C 3 HOH 58 258 54  HOH HOH A . 
C 3 HOH 59 259 46  HOH HOH A . 
C 3 HOH 60 260 53  HOH HOH A . 
C 3 HOH 61 261 55  HOH HOH A . 
C 3 HOH 62 262 65  HOH HOH A . 
C 3 HOH 63 263 59  HOH HOH A . 
C 3 HOH 64 264 41  HOH HOH A . 
C 3 HOH 65 265 43  HOH HOH A . 
C 3 HOH 66 266 62  HOH HOH A . 
# 
_pdbx_struct_assembly.id                   1 
_pdbx_struct_assembly.details              author_and_software_defined_assembly 
_pdbx_struct_assembly.method_details       PISA 
_pdbx_struct_assembly.oligomeric_details   monomeric 
_pdbx_struct_assembly.oligomeric_count     1 
# 
_pdbx_struct_assembly_gen.assembly_id       1 
_pdbx_struct_assembly_gen.oper_expression   1 
_pdbx_struct_assembly_gen.asym_id_list      A,B,C 
# 
_pdbx_struct_oper_list.id                   1 
_pdbx_struct_oper_list.type                 'identity operation' 
_pdbx_struct_oper_list.name                 1_555 
_pdbx_struct_oper_list.symmetry_operation   x,y,z 
_pdbx_struct_oper_list.matrix[1][1]         1.0000000000 
_pdbx_struct_oper_list.matrix[1][2]         0.0000000000 
_pdbx_struct_oper_list.matrix[1][3]         0.0000000000 
_pdbx_struct_oper_list.vector[1]            0.0000000000 
_pdbx_struct_oper_list.matrix[2][1]         0.0000000000 
_pdbx_struct_oper_list.matrix[2][2]         1.0000000000 
_pdbx_struct_oper_list.matrix[2][3]         0.0000000000 
_pdbx_struct_oper_list.vector[2]            0.0000000000 
_pdbx_struct_oper_list.matrix[3][1]         0.0000000000 
_pdbx_struct_oper_list.matrix[3][2]         0.0000000000 
_pdbx_struct_oper_list.matrix[3][3]         1.0000000000 
_pdbx_struct_oper_list.vector[3]            0.0000000000 
# 
_pdbx_struct_special_symmetry.id              1 
_pdbx_struct_special_symmetry.PDB_model_num   1 
_pdbx_struct_special_symmetry.auth_asym_id    A 
_pdbx_struct_special_symmetry.auth_comp_id    HOH 
_pdbx_struct_special_symmetry.auth_seq_id     237 
_pdbx_struct_special_symmetry.PDB_ins_code    ? 
_pdbx_struct_special_symmetry.label_asym_id   C 
_pdbx_struct_special_symmetry.label_comp_id   HOH 
_pdbx_struct_special_symmetry.label_seq_id    . 
# 
loop_
_pdbx_struct_conn_angle.id 
_pdbx_struct_conn_angle.ptnr1_label_atom_id 
_pdbx_struct_conn_angle.ptnr1_label_alt_id 
_pdbx_struct_conn_angle.ptnr1_label_asym_id 
_pdbx_struct_conn_angle.ptnr1_label_comp_id 
_pdbx_struct_conn_angle.ptnr1_label_seq_id 
_pdbx_struct_conn_angle.ptnr1_auth_atom_id 
_pdbx_struct_conn_angle.ptnr1_auth_asym_id 
_pdbx_struct_conn_angle.ptnr1_auth_comp_id 
_pdbx_struct_conn_angle.ptnr1_auth_seq_id 
_pdbx_struct_conn_angle.ptnr1_PDB_ins_code 
_pdbx_struct_conn_angle.ptnr1_symmetry 
_pdbx_struct_conn_angle.ptnr2_label_atom_id 
_pdbx_struct_conn_angle.ptnr2_label_alt_id 
_pdbx_struct_conn_angle.ptnr2_label_asym_id 
_pdbx_struct_conn_angle.ptnr2_label_comp_id 
_pdbx_struct_conn_angle.ptnr2_label_seq_id 
_pdbx_struct_conn_angle.ptnr2_auth_atom_id 
_pdbx_struct_conn_angle.ptnr2_auth_asym_id 
_pdbx_struct_conn_angle.ptnr2_auth_comp_id 
_pdbx_struct_conn_angle.ptnr2_auth_seq_id 
_pdbx_struct_conn_angle.ptnr2_PDB_ins_code 
_pdbx_struct_conn_angle.ptnr2_symmetry 
_pdbx_struct_conn_angle.ptnr3_label_atom_id 
_pdbx_struct_conn_angle.ptnr3_label_alt_id 
_pdbx_struct_conn_angle.ptnr3_label_asym_id 
_pdbx_struct_conn_angle.ptnr3_label_comp_id 
_pdbx_struct_conn_angle.ptnr3_label_seq_id 
_pdbx_struct_conn_angle.ptnr3_auth_atom_id 
_pdbx_struct_conn_angle.ptnr3_auth_asym_id 
_pdbx_struct_conn_angle.ptnr3_auth_comp_id 
_pdbx_struct_conn_angle.ptnr3_auth_seq_id 
_pdbx_struct_conn_angle.ptnr3_PDB_ins_code 
_pdbx_struct_conn_angle.ptnr3_symmetry 
_pdbx_struct_conn_angle.value 
_pdbx_struct_conn_angle.value_esd 
1  NE2 ? A HIS 43 ? A HIS 42  ? 1_555 FE ? B HEM . ? A HEM 101 ? 1_555 NA  ? B HEM .  ? A HEM 101 ? 1_555 89.3  ? 
2  NE2 ? A HIS 43 ? A HIS 42  ? 1_555 FE ? B HEM . ? A HEM 101 ? 1_555 NB  ? B HEM .  ? A HEM 101 ? 1_555 85.5  ? 
3  NA  ? B HEM .  ? A HEM 101 ? 1_555 FE ? B HEM . ? A HEM 101 ? 1_555 NB  ? B HEM .  ? A HEM 101 ? 1_555 93.1  ? 
4  NE2 ? A HIS 43 ? A HIS 42  ? 1_555 FE ? B HEM . ? A HEM 101 ? 1_555 NC  ? B HEM .  ? A HEM 101 ? 1_555 87.8  ? 
5  NA  ? B HEM .  ? A HEM 101 ? 1_555 FE ? B HEM . ? A HEM 101 ? 1_555 NC  ? B HEM .  ? A HEM 101 ? 1_555 177.1 ? 
6  NB  ? B HEM .  ? A HEM 101 ? 1_555 FE ? B HEM . ? A HEM 101 ? 1_555 NC  ? B HEM .  ? A HEM 101 ? 1_555 86.5  ? 
7  NE2 ? A HIS 43 ? A HIS 42  ? 1_555 FE ? B HEM . ? A HEM 101 ? 1_555 ND  ? B HEM .  ? A HEM 101 ? 1_555 94.6  ? 
8  NA  ? B HEM .  ? A HEM 101 ? 1_555 FE ? B HEM . ? A HEM 101 ? 1_555 ND  ? B HEM .  ? A HEM 101 ? 1_555 90.0  ? 
9  NB  ? B HEM .  ? A HEM 101 ? 1_555 FE ? B HEM . ? A HEM 101 ? 1_555 ND  ? B HEM .  ? A HEM 101 ? 1_555 176.9 ? 
10 NC  ? B HEM .  ? A HEM 101 ? 1_555 FE ? B HEM . ? A HEM 101 ? 1_555 ND  ? B HEM .  ? A HEM 101 ? 1_555 90.4  ? 
11 NE2 ? A HIS 43 ? A HIS 42  ? 1_555 FE ? B HEM . ? A HEM 101 ? 1_555 NE2 ? A HIS 62 ? A HIS 61  ? 1_555 178.3 ? 
12 NA  ? B HEM .  ? A HEM 101 ? 1_555 FE ? B HEM . ? A HEM 101 ? 1_555 NE2 ? A HIS 62 ? A HIS 61  ? 1_555 91.9  ? 
13 NB  ? B HEM .  ? A HEM 101 ? 1_555 FE ? B HEM . ? A HEM 101 ? 1_555 NE2 ? A HIS 62 ? A HIS 61  ? 1_555 95.6  ? 
14 NC  ? B HEM .  ? A HEM 101 ? 1_555 FE ? B HEM . ? A HEM 101 ? 1_555 NE2 ? A HIS 62 ? A HIS 61  ? 1_555 91.0  ? 
15 ND  ? B HEM .  ? A HEM 101 ? 1_555 FE ? B HEM . ? A HEM 101 ? 1_555 NE2 ? A HIS 62 ? A HIS 61  ? 1_555 84.2  ? 
# 
loop_
_pdbx_audit_revision_history.ordinal 
_pdbx_audit_revision_history.data_content_type 
_pdbx_audit_revision_history.major_revision 
_pdbx_audit_revision_history.minor_revision 
_pdbx_audit_revision_history.revision_date 
1 'Structure model' 1 0 2020-03-11 
2 'Structure model' 1 1 2023-03-29 
3 'Structure model' 1 2 2023-10-25 
# 
_pdbx_audit_revision_details.ordinal             1 
_pdbx_audit_revision_details.revision_ordinal    1 
_pdbx_audit_revision_details.data_content_type   'Structure model' 
_pdbx_audit_revision_details.provider            repository 
_pdbx_audit_revision_details.type                'Initial release' 
_pdbx_audit_revision_details.description         ? 
_pdbx_audit_revision_details.details             ? 
# 
loop_
_pdbx_audit_revision_group.ordinal 
_pdbx_audit_revision_group.revision_ordinal 
_pdbx_audit_revision_group.data_content_type 
_pdbx_audit_revision_group.group 
1 2 'Structure model' 'Database references'    
2 2 'Structure model' 'Structure summary'      
3 3 'Structure model' 'Data collection'        
4 3 'Structure model' 'Refinement description' 
# 
loop_
_pdbx_audit_revision_category.ordinal 
_pdbx_audit_revision_category.revision_ordinal 
_pdbx_audit_revision_category.data_content_type 
_pdbx_audit_revision_category.category 
1 2 'Structure model' audit_author                  
2 2 'Structure model' citation_author               
3 2 'Structure model' database_2                    
4 3 'Structure model' chem_comp_atom                
5 3 'Structure model' chem_comp_bond                
6 3 'Structure model' pdbx_initial_refinement_model 
# 
loop_
_pdbx_audit_revision_item.ordinal 
_pdbx_audit_revision_item.revision_ordinal 
_pdbx_audit_revision_item.data_content_type 
_pdbx_audit_revision_item.item 
1 2 'Structure model' '_audit_author.identifier_ORCID'      
2 2 'Structure model' '_citation_author.identifier_ORCID'   
3 2 'Structure model' '_database_2.pdbx_DOI'                
4 2 'Structure model' '_database_2.pdbx_database_accession' 
# 
loop_
_software.citation_id 
_software.classification 
_software.compiler_name 
_software.compiler_version 
_software.contact_author 
_software.contact_author_email 
_software.date 
_software.description 
_software.dependencies 
_software.hardware 
_software.language 
_software.location 
_software.mods 
_software.name 
_software.os 
_software.os_version 
_software.type 
_software.version 
_software.pdbx_ordinal 
? refinement        ? ? ? ? ? ? ? ? ? ? ? PHENIX      ? ? ? 1.14_3260 1 
? 'data reduction'  ? ? ? ? ? ? ? ? ? ? ? HKL-2000    ? ? ? .         2 
? 'data scaling'    ? ? ? ? ? ? ? ? ? ? ? Aimless     ? ? ? .         3 
? 'data extraction' ? ? ? ? ? ? ? ? ? ? ? PDB_EXTRACT ? ? ? 3.25      4 
? phasing           ? ? ? ? ? ? ? ? ? ? ? PHASER      ? ? ? .         5 
# 
_pdbx_entry_details.entry_id                 6VZ6 
_pdbx_entry_details.has_ligand_of_interest   Y 
_pdbx_entry_details.compound_details         ? 
_pdbx_entry_details.source_details           ? 
_pdbx_entry_details.nonpolymer_details       ? 
_pdbx_entry_details.sequence_details         ? 
# 
loop_
_pdbx_validate_close_contact.id 
_pdbx_validate_close_contact.PDB_model_num 
_pdbx_validate_close_contact.auth_atom_id_1 
_pdbx_validate_close_contact.auth_asym_id_1 
_pdbx_validate_close_contact.auth_comp_id_1 
_pdbx_validate_close_contact.auth_seq_id_1 
_pdbx_validate_close_contact.PDB_ins_code_1 
_pdbx_validate_close_contact.label_alt_id_1 
_pdbx_validate_close_contact.auth_atom_id_2 
_pdbx_validate_close_contact.auth_asym_id_2 
_pdbx_validate_close_contact.auth_comp_id_2 
_pdbx_validate_close_contact.auth_seq_id_2 
_pdbx_validate_close_contact.PDB_ins_code_2 
_pdbx_validate_close_contact.label_alt_id_2 
_pdbx_validate_close_contact.dist 
1 1 O   A HOH 201 ? ? O   A HOH 246 ? ? 2.11 
2 1 NE2 A HIS 46  ? ? CAB A HEM 101 ? ? 2.15 
# 
_pdbx_validate_torsion.id              1 
_pdbx_validate_torsion.PDB_model_num   1 
_pdbx_validate_torsion.auth_comp_id    PRO 
_pdbx_validate_torsion.auth_asym_id    A 
_pdbx_validate_torsion.auth_seq_id     60 
_pdbx_validate_torsion.PDB_ins_code    ? 
_pdbx_validate_torsion.label_alt_id    ? 
_pdbx_validate_torsion.phi             -82.21 
_pdbx_validate_torsion.psi             31.89 
# 
_pdbx_unobs_or_zero_occ_residues.id               1 
_pdbx_unobs_or_zero_occ_residues.PDB_model_num    1 
_pdbx_unobs_or_zero_occ_residues.polymer_flag     Y 
_pdbx_unobs_or_zero_occ_residues.occupancy_flag   1 
_pdbx_unobs_or_zero_occ_residues.auth_asym_id     A 
_pdbx_unobs_or_zero_occ_residues.auth_comp_id     ALA 
_pdbx_unobs_or_zero_occ_residues.auth_seq_id      77 
_pdbx_unobs_or_zero_occ_residues.PDB_ins_code     ? 
_pdbx_unobs_or_zero_occ_residues.label_asym_id    A 
_pdbx_unobs_or_zero_occ_residues.label_comp_id    ALA 
_pdbx_unobs_or_zero_occ_residues.label_seq_id     78 
# 
loop_
_chem_comp_atom.comp_id 
_chem_comp_atom.atom_id 
_chem_comp_atom.type_symbol 
_chem_comp_atom.pdbx_aromatic_flag 
_chem_comp_atom.pdbx_stereo_config 
_chem_comp_atom.pdbx_ordinal 
ALA N    N  N N 1   
ALA CA   C  N S 2   
ALA C    C  N N 3   
ALA O    O  N N 4   
ALA CB   C  N N 5   
ALA OXT  O  N N 6   
ALA H    H  N N 7   
ALA H2   H  N N 8   
ALA HA   H  N N 9   
ALA HB1  H  N N 10  
ALA HB2  H  N N 11  
ALA HB3  H  N N 12  
ALA HXT  H  N N 13  
ASN N    N  N N 14  
ASN CA   C  N S 15  
ASN C    C  N N 16  
ASN O    O  N N 17  
ASN CB   C  N N 18  
ASN CG   C  N N 19  
ASN OD1  O  N N 20  
ASN ND2  N  N N 21  
ASN OXT  O  N N 22  
ASN H    H  N N 23  
ASN H2   H  N N 24  
ASN HA   H  N N 25  
ASN HB2  H  N N 26  
ASN HB3  H  N N 27  
ASN HD21 H  N N 28  
ASN HD22 H  N N 29  
ASN HXT  H  N N 30  
ASP N    N  N N 31  
ASP CA   C  N S 32  
ASP C    C  N N 33  
ASP O    O  N N 34  
ASP CB   C  N N 35  
ASP CG   C  N N 36  
ASP OD1  O  N N 37  
ASP OD2  O  N N 38  
ASP OXT  O  N N 39  
ASP H    H  N N 40  
ASP H2   H  N N 41  
ASP HA   H  N N 42  
ASP HB2  H  N N 43  
ASP HB3  H  N N 44  
ASP HD2  H  N N 45  
ASP HXT  H  N N 46  
CYS N    N  N N 47  
CYS CA   C  N R 48  
CYS C    C  N N 49  
CYS O    O  N N 50  
CYS CB   C  N N 51  
CYS SG   S  N N 52  
CYS OXT  O  N N 53  
CYS H    H  N N 54  
CYS H2   H  N N 55  
CYS HA   H  N N 56  
CYS HB2  H  N N 57  
CYS HB3  H  N N 58  
CYS HG   H  N N 59  
CYS HXT  H  N N 60  
GLN N    N  N N 61  
GLN CA   C  N S 62  
GLN C    C  N N 63  
GLN O    O  N N 64  
GLN CB   C  N N 65  
GLN CG   C  N N 66  
GLN CD   C  N N 67  
GLN OE1  O  N N 68  
GLN NE2  N  N N 69  
GLN OXT  O  N N 70  
GLN H    H  N N 71  
GLN H2   H  N N 72  
GLN HA   H  N N 73  
GLN HB2  H  N N 74  
GLN HB3  H  N N 75  
GLN HG2  H  N N 76  
GLN HG3  H  N N 77  
GLN HE21 H  N N 78  
GLN HE22 H  N N 79  
GLN HXT  H  N N 80  
GLU N    N  N N 81  
GLU CA   C  N S 82  
GLU C    C  N N 83  
GLU O    O  N N 84  
GLU CB   C  N N 85  
GLU CG   C  N N 86  
GLU CD   C  N N 87  
GLU OE1  O  N N 88  
GLU OE2  O  N N 89  
GLU OXT  O  N N 90  
GLU H    H  N N 91  
GLU H2   H  N N 92  
GLU HA   H  N N 93  
GLU HB2  H  N N 94  
GLU HB3  H  N N 95  
GLU HG2  H  N N 96  
GLU HG3  H  N N 97  
GLU HE2  H  N N 98  
GLU HXT  H  N N 99  
GLY N    N  N N 100 
GLY CA   C  N N 101 
GLY C    C  N N 102 
GLY O    O  N N 103 
GLY OXT  O  N N 104 
GLY H    H  N N 105 
GLY H2   H  N N 106 
GLY HA2  H  N N 107 
GLY HA3  H  N N 108 
GLY HXT  H  N N 109 
HEM CHA  C  N N 110 
HEM CHB  C  N N 111 
HEM CHC  C  N N 112 
HEM CHD  C  N N 113 
HEM C1A  C  Y N 114 
HEM C2A  C  Y N 115 
HEM C3A  C  Y N 116 
HEM C4A  C  Y N 117 
HEM CMA  C  N N 118 
HEM CAA  C  N N 119 
HEM CBA  C  N N 120 
HEM CGA  C  N N 121 
HEM O1A  O  N N 122 
HEM O2A  O  N N 123 
HEM C1B  C  N N 124 
HEM C2B  C  N N 125 
HEM C3B  C  N N 126 
HEM C4B  C  N N 127 
HEM CMB  C  N N 128 
HEM CAB  C  N N 129 
HEM CBB  C  N N 130 
HEM C1C  C  Y N 131 
HEM C2C  C  Y N 132 
HEM C3C  C  Y N 133 
HEM C4C  C  Y N 134 
HEM CMC  C  N N 135 
HEM CAC  C  N N 136 
HEM CBC  C  N N 137 
HEM C1D  C  N N 138 
HEM C2D  C  N N 139 
HEM C3D  C  N N 140 
HEM C4D  C  N N 141 
HEM CMD  C  N N 142 
HEM CAD  C  N N 143 
HEM CBD  C  N N 144 
HEM CGD  C  N N 145 
HEM O1D  O  N N 146 
HEM O2D  O  N N 147 
HEM NA   N  Y N 148 
HEM NB   N  N N 149 
HEM NC   N  Y N 150 
HEM ND   N  N N 151 
HEM FE   FE N N 152 
HEM HHB  H  N N 153 
HEM HHC  H  N N 154 
HEM HHD  H  N N 155 
HEM HMA  H  N N 156 
HEM HMAA H  N N 157 
HEM HMAB H  N N 158 
HEM HAA  H  N N 159 
HEM HAAA H  N N 160 
HEM HBA  H  N N 161 
HEM HBAA H  N N 162 
HEM HMB  H  N N 163 
HEM HMBA H  N N 164 
HEM HMBB H  N N 165 
HEM HAB  H  N N 166 
HEM HBB  H  N N 167 
HEM HBBA H  N N 168 
HEM HMC  H  N N 169 
HEM HMCA H  N N 170 
HEM HMCB H  N N 171 
HEM HAC  H  N N 172 
HEM HBC  H  N N 173 
HEM HBCA H  N N 174 
HEM HMD  H  N N 175 
HEM HMDA H  N N 176 
HEM HMDB H  N N 177 
HEM HAD  H  N N 178 
HEM HADA H  N N 179 
HEM HBD  H  N N 180 
HEM HBDA H  N N 181 
HEM H2A  H  N N 182 
HEM H2D  H  N N 183 
HEM HHA  H  N N 184 
HIS N    N  N N 185 
HIS CA   C  N S 186 
HIS C    C  N N 187 
HIS O    O  N N 188 
HIS CB   C  N N 189 
HIS CG   C  Y N 190 
HIS ND1  N  Y N 191 
HIS CD2  C  Y N 192 
HIS CE1  C  Y N 193 
HIS NE2  N  Y N 194 
HIS OXT  O  N N 195 
HIS H    H  N N 196 
HIS H2   H  N N 197 
HIS HA   H  N N 198 
HIS HB2  H  N N 199 
HIS HB3  H  N N 200 
HIS HD1  H  N N 201 
HIS HD2  H  N N 202 
HIS HE1  H  N N 203 
HIS HE2  H  N N 204 
HIS HXT  H  N N 205 
HOH O    O  N N 206 
HOH H1   H  N N 207 
HOH H2   H  N N 208 
ILE N    N  N N 209 
ILE CA   C  N S 210 
ILE C    C  N N 211 
ILE O    O  N N 212 
ILE CB   C  N S 213 
ILE CG1  C  N N 214 
ILE CG2  C  N N 215 
ILE CD1  C  N N 216 
ILE OXT  O  N N 217 
ILE H    H  N N 218 
ILE H2   H  N N 219 
ILE HA   H  N N 220 
ILE HB   H  N N 221 
ILE HG12 H  N N 222 
ILE HG13 H  N N 223 
ILE HG21 H  N N 224 
ILE HG22 H  N N 225 
ILE HG23 H  N N 226 
ILE HD11 H  N N 227 
ILE HD12 H  N N 228 
ILE HD13 H  N N 229 
ILE HXT  H  N N 230 
LEU N    N  N N 231 
LEU CA   C  N S 232 
LEU C    C  N N 233 
LEU O    O  N N 234 
LEU CB   C  N N 235 
LEU CG   C  N N 236 
LEU CD1  C  N N 237 
LEU CD2  C  N N 238 
LEU OXT  O  N N 239 
LEU H    H  N N 240 
LEU H2   H  N N 241 
LEU HA   H  N N 242 
LEU HB2  H  N N 243 
LEU HB3  H  N N 244 
LEU HG   H  N N 245 
LEU HD11 H  N N 246 
LEU HD12 H  N N 247 
LEU HD13 H  N N 248 
LEU HD21 H  N N 249 
LEU HD22 H  N N 250 
LEU HD23 H  N N 251 
LEU HXT  H  N N 252 
LYS N    N  N N 253 
LYS CA   C  N S 254 
LYS C    C  N N 255 
LYS O    O  N N 256 
LYS CB   C  N N 257 
LYS CG   C  N N 258 
LYS CD   C  N N 259 
LYS CE   C  N N 260 
LYS NZ   N  N N 261 
LYS OXT  O  N N 262 
LYS H    H  N N 263 
LYS H2   H  N N 264 
LYS HA   H  N N 265 
LYS HB2  H  N N 266 
LYS HB3  H  N N 267 
LYS HG2  H  N N 268 
LYS HG3  H  N N 269 
LYS HD2  H  N N 270 
LYS HD3  H  N N 271 
LYS HE2  H  N N 272 
LYS HE3  H  N N 273 
LYS HZ1  H  N N 274 
LYS HZ2  H  N N 275 
LYS HZ3  H  N N 276 
LYS HXT  H  N N 277 
MET N    N  N N 278 
MET CA   C  N S 279 
MET C    C  N N 280 
MET O    O  N N 281 
MET CB   C  N N 282 
MET CG   C  N N 283 
MET SD   S  N N 284 
MET CE   C  N N 285 
MET OXT  O  N N 286 
MET H    H  N N 287 
MET H2   H  N N 288 
MET HA   H  N N 289 
MET HB2  H  N N 290 
MET HB3  H  N N 291 
MET HG2  H  N N 292 
MET HG3  H  N N 293 
MET HE1  H  N N 294 
MET HE2  H  N N 295 
MET HE3  H  N N 296 
MET HXT  H  N N 297 
PHE N    N  N N 298 
PHE CA   C  N S 299 
PHE C    C  N N 300 
PHE O    O  N N 301 
PHE CB   C  N N 302 
PHE CG   C  Y N 303 
PHE CD1  C  Y N 304 
PHE CD2  C  Y N 305 
PHE CE1  C  Y N 306 
PHE CE2  C  Y N 307 
PHE CZ   C  Y N 308 
PHE OXT  O  N N 309 
PHE H    H  N N 310 
PHE H2   H  N N 311 
PHE HA   H  N N 312 
PHE HB2  H  N N 313 
PHE HB3  H  N N 314 
PHE HD1  H  N N 315 
PHE HD2  H  N N 316 
PHE HE1  H  N N 317 
PHE HE2  H  N N 318 
PHE HZ   H  N N 319 
PHE HXT  H  N N 320 
PRO N    N  N N 321 
PRO CA   C  N S 322 
PRO C    C  N N 323 
PRO O    O  N N 324 
PRO CB   C  N N 325 
PRO CG   C  N N 326 
PRO CD   C  N N 327 
PRO OXT  O  N N 328 
PRO H    H  N N 329 
PRO HA   H  N N 330 
PRO HB2  H  N N 331 
PRO HB3  H  N N 332 
PRO HG2  H  N N 333 
PRO HG3  H  N N 334 
PRO HD2  H  N N 335 
PRO HD3  H  N N 336 
PRO HXT  H  N N 337 
SER N    N  N N 338 
SER CA   C  N S 339 
SER C    C  N N 340 
SER O    O  N N 341 
SER CB   C  N N 342 
SER OG   O  N N 343 
SER OXT  O  N N 344 
SER H    H  N N 345 
SER H2   H  N N 346 
SER HA   H  N N 347 
SER HB2  H  N N 348 
SER HB3  H  N N 349 
SER HG   H  N N 350 
SER HXT  H  N N 351 
THR N    N  N N 352 
THR CA   C  N S 353 
THR C    C  N N 354 
THR O    O  N N 355 
THR CB   C  N R 356 
THR OG1  O  N N 357 
THR CG2  C  N N 358 
THR OXT  O  N N 359 
THR H    H  N N 360 
THR H2   H  N N 361 
THR HA   H  N N 362 
THR HB   H  N N 363 
THR HG1  H  N N 364 
THR HG21 H  N N 365 
THR HG22 H  N N 366 
THR HG23 H  N N 367 
THR HXT  H  N N 368 
TRP N    N  N N 369 
TRP CA   C  N S 370 
TRP C    C  N N 371 
TRP O    O  N N 372 
TRP CB   C  N N 373 
TRP CG   C  Y N 374 
TRP CD1  C  Y N 375 
TRP CD2  C  Y N 376 
TRP NE1  N  Y N 377 
TRP CE2  C  Y N 378 
TRP CE3  C  Y N 379 
TRP CZ2  C  Y N 380 
TRP CZ3  C  Y N 381 
TRP CH2  C  Y N 382 
TRP OXT  O  N N 383 
TRP H    H  N N 384 
TRP H2   H  N N 385 
TRP HA   H  N N 386 
TRP HB2  H  N N 387 
TRP HB3  H  N N 388 
TRP HD1  H  N N 389 
TRP HE1  H  N N 390 
TRP HE3  H  N N 391 
TRP HZ2  H  N N 392 
TRP HZ3  H  N N 393 
TRP HH2  H  N N 394 
TRP HXT  H  N N 395 
TYR N    N  N N 396 
TYR CA   C  N S 397 
TYR C    C  N N 398 
TYR O    O  N N 399 
TYR CB   C  N N 400 
TYR CG   C  Y N 401 
TYR CD1  C  Y N 402 
TYR CD2  C  Y N 403 
TYR CE1  C  Y N 404 
TYR CE2  C  Y N 405 
TYR CZ   C  Y N 406 
TYR OH   O  N N 407 
TYR OXT  O  N N 408 
TYR H    H  N N 409 
TYR H2   H  N N 410 
TYR HA   H  N N 411 
TYR HB2  H  N N 412 
TYR HB3  H  N N 413 
TYR HD1  H  N N 414 
TYR HD2  H  N N 415 
TYR HE1  H  N N 416 
TYR HE2  H  N N 417 
TYR HH   H  N N 418 
TYR HXT  H  N N 419 
VAL N    N  N N 420 
VAL CA   C  N S 421 
VAL C    C  N N 422 
VAL O    O  N N 423 
VAL CB   C  N N 424 
VAL CG1  C  N N 425 
VAL CG2  C  N N 426 
VAL OXT  O  N N 427 
VAL H    H  N N 428 
VAL H2   H  N N 429 
VAL HA   H  N N 430 
VAL HB   H  N N 431 
VAL HG11 H  N N 432 
VAL HG12 H  N N 433 
VAL HG13 H  N N 434 
VAL HG21 H  N N 435 
VAL HG22 H  N N 436 
VAL HG23 H  N N 437 
VAL HXT  H  N N 438 
# 
loop_
_chem_comp_bond.comp_id 
_chem_comp_bond.atom_id_1 
_chem_comp_bond.atom_id_2 
_chem_comp_bond.value_order 
_chem_comp_bond.pdbx_aromatic_flag 
_chem_comp_bond.pdbx_stereo_config 
_chem_comp_bond.pdbx_ordinal 
ALA N   CA   sing N N 1   
ALA N   H    sing N N 2   
ALA N   H2   sing N N 3   
ALA CA  C    sing N N 4   
ALA CA  CB   sing N N 5   
ALA CA  HA   sing N N 6   
ALA C   O    doub N N 7   
ALA C   OXT  sing N N 8   
ALA CB  HB1  sing N N 9   
ALA CB  HB2  sing N N 10  
ALA CB  HB3  sing N N 11  
ALA OXT HXT  sing N N 12  
ASN N   CA   sing N N 13  
ASN N   H    sing N N 14  
ASN N   H2   sing N N 15  
ASN CA  C    sing N N 16  
ASN CA  CB   sing N N 17  
ASN CA  HA   sing N N 18  
ASN C   O    doub N N 19  
ASN C   OXT  sing N N 20  
ASN CB  CG   sing N N 21  
ASN CB  HB2  sing N N 22  
ASN CB  HB3  sing N N 23  
ASN CG  OD1  doub N N 24  
ASN CG  ND2  sing N N 25  
ASN ND2 HD21 sing N N 26  
ASN ND2 HD22 sing N N 27  
ASN OXT HXT  sing N N 28  
ASP N   CA   sing N N 29  
ASP N   H    sing N N 30  
ASP N   H2   sing N N 31  
ASP CA  C    sing N N 32  
ASP CA  CB   sing N N 33  
ASP CA  HA   sing N N 34  
ASP C   O    doub N N 35  
ASP C   OXT  sing N N 36  
ASP CB  CG   sing N N 37  
ASP CB  HB2  sing N N 38  
ASP CB  HB3  sing N N 39  
ASP CG  OD1  doub N N 40  
ASP CG  OD2  sing N N 41  
ASP OD2 HD2  sing N N 42  
ASP OXT HXT  sing N N 43  
CYS N   CA   sing N N 44  
CYS N   H    sing N N 45  
CYS N   H2   sing N N 46  
CYS CA  C    sing N N 47  
CYS CA  CB   sing N N 48  
CYS CA  HA   sing N N 49  
CYS C   O    doub N N 50  
CYS C   OXT  sing N N 51  
CYS CB  SG   sing N N 52  
CYS CB  HB2  sing N N 53  
CYS CB  HB3  sing N N 54  
CYS SG  HG   sing N N 55  
CYS OXT HXT  sing N N 56  
GLN N   CA   sing N N 57  
GLN N   H    sing N N 58  
GLN N   H2   sing N N 59  
GLN CA  C    sing N N 60  
GLN CA  CB   sing N N 61  
GLN CA  HA   sing N N 62  
GLN C   O    doub N N 63  
GLN C   OXT  sing N N 64  
GLN CB  CG   sing N N 65  
GLN CB  HB2  sing N N 66  
GLN CB  HB3  sing N N 67  
GLN CG  CD   sing N N 68  
GLN CG  HG2  sing N N 69  
GLN CG  HG3  sing N N 70  
GLN CD  OE1  doub N N 71  
GLN CD  NE2  sing N N 72  
GLN NE2 HE21 sing N N 73  
GLN NE2 HE22 sing N N 74  
GLN OXT HXT  sing N N 75  
GLU N   CA   sing N N 76  
GLU N   H    sing N N 77  
GLU N   H2   sing N N 78  
GLU CA  C    sing N N 79  
GLU CA  CB   sing N N 80  
GLU CA  HA   sing N N 81  
GLU C   O    doub N N 82  
GLU C   OXT  sing N N 83  
GLU CB  CG   sing N N 84  
GLU CB  HB2  sing N N 85  
GLU CB  HB3  sing N N 86  
GLU CG  CD   sing N N 87  
GLU CG  HG2  sing N N 88  
GLU CG  HG3  sing N N 89  
GLU CD  OE1  doub N N 90  
GLU CD  OE2  sing N N 91  
GLU OE2 HE2  sing N N 92  
GLU OXT HXT  sing N N 93  
GLY N   CA   sing N N 94  
GLY N   H    sing N N 95  
GLY N   H2   sing N N 96  
GLY CA  C    sing N N 97  
GLY CA  HA2  sing N N 98  
GLY CA  HA3  sing N N 99  
GLY C   O    doub N N 100 
GLY C   OXT  sing N N 101 
GLY OXT HXT  sing N N 102 
HEM CHA C1A  sing N N 103 
HEM CHA C4D  doub N N 104 
HEM CHA HHA  sing N N 105 
HEM CHB C4A  sing N N 106 
HEM CHB C1B  doub N N 107 
HEM CHB HHB  sing N N 108 
HEM CHC C4B  sing N N 109 
HEM CHC C1C  doub N N 110 
HEM CHC HHC  sing N N 111 
HEM CHD C4C  doub N N 112 
HEM CHD C1D  sing N N 113 
HEM CHD HHD  sing N N 114 
HEM C1A C2A  doub Y N 115 
HEM C1A NA   sing Y N 116 
HEM C2A C3A  sing Y N 117 
HEM C2A CAA  sing N N 118 
HEM C3A C4A  doub Y N 119 
HEM C3A CMA  sing N N 120 
HEM C4A NA   sing Y N 121 
HEM CMA HMA  sing N N 122 
HEM CMA HMAA sing N N 123 
HEM CMA HMAB sing N N 124 
HEM CAA CBA  sing N N 125 
HEM CAA HAA  sing N N 126 
HEM CAA HAAA sing N N 127 
HEM CBA CGA  sing N N 128 
HEM CBA HBA  sing N N 129 
HEM CBA HBAA sing N N 130 
HEM CGA O1A  doub N N 131 
HEM CGA O2A  sing N N 132 
HEM C1B C2B  sing N N 133 
HEM C1B NB   sing N N 134 
HEM C2B C3B  doub N N 135 
HEM C2B CMB  sing N N 136 
HEM C3B C4B  sing N N 137 
HEM C3B CAB  sing N N 138 
HEM C4B NB   doub N N 139 
HEM CMB HMB  sing N N 140 
HEM CMB HMBA sing N N 141 
HEM CMB HMBB sing N N 142 
HEM CAB CBB  doub N N 143 
HEM CAB HAB  sing N N 144 
HEM CBB HBB  sing N N 145 
HEM CBB HBBA sing N N 146 
HEM C1C C2C  sing Y N 147 
HEM C1C NC   sing Y N 148 
HEM C2C C3C  doub Y N 149 
HEM C2C CMC  sing N N 150 
HEM C3C C4C  sing Y N 151 
HEM C3C CAC  sing N N 152 
HEM C4C NC   sing Y N 153 
HEM CMC HMC  sing N N 154 
HEM CMC HMCA sing N N 155 
HEM CMC HMCB sing N N 156 
HEM CAC CBC  doub N N 157 
HEM CAC HAC  sing N N 158 
HEM CBC HBC  sing N N 159 
HEM CBC HBCA sing N N 160 
HEM C1D C2D  sing N N 161 
HEM C1D ND   doub N N 162 
HEM C2D C3D  doub N N 163 
HEM C2D CMD  sing N N 164 
HEM C3D C4D  sing N N 165 
HEM C3D CAD  sing N N 166 
HEM C4D ND   sing N N 167 
HEM CMD HMD  sing N N 168 
HEM CMD HMDA sing N N 169 
HEM CMD HMDB sing N N 170 
HEM CAD CBD  sing N N 171 
HEM CAD HAD  sing N N 172 
HEM CAD HADA sing N N 173 
HEM CBD CGD  sing N N 174 
HEM CBD HBD  sing N N 175 
HEM CBD HBDA sing N N 176 
HEM CGD O1D  doub N N 177 
HEM CGD O2D  sing N N 178 
HEM O2A H2A  sing N N 179 
HEM O2D H2D  sing N N 180 
HEM FE  NA   sing N N 181 
HEM FE  NB   sing N N 182 
HEM FE  NC   sing N N 183 
HEM FE  ND   sing N N 184 
HIS N   CA   sing N N 185 
HIS N   H    sing N N 186 
HIS N   H2   sing N N 187 
HIS CA  C    sing N N 188 
HIS CA  CB   sing N N 189 
HIS CA  HA   sing N N 190 
HIS C   O    doub N N 191 
HIS C   OXT  sing N N 192 
HIS CB  CG   sing N N 193 
HIS CB  HB2  sing N N 194 
HIS CB  HB3  sing N N 195 
HIS CG  ND1  sing Y N 196 
HIS CG  CD2  doub Y N 197 
HIS ND1 CE1  doub Y N 198 
HIS ND1 HD1  sing N N 199 
HIS CD2 NE2  sing Y N 200 
HIS CD2 HD2  sing N N 201 
HIS CE1 NE2  sing Y N 202 
HIS CE1 HE1  sing N N 203 
HIS NE2 HE2  sing N N 204 
HIS OXT HXT  sing N N 205 
HOH O   H1   sing N N 206 
HOH O   H2   sing N N 207 
ILE N   CA   sing N N 208 
ILE N   H    sing N N 209 
ILE N   H2   sing N N 210 
ILE CA  C    sing N N 211 
ILE CA  CB   sing N N 212 
ILE CA  HA   sing N N 213 
ILE C   O    doub N N 214 
ILE C   OXT  sing N N 215 
ILE CB  CG1  sing N N 216 
ILE CB  CG2  sing N N 217 
ILE CB  HB   sing N N 218 
ILE CG1 CD1  sing N N 219 
ILE CG1 HG12 sing N N 220 
ILE CG1 HG13 sing N N 221 
ILE CG2 HG21 sing N N 222 
ILE CG2 HG22 sing N N 223 
ILE CG2 HG23 sing N N 224 
ILE CD1 HD11 sing N N 225 
ILE CD1 HD12 sing N N 226 
ILE CD1 HD13 sing N N 227 
ILE OXT HXT  sing N N 228 
LEU N   CA   sing N N 229 
LEU N   H    sing N N 230 
LEU N   H2   sing N N 231 
LEU CA  C    sing N N 232 
LEU CA  CB   sing N N 233 
LEU CA  HA   sing N N 234 
LEU C   O    doub N N 235 
LEU C   OXT  sing N N 236 
LEU CB  CG   sing N N 237 
LEU CB  HB2  sing N N 238 
LEU CB  HB3  sing N N 239 
LEU CG  CD1  sing N N 240 
LEU CG  CD2  sing N N 241 
LEU CG  HG   sing N N 242 
LEU CD1 HD11 sing N N 243 
LEU CD1 HD12 sing N N 244 
LEU CD1 HD13 sing N N 245 
LEU CD2 HD21 sing N N 246 
LEU CD2 HD22 sing N N 247 
LEU CD2 HD23 sing N N 248 
LEU OXT HXT  sing N N 249 
LYS N   CA   sing N N 250 
LYS N   H    sing N N 251 
LYS N   H2   sing N N 252 
LYS CA  C    sing N N 253 
LYS CA  CB   sing N N 254 
LYS CA  HA   sing N N 255 
LYS C   O    doub N N 256 
LYS C   OXT  sing N N 257 
LYS CB  CG   sing N N 258 
LYS CB  HB2  sing N N 259 
LYS CB  HB3  sing N N 260 
LYS CG  CD   sing N N 261 
LYS CG  HG2  sing N N 262 
LYS CG  HG3  sing N N 263 
LYS CD  CE   sing N N 264 
LYS CD  HD2  sing N N 265 
LYS CD  HD3  sing N N 266 
LYS CE  NZ   sing N N 267 
LYS CE  HE2  sing N N 268 
LYS CE  HE3  sing N N 269 
LYS NZ  HZ1  sing N N 270 
LYS NZ  HZ2  sing N N 271 
LYS NZ  HZ3  sing N N 272 
LYS OXT HXT  sing N N 273 
MET N   CA   sing N N 274 
MET N   H    sing N N 275 
MET N   H2   sing N N 276 
MET CA  C    sing N N 277 
MET CA  CB   sing N N 278 
MET CA  HA   sing N N 279 
MET C   O    doub N N 280 
MET C   OXT  sing N N 281 
MET CB  CG   sing N N 282 
MET CB  HB2  sing N N 283 
MET CB  HB3  sing N N 284 
MET CG  SD   sing N N 285 
MET CG  HG2  sing N N 286 
MET CG  HG3  sing N N 287 
MET SD  CE   sing N N 288 
MET CE  HE1  sing N N 289 
MET CE  HE2  sing N N 290 
MET CE  HE3  sing N N 291 
MET OXT HXT  sing N N 292 
PHE N   CA   sing N N 293 
PHE N   H    sing N N 294 
PHE N   H2   sing N N 295 
PHE CA  C    sing N N 296 
PHE CA  CB   sing N N 297 
PHE CA  HA   sing N N 298 
PHE C   O    doub N N 299 
PHE C   OXT  sing N N 300 
PHE CB  CG   sing N N 301 
PHE CB  HB2  sing N N 302 
PHE CB  HB3  sing N N 303 
PHE CG  CD1  doub Y N 304 
PHE CG  CD2  sing Y N 305 
PHE CD1 CE1  sing Y N 306 
PHE CD1 HD1  sing N N 307 
PHE CD2 CE2  doub Y N 308 
PHE CD2 HD2  sing N N 309 
PHE CE1 CZ   doub Y N 310 
PHE CE1 HE1  sing N N 311 
PHE CE2 CZ   sing Y N 312 
PHE CE2 HE2  sing N N 313 
PHE CZ  HZ   sing N N 314 
PHE OXT HXT  sing N N 315 
PRO N   CA   sing N N 316 
PRO N   CD   sing N N 317 
PRO N   H    sing N N 318 
PRO CA  C    sing N N 319 
PRO CA  CB   sing N N 320 
PRO CA  HA   sing N N 321 
PRO C   O    doub N N 322 
PRO C   OXT  sing N N 323 
PRO CB  CG   sing N N 324 
PRO CB  HB2  sing N N 325 
PRO CB  HB3  sing N N 326 
PRO CG  CD   sing N N 327 
PRO CG  HG2  sing N N 328 
PRO CG  HG3  sing N N 329 
PRO CD  HD2  sing N N 330 
PRO CD  HD3  sing N N 331 
PRO OXT HXT  sing N N 332 
SER N   CA   sing N N 333 
SER N   H    sing N N 334 
SER N   H2   sing N N 335 
SER CA  C    sing N N 336 
SER CA  CB   sing N N 337 
SER CA  HA   sing N N 338 
SER C   O    doub N N 339 
SER C   OXT  sing N N 340 
SER CB  OG   sing N N 341 
SER CB  HB2  sing N N 342 
SER CB  HB3  sing N N 343 
SER OG  HG   sing N N 344 
SER OXT HXT  sing N N 345 
THR N   CA   sing N N 346 
THR N   H    sing N N 347 
THR N   H2   sing N N 348 
THR CA  C    sing N N 349 
THR CA  CB   sing N N 350 
THR CA  HA   sing N N 351 
THR C   O    doub N N 352 
THR C   OXT  sing N N 353 
THR CB  OG1  sing N N 354 
THR CB  CG2  sing N N 355 
THR CB  HB   sing N N 356 
THR OG1 HG1  sing N N 357 
THR CG2 HG21 sing N N 358 
THR CG2 HG22 sing N N 359 
THR CG2 HG23 sing N N 360 
THR OXT HXT  sing N N 361 
TRP N   CA   sing N N 362 
TRP N   H    sing N N 363 
TRP N   H2   sing N N 364 
TRP CA  C    sing N N 365 
TRP CA  CB   sing N N 366 
TRP CA  HA   sing N N 367 
TRP C   O    doub N N 368 
TRP C   OXT  sing N N 369 
TRP CB  CG   sing N N 370 
TRP CB  HB2  sing N N 371 
TRP CB  HB3  sing N N 372 
TRP CG  CD1  doub Y N 373 
TRP CG  CD2  sing Y N 374 
TRP CD1 NE1  sing Y N 375 
TRP CD1 HD1  sing N N 376 
TRP CD2 CE2  doub Y N 377 
TRP CD2 CE3  sing Y N 378 
TRP NE1 CE2  sing Y N 379 
TRP NE1 HE1  sing N N 380 
TRP CE2 CZ2  sing Y N 381 
TRP CE3 CZ3  doub Y N 382 
TRP CE3 HE3  sing N N 383 
TRP CZ2 CH2  doub Y N 384 
TRP CZ2 HZ2  sing N N 385 
TRP CZ3 CH2  sing Y N 386 
TRP CZ3 HZ3  sing N N 387 
TRP CH2 HH2  sing N N 388 
TRP OXT HXT  sing N N 389 
TYR N   CA   sing N N 390 
TYR N   H    sing N N 391 
TYR N   H2   sing N N 392 
TYR CA  C    sing N N 393 
TYR CA  CB   sing N N 394 
TYR CA  HA   sing N N 395 
TYR C   O    doub N N 396 
TYR C   OXT  sing N N 397 
TYR CB  CG   sing N N 398 
TYR CB  HB2  sing N N 399 
TYR CB  HB3  sing N N 400 
TYR CG  CD1  doub Y N 401 
TYR CG  CD2  sing Y N 402 
TYR CD1 CE1  sing Y N 403 
TYR CD1 HD1  sing N N 404 
TYR CD2 CE2  doub Y N 405 
TYR CD2 HD2  sing N N 406 
TYR CE1 CZ   doub Y N 407 
TYR CE1 HE1  sing N N 408 
TYR CE2 CZ   sing Y N 409 
TYR CE2 HE2  sing N N 410 
TYR CZ  OH   sing N N 411 
TYR OH  HH   sing N N 412 
TYR OXT HXT  sing N N 413 
VAL N   CA   sing N N 414 
VAL N   H    sing N N 415 
VAL N   H2   sing N N 416 
VAL CA  C    sing N N 417 
VAL CA  CB   sing N N 418 
VAL CA  HA   sing N N 419 
VAL C   O    doub N N 420 
VAL C   OXT  sing N N 421 
VAL CB  CG1  sing N N 422 
VAL CB  CG2  sing N N 423 
VAL CB  HB   sing N N 424 
VAL CG1 HG11 sing N N 425 
VAL CG1 HG12 sing N N 426 
VAL CG1 HG13 sing N N 427 
VAL CG2 HG21 sing N N 428 
VAL CG2 HG22 sing N N 429 
VAL CG2 HG23 sing N N 430 
VAL OXT HXT  sing N N 431 
# 
_pdbx_entity_instance_feature.ordinal        1 
_pdbx_entity_instance_feature.comp_id        HEM 
_pdbx_entity_instance_feature.asym_id        ? 
_pdbx_entity_instance_feature.seq_num        ? 
_pdbx_entity_instance_feature.auth_comp_id   HEM 
_pdbx_entity_instance_feature.auth_asym_id   ? 
_pdbx_entity_instance_feature.auth_seq_num   ? 
_pdbx_entity_instance_feature.feature_type   'SUBJECT OF INVESTIGATION' 
_pdbx_entity_instance_feature.details        ? 
# 
loop_
_pdbx_entity_nonpoly.entity_id 
_pdbx_entity_nonpoly.name 
_pdbx_entity_nonpoly.comp_id 
2 'PROTOPORPHYRIN IX CONTAINING FE' HEM 
3 water                             HOH 
# 
_pdbx_initial_refinement_model.id               1 
_pdbx_initial_refinement_model.entity_id_list   ? 
_pdbx_initial_refinement_model.type             'experimental model' 
_pdbx_initial_refinement_model.source_name      PDB 
_pdbx_initial_refinement_model.accession_code   6NZX 
_pdbx_initial_refinement_model.details          ? 
# 
_pdbx_struct_assembly_auth_evidence.id                     1 
_pdbx_struct_assembly_auth_evidence.assembly_id            1 
_pdbx_struct_assembly_auth_evidence.experimental_support   none 
_pdbx_struct_assembly_auth_evidence.details                ? 
# 
